data_7P08
#
_entry.id   7P08
#
_entity_poly.entity_id   1
_entity_poly.type   'polypeptide(L)'
_entity_poly.pdbx_seq_one_letter_code
;GGSPVSIKVQVPNMQDKTEWKLNGQVLVFTLPLTDQVSVIKVKIHEATGMPAGKQKLQYEGIFIKDSNSLAYYNMANGAV
IHLALKERGGRKK
;
_entity_poly.pdbx_strand_id   A
#
# COMPACT_ATOMS: atom_id res chain seq x y z
N GLY A 1 -6.95 -9.19 20.16
CA GLY A 1 -6.58 -9.38 18.75
C GLY A 1 -5.43 -8.45 18.34
N GLY A 2 -5.29 -8.20 17.04
CA GLY A 2 -4.23 -7.33 16.52
C GLY A 2 -4.45 -5.87 16.93
N SER A 3 -3.39 -5.22 17.40
CA SER A 3 -3.42 -3.84 17.85
C SER A 3 -3.05 -2.91 16.70
N PRO A 4 -3.38 -1.61 16.78
CA PRO A 4 -2.96 -0.63 15.80
C PRO A 4 -1.44 -0.51 15.77
N VAL A 5 -0.89 -0.40 14.56
CA VAL A 5 0.53 -0.26 14.33
C VAL A 5 0.78 0.76 13.22
N SER A 6 1.99 1.31 13.20
CA SER A 6 2.39 2.26 12.17
C SER A 6 2.73 1.53 10.89
N ILE A 7 2.12 1.94 9.78
CA ILE A 7 2.39 1.36 8.48
C ILE A 7 2.70 2.45 7.50
N LYS A 8 3.84 2.32 6.82
CA LYS A 8 4.27 3.26 5.80
C LYS A 8 3.92 2.71 4.42
N VAL A 9 3.95 3.59 3.43
CA VAL A 9 3.69 3.19 2.06
C VAL A 9 4.73 3.77 1.12
N GLN A 10 5.71 2.96 0.71
CA GLN A 10 6.72 3.32 -0.27
C GLN A 10 6.05 3.52 -1.63
N VAL A 11 5.45 4.69 -1.83
CA VAL A 11 4.81 5.07 -3.08
C VAL A 11 5.77 4.89 -4.27
N PRO A 12 5.25 4.58 -5.47
CA PRO A 12 6.05 4.45 -6.68
C PRO A 12 6.56 5.82 -7.12
N ASN A 13 7.45 5.86 -8.10
CA ASN A 13 8.01 7.13 -8.58
C ASN A 13 7.32 7.57 -9.88
N MET A 14 6.08 8.05 -9.77
CA MET A 14 5.26 8.43 -10.92
C MET A 14 4.56 9.76 -10.66
N GLN A 15 5.30 10.87 -10.70
CA GLN A 15 4.73 12.19 -10.42
C GLN A 15 4.30 12.92 -11.70
N ASP A 16 4.71 12.40 -12.86
CA ASP A 16 4.43 13.05 -14.14
C ASP A 16 3.39 12.27 -14.96
N LYS A 17 2.82 11.22 -14.39
CA LYS A 17 1.89 10.36 -15.14
C LYS A 17 0.57 11.06 -15.48
N THR A 18 -0.20 11.46 -14.47
CA THR A 18 -1.52 12.04 -14.73
C THR A 18 -1.82 13.30 -13.92
N GLU A 19 -2.15 13.16 -12.63
CA GLU A 19 -2.48 14.29 -11.78
C GLU A 19 -2.15 14.02 -10.30
N TRP A 20 -1.89 12.76 -9.95
CA TRP A 20 -1.55 12.35 -8.60
C TRP A 20 -0.14 12.82 -8.25
N LYS A 21 0.35 12.48 -7.06
CA LYS A 21 1.68 12.88 -6.62
C LYS A 21 2.51 11.70 -6.10
N LEU A 22 2.92 10.79 -6.97
CA LEU A 22 3.73 9.65 -6.57
C LEU A 22 5.19 10.01 -6.80
N ASN A 23 5.97 10.19 -5.73
CA ASN A 23 7.36 10.63 -5.84
C ASN A 23 8.32 9.79 -5.02
N GLY A 24 8.05 8.49 -4.92
CA GLY A 24 8.88 7.57 -4.16
C GLY A 24 8.80 7.80 -2.66
N GLN A 25 7.79 8.55 -2.20
CA GLN A 25 7.70 8.95 -0.79
C GLN A 25 7.11 7.83 0.06
N VAL A 26 7.15 7.99 1.38
CA VAL A 26 6.47 7.06 2.28
C VAL A 26 5.31 7.77 2.97
N LEU A 27 4.14 7.14 2.96
CA LEU A 27 2.98 7.68 3.66
C LEU A 27 2.69 6.79 4.87
N VAL A 28 2.79 7.36 6.07
CA VAL A 28 2.59 6.59 7.30
C VAL A 28 1.15 6.73 7.79
N PHE A 29 0.62 5.66 8.39
CA PHE A 29 -0.72 5.63 8.94
C PHE A 29 -0.73 4.75 10.18
N THR A 30 -1.88 4.64 10.86
CA THR A 30 -1.99 3.74 12.00
C THR A 30 -3.25 2.88 11.88
N LEU A 31 -3.08 1.56 11.82
CA LEU A 31 -4.18 0.62 11.62
C LEU A 31 -3.91 -0.69 12.36
N PRO A 32 -4.97 -1.40 12.78
CA PRO A 32 -4.87 -2.63 13.55
C PRO A 32 -4.28 -3.73 12.70
N LEU A 33 -3.57 -4.68 13.31
CA LEU A 33 -2.96 -5.75 12.55
C LEU A 33 -4.01 -6.64 11.88
N THR A 34 -5.28 -6.52 12.30
CA THR A 34 -6.36 -7.32 11.74
C THR A 34 -7.04 -6.62 10.56
N ASP A 35 -6.63 -5.39 10.26
CA ASP A 35 -7.15 -4.68 9.11
C ASP A 35 -6.39 -5.18 7.89
N GLN A 36 -7.13 -5.82 7.00
CA GLN A 36 -6.60 -6.29 5.73
C GLN A 36 -5.92 -5.15 5.00
N VAL A 37 -4.77 -5.44 4.40
CA VAL A 37 -3.90 -4.49 3.70
C VAL A 37 -4.71 -3.62 2.73
N SER A 38 -5.88 -4.08 2.30
CA SER A 38 -6.77 -3.32 1.43
C SER A 38 -7.00 -1.91 1.97
N VAL A 39 -6.96 -1.73 3.29
CA VAL A 39 -7.12 -0.42 3.93
C VAL A 39 -6.03 0.54 3.45
N ILE A 40 -4.80 0.05 3.34
CA ILE A 40 -3.67 0.85 2.90
C ILE A 40 -3.95 1.51 1.56
N LYS A 41 -4.51 0.78 0.60
CA LYS A 41 -4.72 1.30 -0.75
C LYS A 41 -5.57 2.57 -0.70
N VAL A 42 -6.50 2.63 0.25
CA VAL A 42 -7.36 3.81 0.41
C VAL A 42 -6.53 4.96 0.91
N LYS A 43 -5.56 4.66 1.79
CA LYS A 43 -4.75 5.70 2.41
C LYS A 43 -3.92 6.44 1.37
N ILE A 44 -3.46 5.72 0.33
CA ILE A 44 -2.72 6.37 -0.75
C ILE A 44 -3.65 7.27 -1.57
N HIS A 45 -4.90 6.84 -1.76
CA HIS A 45 -5.87 7.58 -2.54
C HIS A 45 -6.18 8.93 -1.91
N GLU A 46 -5.91 9.09 -0.61
CA GLU A 46 -6.09 10.38 0.05
C GLU A 46 -4.79 11.18 0.05
N ALA A 47 -3.67 10.46 0.04
CA ALA A 47 -2.35 11.09 0.13
C ALA A 47 -1.82 11.47 -1.25
N THR A 48 -2.47 11.00 -2.32
CA THR A 48 -1.99 11.23 -3.67
C THR A 48 -3.12 11.42 -4.66
N GLY A 49 -4.29 10.84 -4.38
CA GLY A 49 -5.44 10.96 -5.24
C GLY A 49 -5.55 9.81 -6.24
N MET A 50 -4.62 8.84 -6.17
CA MET A 50 -4.67 7.67 -7.03
C MET A 50 -5.63 6.64 -6.43
N PRO A 51 -6.57 6.11 -7.23
CA PRO A 51 -7.58 5.20 -6.72
C PRO A 51 -6.97 3.85 -6.37
N ALA A 52 -7.56 3.16 -5.39
CA ALA A 52 -7.09 1.87 -4.91
C ALA A 52 -7.27 0.78 -5.97
N GLY A 53 -8.10 1.03 -6.98
CA GLY A 53 -8.38 0.08 -8.04
C GLY A 53 -7.18 -0.15 -8.96
N LYS A 54 -6.11 0.65 -8.81
CA LYS A 54 -4.93 0.52 -9.65
C LYS A 54 -3.62 0.64 -8.86
N GLN A 55 -3.51 -0.13 -7.78
CA GLN A 55 -2.33 -0.10 -6.90
C GLN A 55 -1.88 -1.52 -6.60
N LYS A 56 -0.57 -1.71 -6.47
CA LYS A 56 0.03 -3.01 -6.17
C LYS A 56 0.60 -3.00 -4.76
N LEU A 57 0.27 -4.02 -3.98
CA LEU A 57 0.71 -4.10 -2.59
C LEU A 57 1.99 -4.91 -2.49
N GLN A 58 2.96 -4.38 -1.74
CA GLN A 58 4.19 -5.09 -1.45
C GLN A 58 4.67 -4.72 -0.05
N TYR A 59 5.35 -5.64 0.65
CA TYR A 59 5.90 -5.41 1.97
C TYR A 59 7.31 -5.98 2.01
N GLU A 60 8.30 -5.11 2.24
CA GLU A 60 9.71 -5.49 2.25
C GLU A 60 10.14 -6.25 0.99
N GLY A 61 9.45 -6.03 -0.14
CA GLY A 61 9.76 -6.70 -1.39
C GLY A 61 8.89 -7.94 -1.63
N ILE A 62 7.97 -8.23 -0.71
CA ILE A 62 7.03 -9.33 -0.85
C ILE A 62 5.69 -8.81 -1.35
N PHE A 63 5.27 -9.22 -2.54
CA PHE A 63 3.96 -8.85 -3.06
C PHE A 63 2.86 -9.42 -2.17
N ILE A 64 2.28 -8.55 -1.33
CA ILE A 64 1.18 -8.90 -0.45
C ILE A 64 -0.14 -8.72 -1.17
N LYS A 65 -1.20 -9.32 -0.64
CA LYS A 65 -2.54 -9.17 -1.18
C LYS A 65 -3.30 -8.11 -0.40
N ASP A 66 -4.42 -7.66 -0.93
CA ASP A 66 -5.26 -6.65 -0.29
C ASP A 66 -6.14 -7.33 0.75
N SER A 67 -6.39 -8.63 0.58
CA SER A 67 -7.23 -9.41 1.47
C SER A 67 -6.48 -9.91 2.70
N ASN A 68 -5.14 -9.97 2.63
CA ASN A 68 -4.33 -10.38 3.77
C ASN A 68 -4.25 -9.24 4.78
N SER A 69 -3.98 -9.56 6.04
CA SER A 69 -3.87 -8.58 7.11
C SER A 69 -2.42 -8.37 7.48
N LEU A 70 -2.16 -7.28 8.21
CA LEU A 70 -0.82 -6.91 8.61
C LEU A 70 -0.23 -7.98 9.54
N ALA A 71 -1.08 -8.59 10.40
CA ALA A 71 -0.63 -9.65 11.30
C ALA A 71 -0.18 -10.88 10.51
N TYR A 72 -0.75 -11.12 9.33
CA TYR A 72 -0.40 -12.27 8.52
C TYR A 72 0.98 -12.10 7.89
N TYR A 73 1.35 -10.85 7.58
CA TYR A 73 2.66 -10.52 7.04
C TYR A 73 3.62 -10.06 8.14
N ASN A 74 3.25 -10.25 9.40
CA ASN A 74 4.10 -9.96 10.54
C ASN A 74 4.45 -8.48 10.67
N MET A 75 3.69 -7.64 9.97
CA MET A 75 3.96 -6.21 9.97
C MET A 75 3.73 -5.63 11.36
N ALA A 76 4.42 -4.52 11.66
CA ALA A 76 4.31 -3.84 12.93
C ALA A 76 4.76 -2.39 12.78
N ASN A 77 4.75 -1.65 13.89
CA ASN A 77 5.12 -0.24 13.88
C ASN A 77 6.42 -0.04 13.10
N GLY A 78 6.33 0.79 12.05
CA GLY A 78 7.48 1.12 11.23
C GLY A 78 7.53 0.29 9.94
N ALA A 79 6.52 -0.55 9.69
CA ALA A 79 6.45 -1.38 8.50
C ALA A 79 6.41 -0.49 7.25
N VAL A 80 6.84 -1.02 6.10
CA VAL A 80 6.90 -0.25 4.86
C VAL A 80 6.27 -1.04 3.73
N ILE A 81 5.19 -0.48 3.14
CA ILE A 81 4.48 -1.13 2.06
C ILE A 81 4.82 -0.45 0.74
N HIS A 82 5.56 -1.13 -0.13
CA HIS A 82 5.93 -0.56 -1.42
C HIS A 82 4.71 -0.60 -2.32
N LEU A 83 4.29 0.57 -2.78
CA LEU A 83 3.17 0.71 -3.69
C LEU A 83 3.72 0.74 -5.12
N ALA A 84 3.02 0.10 -6.05
CA ALA A 84 3.39 0.13 -7.45
C ALA A 84 2.13 0.30 -8.29
N LEU A 85 2.26 0.88 -9.49
CA LEU A 85 1.11 0.99 -10.38
C LEU A 85 0.75 -0.38 -10.93
N LYS A 86 -0.52 -0.75 -10.77
CA LYS A 86 -1.06 -1.99 -11.30
C LYS A 86 -2.49 -1.73 -11.73
N GLU A 87 -2.72 -1.57 -13.03
CA GLU A 87 -4.05 -1.30 -13.58
C GLU A 87 -4.48 -2.38 -14.58
N ARG A 88 -3.56 -3.28 -14.93
CA ARG A 88 -3.80 -4.31 -15.93
C ARG A 88 -4.13 -5.65 -15.27
N GLY A 89 -4.66 -6.59 -16.05
CA GLY A 89 -5.03 -7.91 -15.56
C GLY A 89 -3.81 -8.81 -15.37
N GLY A 90 -2.61 -8.34 -15.75
CA GLY A 90 -1.38 -9.11 -15.62
C GLY A 90 -1.28 -10.19 -16.69
N ARG A 91 -0.29 -11.06 -16.56
CA ARG A 91 -0.04 -12.14 -17.51
C ARG A 91 0.71 -13.29 -16.85
N LYS A 92 0.76 -14.45 -17.52
CA LYS A 92 1.55 -15.58 -17.06
C LYS A 92 3.03 -15.24 -17.16
N LYS A 93 3.89 -15.99 -16.45
CA LYS A 93 5.32 -15.74 -16.40
C LYS A 93 5.93 -15.77 -17.81
N GLY A 1 -2.95 -9.93 19.96
CA GLY A 1 -2.46 -8.98 18.93
C GLY A 1 -3.60 -8.23 18.27
N GLY A 2 -3.43 -7.88 17.00
CA GLY A 2 -4.44 -7.17 16.23
C GLY A 2 -4.51 -5.68 16.57
N SER A 3 -3.56 -5.19 17.36
CA SER A 3 -3.57 -3.81 17.82
C SER A 3 -3.09 -2.88 16.71
N PRO A 4 -3.42 -1.58 16.77
CA PRO A 4 -2.98 -0.61 15.79
C PRO A 4 -1.46 -0.47 15.82
N VAL A 5 -0.88 -0.32 14.63
CA VAL A 5 0.55 -0.14 14.44
C VAL A 5 0.80 0.85 13.32
N SER A 6 2.03 1.36 13.24
CA SER A 6 2.42 2.28 12.20
C SER A 6 2.75 1.54 10.91
N ILE A 7 2.15 1.97 9.80
CA ILE A 7 2.42 1.38 8.50
C ILE A 7 2.73 2.47 7.50
N LYS A 8 3.85 2.33 6.81
CA LYS A 8 4.29 3.27 5.79
C LYS A 8 3.94 2.72 4.43
N VAL A 9 3.97 3.60 3.42
CA VAL A 9 3.70 3.19 2.05
C VAL A 9 4.75 3.78 1.11
N GLN A 10 5.71 2.96 0.70
CA GLN A 10 6.72 3.32 -0.28
C GLN A 10 6.06 3.51 -1.65
N VAL A 11 5.45 4.68 -1.85
CA VAL A 11 4.82 5.06 -3.10
C VAL A 11 5.77 4.89 -4.29
N PRO A 12 5.26 4.58 -5.48
CA PRO A 12 6.04 4.46 -6.70
C PRO A 12 6.55 5.83 -7.14
N ASN A 13 7.43 5.89 -8.13
CA ASN A 13 7.98 7.15 -8.61
C ASN A 13 7.31 7.59 -9.90
N MET A 14 6.06 8.07 -9.79
CA MET A 14 5.25 8.46 -10.94
C MET A 14 4.54 9.79 -10.67
N GLN A 15 5.28 10.90 -10.69
CA GLN A 15 4.71 12.20 -10.40
C GLN A 15 4.29 12.96 -11.67
N ASP A 16 4.66 12.44 -12.83
CA ASP A 16 4.38 13.09 -14.10
C ASP A 16 3.35 12.31 -14.94
N LYS A 17 2.79 11.23 -14.38
CA LYS A 17 1.86 10.40 -15.14
C LYS A 17 0.55 11.09 -15.46
N THR A 18 -0.22 11.48 -14.45
CA THR A 18 -1.54 12.05 -14.70
C THR A 18 -1.84 13.30 -13.87
N GLU A 19 -2.18 13.16 -12.59
CA GLU A 19 -2.51 14.29 -11.73
C GLU A 19 -2.16 14.03 -10.27
N TRP A 20 -1.89 12.77 -9.92
CA TRP A 20 -1.54 12.36 -8.57
C TRP A 20 -0.13 12.83 -8.22
N LYS A 21 0.36 12.48 -7.03
CA LYS A 21 1.69 12.89 -6.59
C LYS A 21 2.51 11.71 -6.09
N LEU A 22 2.92 10.80 -6.97
CA LEU A 22 3.74 9.66 -6.58
C LEU A 22 5.21 10.02 -6.80
N ASN A 23 5.99 10.19 -5.72
CA ASN A 23 7.37 10.64 -5.85
C ASN A 23 8.34 9.79 -5.03
N GLY A 24 8.06 8.49 -4.94
CA GLY A 24 8.89 7.57 -4.18
C GLY A 24 8.81 7.81 -2.67
N GLN A 25 7.80 8.55 -2.20
CA GLN A 25 7.70 8.95 -0.81
C GLN A 25 7.13 7.83 0.05
N VAL A 26 7.17 7.98 1.38
CA VAL A 26 6.49 7.06 2.28
C VAL A 26 5.33 7.76 2.97
N LEU A 27 4.15 7.14 2.95
CA LEU A 27 3.00 7.67 3.64
C LEU A 27 2.72 6.79 4.86
N VAL A 28 2.82 7.36 6.06
CA VAL A 28 2.61 6.61 7.29
C VAL A 28 1.17 6.74 7.77
N PHE A 29 0.66 5.68 8.38
CA PHE A 29 -0.69 5.66 8.93
C PHE A 29 -0.71 4.78 10.18
N THR A 30 -1.85 4.67 10.84
CA THR A 30 -1.99 3.79 11.99
C THR A 30 -3.23 2.92 11.85
N LEU A 31 -3.04 1.59 11.81
CA LEU A 31 -4.14 0.64 11.59
C LEU A 31 -3.88 -0.65 12.36
N PRO A 32 -4.95 -1.36 12.76
CA PRO A 32 -4.88 -2.60 13.51
C PRO A 32 -4.27 -3.69 12.64
N LEU A 33 -3.61 -4.66 13.26
CA LEU A 33 -2.98 -5.71 12.48
C LEU A 33 -4.03 -6.62 11.82
N THR A 34 -5.30 -6.48 12.20
CA THR A 34 -6.38 -7.30 11.62
C THR A 34 -7.05 -6.62 10.44
N ASP A 35 -6.65 -5.39 10.11
CA ASP A 35 -7.23 -4.66 9.00
C ASP A 35 -6.58 -5.12 7.70
N GLN A 36 -7.26 -5.95 6.92
CA GLN A 36 -6.77 -6.40 5.64
C GLN A 36 -6.08 -5.23 4.92
N VAL A 37 -4.85 -5.48 4.45
CA VAL A 37 -3.97 -4.53 3.76
C VAL A 37 -4.74 -3.65 2.76
N SER A 38 -5.90 -4.10 2.28
CA SER A 38 -6.75 -3.33 1.39
C SER A 38 -6.98 -1.93 1.94
N VAL A 39 -6.95 -1.76 3.28
CA VAL A 39 -7.11 -0.46 3.92
C VAL A 39 -6.01 0.50 3.45
N ILE A 40 -4.78 0.00 3.32
CA ILE A 40 -3.65 0.82 2.89
C ILE A 40 -3.92 1.47 1.55
N LYS A 41 -4.49 0.75 0.58
CA LYS A 41 -4.71 1.27 -0.76
C LYS A 41 -5.57 2.54 -0.71
N VAL A 42 -6.50 2.60 0.25
CA VAL A 42 -7.35 3.76 0.43
C VAL A 42 -6.51 4.93 0.93
N LYS A 43 -5.54 4.63 1.80
CA LYS A 43 -4.72 5.66 2.42
C LYS A 43 -3.91 6.41 1.37
N ILE A 44 -3.45 5.70 0.33
CA ILE A 44 -2.71 6.36 -0.75
C ILE A 44 -3.64 7.24 -1.57
N HIS A 45 -4.89 6.81 -1.75
CA HIS A 45 -5.87 7.55 -2.52
C HIS A 45 -6.18 8.90 -1.89
N GLU A 46 -5.91 9.05 -0.58
CA GLU A 46 -6.09 10.35 0.08
C GLU A 46 -4.78 11.15 0.06
N ALA A 47 -3.65 10.45 0.06
CA ALA A 47 -2.34 11.07 0.14
C ALA A 47 -1.81 11.46 -1.23
N THR A 48 -2.46 10.98 -2.31
CA THR A 48 -1.98 11.21 -3.65
C THR A 48 -3.11 11.40 -4.65
N GLY A 49 -4.28 10.83 -4.36
CA GLY A 49 -5.44 10.94 -5.23
C GLY A 49 -5.54 9.79 -6.22
N MET A 50 -4.61 8.82 -6.15
CA MET A 50 -4.67 7.65 -7.00
C MET A 50 -5.62 6.62 -6.42
N PRO A 51 -6.58 6.10 -7.20
CA PRO A 51 -7.57 5.19 -6.70
C PRO A 51 -6.97 3.83 -6.36
N ALA A 52 -7.56 3.16 -5.37
CA ALA A 52 -7.09 1.85 -4.90
C ALA A 52 -7.26 0.77 -5.95
N GLY A 53 -8.10 1.03 -6.96
CA GLY A 53 -8.37 0.07 -8.03
C GLY A 53 -7.17 -0.14 -8.95
N LYS A 54 -6.10 0.65 -8.79
CA LYS A 54 -4.92 0.53 -9.63
C LYS A 54 -3.62 0.64 -8.85
N GLN A 55 -3.50 -0.13 -7.77
CA GLN A 55 -2.34 -0.11 -6.89
C GLN A 55 -1.88 -1.53 -6.60
N LYS A 56 -0.57 -1.72 -6.45
CA LYS A 56 0.03 -3.01 -6.16
C LYS A 56 0.60 -3.02 -4.75
N LEU A 57 0.27 -4.04 -3.97
CA LEU A 57 0.71 -4.12 -2.59
C LEU A 57 1.99 -4.93 -2.49
N GLN A 58 2.96 -4.39 -1.75
CA GLN A 58 4.20 -5.09 -1.46
C GLN A 58 4.68 -4.70 -0.07
N TYR A 59 5.36 -5.62 0.64
CA TYR A 59 5.90 -5.37 1.97
C TYR A 59 7.32 -5.94 2.02
N GLU A 60 8.31 -5.06 2.23
CA GLU A 60 9.71 -5.46 2.25
C GLU A 60 10.14 -6.22 0.99
N GLY A 61 9.46 -6.01 -0.14
CA GLY A 61 9.77 -6.70 -1.38
C GLY A 61 8.90 -7.94 -1.61
N ILE A 62 7.97 -8.21 -0.67
CA ILE A 62 7.04 -9.32 -0.80
C ILE A 62 5.70 -8.80 -1.29
N PHE A 63 5.28 -9.23 -2.49
CA PHE A 63 3.97 -8.87 -3.02
C PHE A 63 2.87 -9.45 -2.13
N ILE A 64 2.29 -8.57 -1.30
CA ILE A 64 1.19 -8.92 -0.42
C ILE A 64 -0.14 -8.76 -1.15
N LYS A 65 -1.21 -9.35 -0.60
CA LYS A 65 -2.54 -9.22 -1.16
C LYS A 65 -3.31 -8.17 -0.37
N ASP A 66 -4.39 -7.67 -0.96
CA ASP A 66 -5.26 -6.70 -0.32
C ASP A 66 -6.13 -7.36 0.73
N SER A 67 -6.41 -8.66 0.58
CA SER A 67 -7.26 -9.39 1.52
C SER A 67 -6.47 -9.90 2.73
N ASN A 68 -5.14 -9.98 2.62
CA ASN A 68 -4.31 -10.41 3.74
C ASN A 68 -4.22 -9.27 4.76
N SER A 69 -3.99 -9.60 6.03
CA SER A 69 -3.88 -8.61 7.09
C SER A 69 -2.43 -8.35 7.44
N LEU A 70 -2.18 -7.28 8.20
CA LEU A 70 -0.83 -6.90 8.59
C LEU A 70 -0.26 -7.96 9.53
N ALA A 71 -1.10 -8.56 10.38
CA ALA A 71 -0.68 -9.63 11.29
C ALA A 71 -0.23 -10.86 10.52
N TYR A 72 -0.79 -11.09 9.32
CA TYR A 72 -0.45 -12.25 8.52
C TYR A 72 0.94 -12.09 7.89
N TYR A 73 1.32 -10.83 7.59
CA TYR A 73 2.65 -10.52 7.08
C TYR A 73 3.59 -10.09 8.21
N ASN A 74 3.15 -10.25 9.46
CA ASN A 74 3.98 -9.98 10.63
C ASN A 74 4.41 -8.53 10.70
N MET A 75 3.68 -7.64 10.02
CA MET A 75 4.00 -6.21 10.00
C MET A 75 3.76 -5.62 11.38
N ALA A 76 4.44 -4.52 11.67
CA ALA A 76 4.34 -3.83 12.95
C ALA A 76 4.81 -2.39 12.79
N ASN A 77 4.81 -1.64 13.89
CA ASN A 77 5.21 -0.23 13.89
C ASN A 77 6.50 -0.04 13.10
N GLY A 78 6.44 0.78 12.06
CA GLY A 78 7.57 1.08 11.22
C GLY A 78 7.59 0.26 9.93
N ALA A 79 6.54 -0.54 9.69
CA ALA A 79 6.45 -1.37 8.49
C ALA A 79 6.41 -0.47 7.25
N VAL A 80 6.83 -1.01 6.10
CA VAL A 80 6.89 -0.25 4.87
C VAL A 80 6.26 -1.04 3.72
N ILE A 81 5.19 -0.50 3.13
CA ILE A 81 4.48 -1.14 2.05
C ILE A 81 4.82 -0.46 0.73
N HIS A 82 5.57 -1.13 -0.14
CA HIS A 82 5.95 -0.57 -1.42
C HIS A 82 4.72 -0.61 -2.33
N LEU A 83 4.31 0.56 -2.81
CA LEU A 83 3.19 0.70 -3.72
C LEU A 83 3.72 0.74 -5.14
N ALA A 84 3.01 0.09 -6.07
CA ALA A 84 3.39 0.10 -7.47
C ALA A 84 2.12 0.29 -8.31
N LEU A 85 2.26 0.88 -9.50
CA LEU A 85 1.10 1.02 -10.37
C LEU A 85 0.74 -0.33 -10.95
N LYS A 86 -0.53 -0.72 -10.77
CA LYS A 86 -1.08 -1.94 -11.34
C LYS A 86 -2.54 -1.69 -11.71
N GLU A 87 -2.81 -1.49 -13.00
CA GLU A 87 -4.16 -1.22 -13.48
C GLU A 87 -4.65 -2.33 -14.40
N ARG A 88 -3.72 -3.19 -14.86
CA ARG A 88 -4.05 -4.30 -15.74
C ARG A 88 -4.68 -5.43 -14.96
N GLY A 89 -5.51 -6.24 -15.63
CA GLY A 89 -6.14 -7.41 -15.02
C GLY A 89 -5.18 -8.59 -14.98
N GLY A 90 -4.10 -8.53 -15.75
CA GLY A 90 -3.07 -9.56 -15.79
C GLY A 90 -2.01 -9.32 -14.71
N ARG A 91 -1.07 -10.26 -14.58
CA ARG A 91 0.02 -10.15 -13.62
C ARG A 91 0.99 -9.04 -14.03
N LYS A 92 1.73 -8.51 -13.04
CA LYS A 92 2.73 -7.47 -13.26
C LYS A 92 3.75 -7.50 -12.13
N LYS A 93 5.01 -7.19 -12.45
CA LYS A 93 6.10 -7.17 -11.49
C LYS A 93 7.20 -6.23 -11.99
N GLY A 1 -6.50 -9.89 20.03
CA GLY A 1 -6.72 -9.26 18.72
C GLY A 1 -5.55 -8.38 18.31
N GLY A 2 -5.40 -8.14 17.01
CA GLY A 2 -4.32 -7.31 16.49
C GLY A 2 -4.51 -5.85 16.88
N SER A 3 -3.44 -5.23 17.36
CA SER A 3 -3.46 -3.84 17.81
C SER A 3 -3.06 -2.90 16.67
N PRO A 4 -3.39 -1.60 16.75
CA PRO A 4 -2.98 -0.62 15.77
C PRO A 4 -1.46 -0.46 15.79
N VAL A 5 -0.87 -0.36 14.59
CA VAL A 5 0.57 -0.19 14.41
C VAL A 5 0.83 0.80 13.28
N SER A 6 2.05 1.35 13.25
CA SER A 6 2.46 2.27 12.21
C SER A 6 2.78 1.51 10.92
N ILE A 7 2.14 1.94 9.82
CA ILE A 7 2.42 1.35 8.52
C ILE A 7 2.72 2.44 7.52
N LYS A 8 3.85 2.31 6.84
CA LYS A 8 4.28 3.25 5.82
C LYS A 8 3.93 2.71 4.45
N VAL A 9 3.99 3.59 3.44
CA VAL A 9 3.71 3.20 2.08
C VAL A 9 4.75 3.79 1.12
N GLN A 10 5.72 2.97 0.71
CA GLN A 10 6.72 3.32 -0.27
C GLN A 10 6.06 3.52 -1.64
N VAL A 11 5.45 4.69 -1.83
CA VAL A 11 4.82 5.07 -3.09
C VAL A 11 5.77 4.89 -4.27
N PRO A 12 5.25 4.59 -5.47
CA PRO A 12 6.05 4.46 -6.68
C PRO A 12 6.55 5.84 -7.13
N ASN A 13 7.42 5.89 -8.14
CA ASN A 13 7.97 7.14 -8.61
C ASN A 13 7.29 7.58 -9.91
N MET A 14 6.04 8.06 -9.79
CA MET A 14 5.22 8.44 -10.93
C MET A 14 4.50 9.77 -10.65
N GLN A 15 5.25 10.88 -10.66
CA GLN A 15 4.67 12.18 -10.33
C GLN A 15 4.08 12.89 -11.54
N ASP A 16 4.53 12.50 -12.73
CA ASP A 16 4.20 13.19 -13.96
C ASP A 16 3.24 12.40 -14.85
N LYS A 17 2.74 11.25 -14.36
CA LYS A 17 1.86 10.40 -15.14
C LYS A 17 0.53 11.06 -15.48
N THR A 18 -0.24 11.45 -14.47
CA THR A 18 -1.57 12.01 -14.73
C THR A 18 -1.87 13.26 -13.91
N GLU A 19 -2.21 13.12 -12.63
CA GLU A 19 -2.54 14.26 -11.77
C GLU A 19 -2.18 13.99 -10.31
N TRP A 20 -1.88 12.75 -9.96
CA TRP A 20 -1.52 12.33 -8.62
C TRP A 20 -0.11 12.82 -8.27
N LYS A 21 0.38 12.48 -7.08
CA LYS A 21 1.71 12.90 -6.64
C LYS A 21 2.56 11.74 -6.13
N LEU A 22 2.91 10.79 -7.00
CA LEU A 22 3.74 9.68 -6.59
C LEU A 22 5.21 10.05 -6.82
N ASN A 23 6.00 10.18 -5.76
CA ASN A 23 7.38 10.62 -5.88
C ASN A 23 8.34 9.78 -5.05
N GLY A 24 8.06 8.48 -4.95
CA GLY A 24 8.90 7.57 -4.18
C GLY A 24 8.82 7.80 -2.67
N GLN A 25 7.80 8.55 -2.21
CA GLN A 25 7.71 8.96 -0.82
C GLN A 25 7.13 7.84 0.04
N VAL A 26 7.17 8.00 1.36
CA VAL A 26 6.52 7.07 2.26
C VAL A 26 5.36 7.76 2.98
N LEU A 27 4.18 7.13 2.96
CA LEU A 27 3.03 7.67 3.66
C LEU A 27 2.74 6.78 4.87
N VAL A 28 2.84 7.34 6.08
CA VAL A 28 2.62 6.59 7.31
C VAL A 28 1.19 6.73 7.79
N PHE A 29 0.67 5.67 8.39
CA PHE A 29 -0.68 5.66 8.94
C PHE A 29 -0.69 4.76 10.18
N THR A 30 -1.84 4.66 10.85
CA THR A 30 -1.97 3.75 11.99
C THR A 30 -3.21 2.89 11.85
N LEU A 31 -3.03 1.56 11.80
CA LEU A 31 -4.13 0.63 11.58
C LEU A 31 -3.87 -0.67 12.33
N PRO A 32 -4.95 -1.37 12.74
CA PRO A 32 -4.86 -2.60 13.50
C PRO A 32 -4.26 -3.70 12.64
N LEU A 33 -3.59 -4.68 13.28
CA LEU A 33 -2.99 -5.75 12.51
C LEU A 33 -4.04 -6.62 11.82
N THR A 34 -5.31 -6.48 12.21
CA THR A 34 -6.39 -7.29 11.63
C THR A 34 -7.06 -6.62 10.44
N ASP A 35 -6.69 -5.37 10.14
CA ASP A 35 -7.27 -4.65 9.02
C ASP A 35 -6.61 -5.13 7.73
N GLN A 36 -7.32 -5.93 6.94
CA GLN A 36 -6.81 -6.37 5.65
C GLN A 36 -6.10 -5.22 4.95
N VAL A 37 -4.88 -5.47 4.47
CA VAL A 37 -4.00 -4.53 3.79
C VAL A 37 -4.77 -3.65 2.78
N SER A 38 -5.92 -4.11 2.30
CA SER A 38 -6.77 -3.33 1.41
C SER A 38 -7.02 -1.92 1.97
N VAL A 39 -6.96 -1.75 3.28
CA VAL A 39 -7.12 -0.45 3.91
C VAL A 39 -6.02 0.51 3.45
N ILE A 40 -4.79 0.01 3.32
CA ILE A 40 -3.65 0.82 2.90
C ILE A 40 -3.93 1.49 1.56
N LYS A 41 -4.50 0.76 0.60
CA LYS A 41 -4.70 1.28 -0.76
C LYS A 41 -5.55 2.56 -0.71
N VAL A 42 -6.48 2.63 0.25
CA VAL A 42 -7.33 3.80 0.42
C VAL A 42 -6.49 4.96 0.92
N LYS A 43 -5.52 4.66 1.80
CA LYS A 43 -4.70 5.68 2.41
C LYS A 43 -3.87 6.42 1.37
N ILE A 44 -3.42 5.72 0.34
CA ILE A 44 -2.68 6.37 -0.75
C ILE A 44 -3.61 7.26 -1.57
N HIS A 45 -4.86 6.83 -1.75
CA HIS A 45 -5.83 7.56 -2.54
C HIS A 45 -6.14 8.91 -1.90
N GLU A 46 -5.88 9.07 -0.60
CA GLU A 46 -6.06 10.37 0.06
C GLU A 46 -4.75 11.16 0.04
N ALA A 47 -3.62 10.46 0.04
CA ALA A 47 -2.31 11.08 0.11
C ALA A 47 -1.78 11.47 -1.27
N THR A 48 -2.45 11.01 -2.34
CA THR A 48 -1.96 11.23 -3.70
C THR A 48 -3.10 11.40 -4.69
N GLY A 49 -4.27 10.83 -4.40
CA GLY A 49 -5.43 10.94 -5.26
C GLY A 49 -5.53 9.78 -6.25
N MET A 50 -4.61 8.81 -6.18
CA MET A 50 -4.67 7.63 -7.04
C MET A 50 -5.63 6.61 -6.44
N PRO A 51 -6.58 6.08 -7.22
CA PRO A 51 -7.57 5.17 -6.71
C PRO A 51 -6.97 3.80 -6.37
N ALA A 52 -7.56 3.12 -5.39
CA ALA A 52 -7.09 1.83 -4.92
C ALA A 52 -7.26 0.74 -5.98
N GLY A 53 -8.09 1.00 -6.99
CA GLY A 53 -8.36 0.04 -8.05
C GLY A 53 -7.16 -0.17 -8.96
N LYS A 54 -6.09 0.61 -8.81
CA LYS A 54 -4.92 0.49 -9.66
C LYS A 54 -3.61 0.61 -8.87
N GLN A 55 -3.49 -0.15 -7.78
CA GLN A 55 -2.33 -0.13 -6.91
C GLN A 55 -1.87 -1.54 -6.59
N LYS A 56 -0.57 -1.72 -6.45
CA LYS A 56 0.04 -3.02 -6.15
C LYS A 56 0.60 -3.00 -4.74
N LEU A 57 0.27 -4.03 -3.95
CA LEU A 57 0.71 -4.10 -2.57
C LEU A 57 2.00 -4.91 -2.47
N GLN A 58 2.96 -4.38 -1.73
CA GLN A 58 4.20 -5.08 -1.44
C GLN A 58 4.67 -4.69 -0.04
N TYR A 59 5.35 -5.60 0.66
CA TYR A 59 5.89 -5.37 1.98
C TYR A 59 7.31 -5.92 2.03
N GLU A 60 8.29 -5.06 2.25
CA GLU A 60 9.70 -5.44 2.27
C GLU A 60 10.14 -6.20 1.01
N GLY A 61 9.45 -5.97 -0.12
CA GLY A 61 9.78 -6.66 -1.37
C GLY A 61 8.91 -7.90 -1.60
N ILE A 62 7.99 -8.19 -0.68
CA ILE A 62 7.05 -9.30 -0.82
C ILE A 62 5.72 -8.77 -1.32
N PHE A 63 5.30 -9.20 -2.51
CA PHE A 63 3.99 -8.82 -3.03
C PHE A 63 2.89 -9.40 -2.15
N ILE A 64 2.31 -8.55 -1.31
CA ILE A 64 1.20 -8.90 -0.44
C ILE A 64 -0.12 -8.73 -1.17
N LYS A 65 -1.19 -9.32 -0.62
CA LYS A 65 -2.51 -9.18 -1.17
C LYS A 65 -3.27 -8.11 -0.38
N ASP A 66 -4.39 -7.66 -0.93
CA ASP A 66 -5.24 -6.66 -0.29
C ASP A 66 -6.13 -7.35 0.73
N SER A 67 -6.37 -8.64 0.53
CA SER A 67 -7.21 -9.44 1.40
C SER A 67 -6.47 -9.94 2.63
N ASN A 68 -5.13 -9.98 2.59
CA ASN A 68 -4.34 -10.39 3.73
C ASN A 68 -4.26 -9.26 4.75
N SER A 69 -4.03 -9.61 6.02
CA SER A 69 -3.93 -8.63 7.09
C SER A 69 -2.47 -8.36 7.44
N LEU A 70 -2.22 -7.28 8.18
CA LEU A 70 -0.87 -6.90 8.58
C LEU A 70 -0.30 -7.97 9.51
N ALA A 71 -1.15 -8.56 10.36
CA ALA A 71 -0.74 -9.64 11.25
C ALA A 71 -0.27 -10.87 10.47
N TYR A 72 -0.83 -11.09 9.28
CA TYR A 72 -0.47 -12.25 8.47
C TYR A 72 0.92 -12.07 7.87
N TYR A 73 1.31 -10.82 7.59
CA TYR A 73 2.64 -10.49 7.09
C TYR A 73 3.56 -10.05 8.22
N ASN A 74 3.12 -10.22 9.48
CA ASN A 74 3.94 -9.95 10.64
C ASN A 74 4.37 -8.49 10.72
N MET A 75 3.64 -7.60 10.04
CA MET A 75 3.95 -6.18 10.03
C MET A 75 3.73 -5.59 11.42
N ALA A 76 4.41 -4.49 11.71
CA ALA A 76 4.36 -3.83 13.00
C ALA A 76 4.84 -2.39 12.85
N ASN A 77 4.88 -1.63 13.95
CA ASN A 77 5.30 -0.23 13.91
C ASN A 77 6.59 -0.11 13.11
N GLY A 78 6.54 0.72 12.08
CA GLY A 78 7.70 0.98 11.24
C GLY A 78 7.66 0.18 9.94
N ALA A 79 6.58 -0.59 9.71
CA ALA A 79 6.46 -1.40 8.50
C ALA A 79 6.42 -0.51 7.27
N VAL A 80 6.84 -1.03 6.12
CA VAL A 80 6.89 -0.25 4.88
C VAL A 80 6.25 -1.03 3.73
N ILE A 81 5.19 -0.48 3.15
CA ILE A 81 4.46 -1.13 2.06
C ILE A 81 4.82 -0.45 0.75
N HIS A 82 5.57 -1.12 -0.13
CA HIS A 82 5.94 -0.56 -1.41
C HIS A 82 4.71 -0.60 -2.31
N LEU A 83 4.29 0.58 -2.79
CA LEU A 83 3.18 0.71 -3.70
C LEU A 83 3.72 0.75 -5.12
N ALA A 84 3.03 0.10 -6.05
CA ALA A 84 3.39 0.12 -7.45
C ALA A 84 2.14 0.29 -8.29
N LEU A 85 2.27 0.86 -9.49
CA LEU A 85 1.13 0.98 -10.38
C LEU A 85 0.78 -0.39 -10.94
N LYS A 86 -0.49 -0.77 -10.77
CA LYS A 86 -1.04 -2.00 -11.32
C LYS A 86 -2.46 -1.74 -11.76
N GLU A 87 -2.66 -1.58 -13.08
CA GLU A 87 -3.97 -1.27 -13.65
C GLU A 87 -4.38 -2.30 -14.70
N ARG A 88 -3.44 -3.19 -15.08
CA ARG A 88 -3.68 -4.20 -16.11
C ARG A 88 -2.84 -5.44 -15.81
N GLY A 89 -3.24 -6.57 -16.40
CA GLY A 89 -2.50 -7.83 -16.28
C GLY A 89 -1.37 -7.92 -17.31
N GLY A 90 -1.27 -6.94 -18.21
CA GLY A 90 -0.24 -6.92 -19.25
C GLY A 90 -0.38 -5.70 -20.14
N ARG A 91 0.50 -5.58 -21.14
CA ARG A 91 0.53 -4.45 -22.06
C ARG A 91 0.58 -4.95 -23.51
N LYS A 92 0.23 -4.08 -24.45
CA LYS A 92 0.23 -4.37 -25.89
C LYS A 92 0.60 -3.12 -26.67
N LYS A 93 0.98 -3.31 -27.94
CA LYS A 93 1.37 -2.24 -28.85
C LYS A 93 2.42 -1.33 -28.20
N GLY A 1 -6.48 -9.73 20.12
CA GLY A 1 -6.56 -9.36 18.70
C GLY A 1 -5.42 -8.44 18.31
N GLY A 2 -5.26 -8.19 17.01
CA GLY A 2 -4.22 -7.32 16.49
C GLY A 2 -4.45 -5.88 16.90
N SER A 3 -3.38 -5.23 17.39
CA SER A 3 -3.43 -3.85 17.84
C SER A 3 -3.05 -2.91 16.70
N PRO A 4 -3.39 -1.61 16.79
CA PRO A 4 -2.97 -0.62 15.80
C PRO A 4 -1.46 -0.46 15.80
N VAL A 5 -0.88 -0.37 14.61
CA VAL A 5 0.55 -0.18 14.43
C VAL A 5 0.82 0.81 13.30
N SER A 6 2.03 1.36 13.26
CA SER A 6 2.43 2.28 12.21
C SER A 6 2.77 1.53 10.93
N ILE A 7 2.15 1.94 9.82
CA ILE A 7 2.44 1.37 8.53
C ILE A 7 2.75 2.47 7.53
N LYS A 8 3.87 2.32 6.84
CA LYS A 8 4.30 3.26 5.81
C LYS A 8 3.93 2.71 4.45
N VAL A 9 3.97 3.58 3.44
CA VAL A 9 3.70 3.19 2.07
C VAL A 9 4.74 3.78 1.12
N GLN A 10 5.71 2.96 0.71
CA GLN A 10 6.71 3.32 -0.27
C GLN A 10 6.05 3.52 -1.63
N VAL A 11 5.44 4.69 -1.83
CA VAL A 11 4.81 5.07 -3.09
C VAL A 11 5.77 4.89 -4.27
N PRO A 12 5.25 4.58 -5.47
CA PRO A 12 6.05 4.45 -6.68
C PRO A 12 6.55 5.83 -7.12
N ASN A 13 7.43 5.89 -8.12
CA ASN A 13 8.00 7.15 -8.59
C ASN A 13 7.30 7.60 -9.89
N MET A 14 6.06 8.08 -9.77
CA MET A 14 5.25 8.47 -10.92
C MET A 14 4.55 9.80 -10.66
N GLN A 15 5.29 10.90 -10.69
CA GLN A 15 4.73 12.21 -10.40
C GLN A 15 4.30 12.95 -11.67
N ASP A 16 4.65 12.39 -12.83
CA ASP A 16 4.39 13.03 -14.12
C ASP A 16 3.37 12.26 -14.95
N LYS A 17 2.78 11.19 -14.40
CA LYS A 17 1.86 10.34 -15.14
C LYS A 17 0.54 11.04 -15.47
N THR A 18 -0.23 11.45 -14.46
CA THR A 18 -1.55 12.01 -14.72
C THR A 18 -1.84 13.28 -13.91
N GLU A 19 -2.19 13.14 -12.62
CA GLU A 19 -2.51 14.29 -11.77
C GLU A 19 -2.17 14.02 -10.29
N TRP A 20 -1.89 12.76 -9.94
CA TRP A 20 -1.54 12.36 -8.59
C TRP A 20 -0.13 12.84 -8.24
N LYS A 21 0.35 12.50 -7.03
CA LYS A 21 1.69 12.90 -6.60
C LYS A 21 2.51 11.71 -6.09
N LEU A 22 2.92 10.81 -6.98
CA LEU A 22 3.75 9.68 -6.57
C LEU A 22 5.21 10.04 -6.80
N ASN A 23 5.99 10.20 -5.74
CA ASN A 23 7.38 10.65 -5.84
C ASN A 23 8.33 9.80 -5.02
N GLY A 24 8.05 8.49 -4.92
CA GLY A 24 8.88 7.57 -4.15
C GLY A 24 8.79 7.79 -2.65
N GLN A 25 7.78 8.54 -2.20
CA GLN A 25 7.70 8.95 -0.79
C GLN A 25 7.11 7.83 0.07
N VAL A 26 7.18 7.97 1.39
CA VAL A 26 6.49 7.05 2.28
C VAL A 26 5.33 7.76 2.98
N LEU A 27 4.16 7.13 2.96
CA LEU A 27 3.00 7.65 3.67
C LEU A 27 2.71 6.78 4.87
N VAL A 28 2.81 7.34 6.08
CA VAL A 28 2.61 6.59 7.31
C VAL A 28 1.17 6.72 7.80
N PHE A 29 0.65 5.65 8.40
CA PHE A 29 -0.69 5.63 8.95
C PHE A 29 -0.70 4.75 10.19
N THR A 30 -1.85 4.62 10.87
CA THR A 30 -1.97 3.72 12.00
C THR A 30 -3.21 2.86 11.86
N LEU A 31 -3.04 1.52 11.83
CA LEU A 31 -4.14 0.60 11.61
C LEU A 31 -3.89 -0.71 12.38
N PRO A 32 -4.96 -1.39 12.79
CA PRO A 32 -4.90 -2.62 13.57
C PRO A 32 -4.35 -3.74 12.71
N LEU A 33 -3.54 -4.64 13.29
CA LEU A 33 -2.93 -5.70 12.51
C LEU A 33 -4.00 -6.58 11.83
N THR A 34 -5.26 -6.48 12.26
CA THR A 34 -6.33 -7.30 11.69
C THR A 34 -7.00 -6.64 10.50
N ASP A 35 -6.56 -5.43 10.12
CA ASP A 35 -7.14 -4.73 8.99
C ASP A 35 -6.47 -5.24 7.73
N GLN A 36 -7.25 -5.92 6.88
CA GLN A 36 -6.77 -6.38 5.59
C GLN A 36 -6.06 -5.23 4.89
N VAL A 37 -4.86 -5.49 4.38
CA VAL A 37 -3.99 -4.54 3.69
C VAL A 37 -4.76 -3.66 2.70
N SER A 38 -5.93 -4.11 2.24
CA SER A 38 -6.79 -3.32 1.36
C SER A 38 -7.04 -1.93 1.92
N VAL A 39 -6.94 -1.77 3.25
CA VAL A 39 -7.10 -0.47 3.89
C VAL A 39 -6.01 0.49 3.43
N ILE A 40 -4.77 0.00 3.31
CA ILE A 40 -3.64 0.81 2.90
C ILE A 40 -3.92 1.48 1.56
N LYS A 41 -4.48 0.75 0.59
CA LYS A 41 -4.71 1.28 -0.75
C LYS A 41 -5.55 2.54 -0.71
N VAL A 42 -6.49 2.61 0.25
CA VAL A 42 -7.34 3.77 0.43
C VAL A 42 -6.51 4.93 0.94
N LYS A 43 -5.54 4.65 1.81
CA LYS A 43 -4.72 5.67 2.42
C LYS A 43 -3.90 6.42 1.39
N ILE A 44 -3.44 5.71 0.35
CA ILE A 44 -2.70 6.37 -0.74
C ILE A 44 -3.64 7.26 -1.56
N HIS A 45 -4.89 6.82 -1.74
CA HIS A 45 -5.87 7.56 -2.54
C HIS A 45 -6.18 8.90 -1.89
N GLU A 46 -5.91 9.06 -0.59
CA GLU A 46 -6.09 10.35 0.06
C GLU A 46 -4.79 11.15 0.05
N ALA A 47 -3.66 10.45 0.05
CA ALA A 47 -2.35 11.07 0.14
C ALA A 47 -1.82 11.46 -1.23
N THR A 48 -2.48 11.00 -2.30
CA THR A 48 -1.99 11.22 -3.66
C THR A 48 -3.12 11.40 -4.66
N GLY A 49 -4.29 10.84 -4.37
CA GLY A 49 -5.45 10.95 -5.23
C GLY A 49 -5.54 9.79 -6.23
N MET A 50 -4.62 8.83 -6.16
CA MET A 50 -4.66 7.66 -7.02
C MET A 50 -5.62 6.62 -6.43
N PRO A 51 -6.57 6.10 -7.22
CA PRO A 51 -7.58 5.19 -6.71
C PRO A 51 -6.97 3.83 -6.37
N ALA A 52 -7.56 3.15 -5.39
CA ALA A 52 -7.09 1.85 -4.91
C ALA A 52 -7.26 0.76 -5.96
N GLY A 53 -8.09 1.01 -6.97
CA GLY A 53 -8.36 0.06 -8.04
C GLY A 53 -7.16 -0.16 -8.96
N LYS A 54 -6.10 0.64 -8.80
CA LYS A 54 -4.93 0.52 -9.66
C LYS A 54 -3.61 0.63 -8.88
N GLN A 55 -3.51 -0.13 -7.78
CA GLN A 55 -2.34 -0.10 -6.91
C GLN A 55 -1.88 -1.53 -6.60
N LYS A 56 -0.57 -1.71 -6.47
CA LYS A 56 0.03 -3.00 -6.18
C LYS A 56 0.59 -3.01 -4.77
N LEU A 57 0.26 -4.03 -3.98
CA LEU A 57 0.68 -4.11 -2.60
C LEU A 57 1.98 -4.91 -2.50
N GLN A 58 2.94 -4.38 -1.75
CA GLN A 58 4.18 -5.08 -1.46
C GLN A 58 4.66 -4.70 -0.06
N TYR A 59 5.34 -5.61 0.64
CA TYR A 59 5.89 -5.38 1.96
C TYR A 59 7.29 -5.95 2.02
N GLU A 60 8.28 -5.09 2.25
CA GLU A 60 9.69 -5.48 2.26
C GLU A 60 10.12 -6.24 1.02
N GLY A 61 9.45 -6.00 -0.12
CA GLY A 61 9.77 -6.68 -1.37
C GLY A 61 8.91 -7.92 -1.61
N ILE A 62 7.97 -8.20 -0.70
CA ILE A 62 7.03 -9.30 -0.84
C ILE A 62 5.70 -8.79 -1.34
N PHE A 63 5.27 -9.20 -2.53
CA PHE A 63 3.97 -8.83 -3.04
C PHE A 63 2.87 -9.41 -2.17
N ILE A 64 2.29 -8.55 -1.32
CA ILE A 64 1.18 -8.91 -0.44
C ILE A 64 -0.14 -8.74 -1.18
N LYS A 65 -1.20 -9.34 -0.64
CA LYS A 65 -2.54 -9.21 -1.19
C LYS A 65 -3.31 -8.16 -0.41
N ASP A 66 -4.40 -7.67 -0.99
CA ASP A 66 -5.27 -6.70 -0.36
C ASP A 66 -6.14 -7.37 0.71
N SER A 67 -6.41 -8.66 0.56
CA SER A 67 -7.26 -9.39 1.50
C SER A 67 -6.48 -9.88 2.72
N ASN A 68 -5.15 -9.99 2.61
CA ASN A 68 -4.32 -10.40 3.74
C ASN A 68 -4.24 -9.28 4.75
N SER A 69 -4.05 -9.62 6.02
CA SER A 69 -3.94 -8.63 7.09
C SER A 69 -2.48 -8.34 7.42
N LEU A 70 -2.24 -7.25 8.15
CA LEU A 70 -0.88 -6.87 8.51
C LEU A 70 -0.30 -7.92 9.47
N ALA A 71 -1.15 -8.51 10.33
CA ALA A 71 -0.74 -9.57 11.24
C ALA A 71 -0.26 -10.80 10.48
N TYR A 72 -0.82 -11.05 9.28
CA TYR A 72 -0.45 -12.21 8.49
C TYR A 72 0.94 -12.03 7.89
N TYR A 73 1.31 -10.79 7.59
CA TYR A 73 2.64 -10.46 7.10
C TYR A 73 3.57 -10.03 8.24
N ASN A 74 3.13 -10.19 9.48
CA ASN A 74 3.95 -9.93 10.66
C ASN A 74 4.39 -8.47 10.76
N MET A 75 3.66 -7.59 10.07
CA MET A 75 3.96 -6.17 10.07
C MET A 75 3.79 -5.59 11.48
N ALA A 76 4.44 -4.46 11.74
CA ALA A 76 4.40 -3.78 13.02
C ALA A 76 4.85 -2.34 12.86
N ASN A 77 4.90 -1.58 13.95
CA ASN A 77 5.30 -0.17 13.89
C ASN A 77 6.59 -0.05 13.09
N GLY A 78 6.54 0.78 12.05
CA GLY A 78 7.67 1.05 11.20
C GLY A 78 7.65 0.23 9.91
N ALA A 79 6.59 -0.56 9.69
CA ALA A 79 6.47 -1.39 8.50
C ALA A 79 6.42 -0.51 7.25
N VAL A 80 6.83 -1.04 6.10
CA VAL A 80 6.89 -0.26 4.86
C VAL A 80 6.25 -1.05 3.72
N ILE A 81 5.18 -0.49 3.15
CA ILE A 81 4.47 -1.14 2.05
C ILE A 81 4.81 -0.45 0.75
N HIS A 82 5.56 -1.12 -0.12
CA HIS A 82 5.94 -0.56 -1.41
C HIS A 82 4.70 -0.59 -2.31
N LEU A 83 4.29 0.58 -2.79
CA LEU A 83 3.17 0.72 -3.71
C LEU A 83 3.72 0.75 -5.12
N ALA A 84 3.02 0.11 -6.06
CA ALA A 84 3.38 0.13 -7.46
C ALA A 84 2.13 0.30 -8.30
N LEU A 85 2.27 0.87 -9.51
CA LEU A 85 1.12 0.99 -10.39
C LEU A 85 0.76 -0.38 -10.94
N LYS A 86 -0.50 -0.76 -10.77
CA LYS A 86 -1.05 -1.99 -11.32
C LYS A 86 -2.47 -1.72 -11.77
N GLU A 87 -2.67 -1.56 -13.09
CA GLU A 87 -3.98 -1.25 -13.66
C GLU A 87 -4.37 -2.27 -14.74
N ARG A 88 -3.43 -3.12 -15.15
CA ARG A 88 -3.61 -4.06 -16.24
C ARG A 88 -4.07 -5.43 -15.75
N GLY A 89 -4.47 -5.53 -14.47
CA GLY A 89 -4.92 -6.77 -13.87
C GLY A 89 -6.29 -7.21 -14.40
N GLY A 90 -6.74 -8.39 -13.95
CA GLY A 90 -8.02 -8.95 -14.36
C GLY A 90 -7.96 -9.56 -15.76
N ARG A 91 -8.92 -10.45 -16.07
CA ARG A 91 -8.98 -11.10 -17.37
C ARG A 91 -9.43 -10.12 -18.44
N LYS A 92 -8.92 -10.31 -19.66
CA LYS A 92 -9.24 -9.46 -20.80
C LYS A 92 -8.89 -10.16 -22.11
N LYS A 93 -9.36 -9.61 -23.23
CA LYS A 93 -9.10 -10.16 -24.56
C LYS A 93 -7.62 -10.03 -24.92
N GLY A 1 -6.01 -11.62 18.02
CA GLY A 1 -6.39 -10.27 17.58
C GLY A 1 -5.20 -9.53 16.99
N GLY A 2 -5.23 -8.19 17.08
CA GLY A 2 -4.16 -7.34 16.57
C GLY A 2 -4.39 -5.89 16.96
N SER A 3 -3.32 -5.23 17.41
CA SER A 3 -3.35 -3.84 17.84
C SER A 3 -3.00 -2.91 16.70
N PRO A 4 -3.35 -1.61 16.77
CA PRO A 4 -2.94 -0.63 15.79
C PRO A 4 -1.42 -0.47 15.80
N VAL A 5 -0.83 -0.36 14.61
CA VAL A 5 0.59 -0.19 14.41
C VAL A 5 0.84 0.82 13.30
N SER A 6 2.07 1.33 13.23
CA SER A 6 2.46 2.26 12.19
C SER A 6 2.77 1.51 10.90
N ILE A 7 2.15 1.94 9.81
CA ILE A 7 2.40 1.35 8.50
C ILE A 7 2.71 2.45 7.50
N LYS A 8 3.85 2.31 6.82
CA LYS A 8 4.29 3.26 5.80
C LYS A 8 3.95 2.73 4.43
N VAL A 9 3.98 3.61 3.43
CA VAL A 9 3.72 3.21 2.06
C VAL A 9 4.75 3.80 1.12
N GLN A 10 5.72 2.99 0.70
CA GLN A 10 6.74 3.35 -0.27
C GLN A 10 6.07 3.54 -1.64
N VAL A 11 5.45 4.71 -1.84
CA VAL A 11 4.81 5.09 -3.10
C VAL A 11 5.77 4.92 -4.28
N PRO A 12 5.25 4.60 -5.48
CA PRO A 12 6.05 4.47 -6.69
C PRO A 12 6.55 5.85 -7.13
N ASN A 13 7.43 5.89 -8.13
CA ASN A 13 7.99 7.16 -8.61
C ASN A 13 7.30 7.61 -9.91
N MET A 14 6.05 8.09 -9.79
CA MET A 14 5.24 8.48 -10.95
C MET A 14 4.53 9.81 -10.68
N GLN A 15 5.28 10.91 -10.72
CA GLN A 15 4.70 12.21 -10.42
C GLN A 15 4.27 12.95 -11.69
N ASP A 16 4.62 12.40 -12.86
CA ASP A 16 4.36 13.04 -14.14
C ASP A 16 3.35 12.25 -14.97
N LYS A 17 2.77 11.18 -14.42
CA LYS A 17 1.85 10.33 -15.17
C LYS A 17 0.53 11.03 -15.51
N THR A 18 -0.24 11.44 -14.49
CA THR A 18 -1.56 12.02 -14.74
C THR A 18 -1.84 13.28 -13.93
N GLU A 19 -2.20 13.15 -12.65
CA GLU A 19 -2.50 14.28 -11.79
C GLU A 19 -2.18 14.01 -10.32
N TRP A 20 -1.89 12.75 -9.97
CA TRP A 20 -1.55 12.34 -8.62
C TRP A 20 -0.15 12.83 -8.26
N LYS A 21 0.33 12.49 -7.06
CA LYS A 21 1.66 12.88 -6.62
C LYS A 21 2.48 11.71 -6.11
N LEU A 22 2.91 10.80 -6.99
CA LEU A 22 3.73 9.68 -6.59
C LEU A 22 5.19 10.05 -6.82
N ASN A 23 5.98 10.20 -5.74
CA ASN A 23 7.36 10.66 -5.86
C ASN A 23 8.32 9.82 -5.04
N GLY A 24 8.05 8.51 -4.95
CA GLY A 24 8.88 7.60 -4.18
C GLY A 24 8.80 7.84 -2.67
N GLN A 25 7.78 8.59 -2.22
CA GLN A 25 7.69 9.00 -0.82
C GLN A 25 7.12 7.87 0.04
N VAL A 26 7.16 8.03 1.36
CA VAL A 26 6.50 7.08 2.26
C VAL A 26 5.35 7.78 2.98
N LEU A 27 4.17 7.16 2.96
CA LEU A 27 3.02 7.67 3.66
C LEU A 27 2.74 6.79 4.87
N VAL A 28 2.82 7.36 6.08
CA VAL A 28 2.61 6.61 7.31
C VAL A 28 1.17 6.74 7.79
N PHE A 29 0.65 5.67 8.40
CA PHE A 29 -0.70 5.65 8.95
C PHE A 29 -0.70 4.76 10.19
N THR A 30 -1.84 4.64 10.85
CA THR A 30 -1.97 3.73 11.99
C THR A 30 -3.20 2.87 11.85
N LEU A 31 -3.03 1.54 11.80
CA LEU A 31 -4.12 0.59 11.58
C LEU A 31 -3.85 -0.70 12.35
N PRO A 32 -4.90 -1.41 12.76
CA PRO A 32 -4.81 -2.64 13.53
C PRO A 32 -4.20 -3.75 12.68
N LEU A 33 -3.54 -4.72 13.32
CA LEU A 33 -2.94 -5.79 12.56
C LEU A 33 -4.01 -6.68 11.92
N THR A 34 -5.27 -6.56 12.36
CA THR A 34 -6.35 -7.38 11.82
C THR A 34 -7.04 -6.70 10.66
N ASP A 35 -6.62 -5.49 10.30
CA ASP A 35 -7.13 -4.84 9.11
C ASP A 35 -6.48 -5.54 7.93
N GLN A 36 -7.27 -5.83 6.92
CA GLN A 36 -6.76 -6.33 5.66
C GLN A 36 -6.01 -5.19 4.98
N VAL A 37 -4.81 -5.46 4.46
CA VAL A 37 -3.95 -4.52 3.77
C VAL A 37 -4.73 -3.64 2.78
N SER A 38 -5.89 -4.11 2.31
CA SER A 38 -6.75 -3.33 1.42
C SER A 38 -7.00 -1.91 1.97
N VAL A 39 -6.94 -1.75 3.29
CA VAL A 39 -7.10 -0.45 3.92
C VAL A 39 -6.02 0.51 3.46
N ILE A 40 -4.78 0.02 3.33
CA ILE A 40 -3.65 0.84 2.91
C ILE A 40 -3.92 1.50 1.57
N LYS A 41 -4.47 0.76 0.60
CA LYS A 41 -4.69 1.28 -0.75
C LYS A 41 -5.54 2.55 -0.70
N VAL A 42 -6.48 2.61 0.25
CA VAL A 42 -7.33 3.77 0.43
C VAL A 42 -6.50 4.94 0.93
N LYS A 43 -5.53 4.65 1.79
CA LYS A 43 -4.71 5.68 2.42
C LYS A 43 -3.89 6.42 1.37
N ILE A 44 -3.43 5.73 0.33
CA ILE A 44 -2.71 6.37 -0.75
C ILE A 44 -3.62 7.26 -1.57
N HIS A 45 -4.88 6.83 -1.76
CA HIS A 45 -5.86 7.56 -2.54
C HIS A 45 -6.18 8.91 -1.89
N GLU A 46 -5.90 9.07 -0.60
CA GLU A 46 -6.08 10.36 0.06
C GLU A 46 -4.79 11.16 0.05
N ALA A 47 -3.65 10.46 0.05
CA ALA A 47 -2.35 11.09 0.13
C ALA A 47 -1.82 11.47 -1.26
N THR A 48 -2.46 11.00 -2.32
CA THR A 48 -1.98 11.21 -3.68
C THR A 48 -3.11 11.40 -4.68
N GLY A 49 -4.28 10.84 -4.38
CA GLY A 49 -5.45 10.94 -5.23
C GLY A 49 -5.54 9.79 -6.24
N MET A 50 -4.62 8.84 -6.17
CA MET A 50 -4.67 7.66 -7.04
C MET A 50 -5.62 6.62 -6.43
N PRO A 51 -6.57 6.09 -7.21
CA PRO A 51 -7.57 5.17 -6.71
C PRO A 51 -6.96 3.82 -6.37
N ALA A 52 -7.56 3.12 -5.39
CA ALA A 52 -7.08 1.84 -4.92
C ALA A 52 -7.25 0.75 -5.97
N GLY A 53 -8.09 1.00 -6.98
CA GLY A 53 -8.35 0.05 -8.05
C GLY A 53 -7.15 -0.16 -8.97
N LYS A 54 -6.08 0.64 -8.81
CA LYS A 54 -4.91 0.51 -9.66
C LYS A 54 -3.60 0.62 -8.88
N GLN A 55 -3.49 -0.13 -7.79
CA GLN A 55 -2.33 -0.11 -6.90
C GLN A 55 -1.86 -1.53 -6.60
N LYS A 56 -0.55 -1.71 -6.46
CA LYS A 56 0.05 -3.01 -6.17
C LYS A 56 0.61 -2.99 -4.76
N LEU A 57 0.29 -4.02 -3.96
CA LEU A 57 0.72 -4.09 -2.59
C LEU A 57 2.01 -4.90 -2.49
N GLN A 58 2.98 -4.38 -1.74
CA GLN A 58 4.22 -5.08 -1.44
C GLN A 58 4.70 -4.69 -0.05
N TYR A 59 5.37 -5.61 0.65
CA TYR A 59 5.91 -5.37 1.97
C TYR A 59 7.32 -5.95 2.03
N GLU A 60 8.31 -5.08 2.24
CA GLU A 60 9.72 -5.47 2.26
C GLU A 60 10.15 -6.23 1.00
N GLY A 61 9.47 -6.00 -0.12
CA GLY A 61 9.77 -6.69 -1.37
C GLY A 61 8.90 -7.92 -1.60
N ILE A 62 7.98 -8.20 -0.69
CA ILE A 62 7.04 -9.31 -0.82
C ILE A 62 5.71 -8.78 -1.32
N PHE A 63 5.29 -9.19 -2.53
CA PHE A 63 3.99 -8.81 -3.04
C PHE A 63 2.88 -9.39 -2.17
N ILE A 64 2.31 -8.53 -1.32
CA ILE A 64 1.21 -8.89 -0.44
C ILE A 64 -0.11 -8.72 -1.18
N LYS A 65 -1.17 -9.32 -0.62
CA LYS A 65 -2.51 -9.18 -1.17
C LYS A 65 -3.27 -8.11 -0.38
N ASP A 66 -4.39 -7.66 -0.93
CA ASP A 66 -5.24 -6.66 -0.29
C ASP A 66 -6.14 -7.35 0.72
N SER A 67 -6.37 -8.65 0.54
CA SER A 67 -7.23 -9.42 1.40
C SER A 67 -6.48 -9.94 2.64
N ASN A 68 -5.15 -9.97 2.60
CA ASN A 68 -4.36 -10.38 3.75
C ASN A 68 -4.30 -9.26 4.77
N SER A 69 -4.08 -9.61 6.04
CA SER A 69 -4.00 -8.62 7.11
C SER A 69 -2.55 -8.31 7.44
N LEU A 70 -2.31 -7.21 8.15
CA LEU A 70 -0.96 -6.83 8.54
C LEU A 70 -0.37 -7.90 9.48
N ALA A 71 -1.23 -8.51 10.32
CA ALA A 71 -0.81 -9.58 11.21
C ALA A 71 -0.33 -10.82 10.44
N TYR A 72 -0.89 -11.06 9.26
CA TYR A 72 -0.54 -12.22 8.46
C TYR A 72 0.86 -12.04 7.86
N TYR A 73 1.24 -10.80 7.56
CA TYR A 73 2.57 -10.48 7.07
C TYR A 73 3.50 -10.05 8.20
N ASN A 74 3.05 -10.22 9.45
CA ASN A 74 3.87 -9.96 10.62
C ASN A 74 4.32 -8.50 10.70
N MET A 75 3.59 -7.61 10.02
CA MET A 75 3.91 -6.20 9.99
C MET A 75 3.69 -5.59 11.38
N ALA A 76 4.40 -4.51 11.68
CA ALA A 76 4.33 -3.84 12.96
C ALA A 76 4.81 -2.41 12.82
N ASN A 77 4.83 -1.67 13.93
CA ASN A 77 5.24 -0.27 13.94
C ASN A 77 6.54 -0.10 13.16
N GLY A 78 6.48 0.72 12.11
CA GLY A 78 7.64 0.99 11.27
C GLY A 78 7.63 0.20 9.97
N ALA A 79 6.56 -0.58 9.71
CA ALA A 79 6.45 -1.39 8.51
C ALA A 79 6.42 -0.47 7.28
N VAL A 80 6.83 -1.01 6.13
CA VAL A 80 6.90 -0.24 4.88
C VAL A 80 6.28 -1.02 3.74
N ILE A 81 5.21 -0.47 3.15
CA ILE A 81 4.49 -1.12 2.06
C ILE A 81 4.84 -0.43 0.74
N HIS A 82 5.59 -1.10 -0.13
CA HIS A 82 5.95 -0.54 -1.42
C HIS A 82 4.72 -0.59 -2.32
N LEU A 83 4.31 0.59 -2.80
CA LEU A 83 3.19 0.73 -3.70
C LEU A 83 3.74 0.76 -5.13
N ALA A 84 3.04 0.10 -6.06
CA ALA A 84 3.41 0.13 -7.46
C ALA A 84 2.16 0.29 -8.30
N LEU A 85 2.29 0.87 -9.50
CA LEU A 85 1.15 1.00 -10.39
C LEU A 85 0.78 -0.37 -10.94
N LYS A 86 -0.48 -0.75 -10.78
CA LYS A 86 -1.02 -1.98 -11.33
C LYS A 86 -2.46 -1.72 -11.76
N GLU A 87 -2.67 -1.57 -13.06
CA GLU A 87 -3.98 -1.29 -13.63
C GLU A 87 -4.41 -2.36 -14.62
N ARG A 88 -3.64 -3.44 -14.71
CA ARG A 88 -3.92 -4.56 -15.61
C ARG A 88 -3.64 -5.88 -14.90
N GLY A 89 -4.23 -6.96 -15.41
CA GLY A 89 -4.03 -8.30 -14.86
C GLY A 89 -2.66 -8.88 -15.25
N GLY A 90 -2.39 -10.10 -14.80
CA GLY A 90 -1.13 -10.77 -15.09
C GLY A 90 0.04 -10.19 -14.30
N ARG A 91 1.27 -10.47 -14.74
CA ARG A 91 2.49 -10.00 -14.08
C ARG A 91 3.62 -9.85 -15.10
N LYS A 92 4.68 -9.12 -14.71
CA LYS A 92 5.84 -8.90 -15.54
C LYS A 92 6.66 -10.18 -15.68
N LYS A 93 7.54 -10.23 -16.69
CA LYS A 93 8.40 -11.39 -16.95
C LYS A 93 9.40 -11.57 -15.82
N GLY A 1 -2.66 -7.98 20.69
CA GLY A 1 -2.88 -8.74 19.44
C GLY A 1 -3.90 -8.05 18.56
N GLY A 2 -3.58 -7.88 17.27
CA GLY A 2 -4.45 -7.20 16.31
C GLY A 2 -4.49 -5.70 16.56
N SER A 3 -3.54 -5.19 17.35
CA SER A 3 -3.52 -3.81 17.80
C SER A 3 -3.06 -2.88 16.70
N PRO A 4 -3.38 -1.58 16.78
CA PRO A 4 -2.95 -0.60 15.79
C PRO A 4 -1.44 -0.45 15.80
N VAL A 5 -0.87 -0.33 14.60
CA VAL A 5 0.57 -0.14 14.41
C VAL A 5 0.82 0.85 13.29
N SER A 6 2.04 1.37 13.23
CA SER A 6 2.43 2.31 12.19
C SER A 6 2.76 1.55 10.91
N ILE A 7 2.15 1.97 9.80
CA ILE A 7 2.42 1.38 8.50
C ILE A 7 2.73 2.47 7.49
N LYS A 8 3.86 2.33 6.80
CA LYS A 8 4.31 3.27 5.79
C LYS A 8 3.95 2.71 4.42
N VAL A 9 3.97 3.59 3.42
CA VAL A 9 3.71 3.18 2.05
C VAL A 9 4.74 3.77 1.11
N GLN A 10 5.71 2.96 0.70
CA GLN A 10 6.73 3.30 -0.27
C GLN A 10 6.07 3.49 -1.64
N VAL A 11 5.45 4.66 -1.84
CA VAL A 11 4.82 5.03 -3.11
C VAL A 11 5.78 4.87 -4.28
N PRO A 12 5.26 4.55 -5.48
CA PRO A 12 6.06 4.43 -6.69
C PRO A 12 6.58 5.80 -7.13
N ASN A 13 7.44 5.85 -8.14
CA ASN A 13 8.02 7.10 -8.60
C ASN A 13 7.34 7.59 -9.89
N MET A 14 6.11 8.09 -9.76
CA MET A 14 5.31 8.53 -10.90
C MET A 14 4.62 9.87 -10.57
N GLN A 15 5.39 10.96 -10.56
CA GLN A 15 4.86 12.26 -10.14
C GLN A 15 4.10 12.96 -11.27
N ASP A 16 4.51 12.70 -12.52
CA ASP A 16 4.06 13.43 -13.68
C ASP A 16 3.10 12.63 -14.56
N LYS A 17 2.72 11.41 -14.15
CA LYS A 17 1.93 10.54 -15.00
C LYS A 17 0.57 11.13 -15.39
N THR A 18 -0.25 11.50 -14.41
CA THR A 18 -1.58 12.01 -14.72
C THR A 18 -1.96 13.25 -13.92
N GLU A 19 -2.30 13.10 -12.64
CA GLU A 19 -2.66 14.22 -11.78
C GLU A 19 -2.30 13.95 -10.31
N TRP A 20 -1.98 12.70 -9.99
CA TRP A 20 -1.59 12.29 -8.65
C TRP A 20 -0.18 12.78 -8.32
N LYS A 21 0.33 12.43 -7.13
CA LYS A 21 1.68 12.81 -6.74
C LYS A 21 2.45 11.60 -6.18
N LEU A 22 2.96 10.74 -7.07
CA LEU A 22 3.77 9.61 -6.62
C LEU A 22 5.24 9.98 -6.84
N ASN A 23 6.03 10.06 -5.77
CA ASN A 23 7.42 10.54 -5.88
C ASN A 23 8.38 9.70 -5.05
N GLY A 24 8.09 8.41 -4.92
CA GLY A 24 8.93 7.50 -4.15
C GLY A 24 8.82 7.77 -2.65
N GLN A 25 7.80 8.51 -2.23
CA GLN A 25 7.68 8.96 -0.84
C GLN A 25 7.08 7.85 0.03
N VAL A 26 7.19 7.97 1.35
CA VAL A 26 6.50 7.06 2.24
C VAL A 26 5.34 7.76 2.93
N LEU A 27 4.17 7.12 2.92
CA LEU A 27 3.01 7.66 3.62
C LEU A 27 2.72 6.79 4.83
N VAL A 28 2.83 7.36 6.03
CA VAL A 28 2.63 6.62 7.27
C VAL A 28 1.20 6.75 7.76
N PHE A 29 0.67 5.69 8.37
CA PHE A 29 -0.67 5.68 8.93
C PHE A 29 -0.68 4.80 10.17
N THR A 30 -1.84 4.68 10.83
CA THR A 30 -1.96 3.79 11.98
C THR A 30 -3.21 2.92 11.84
N LEU A 31 -3.04 1.60 11.80
CA LEU A 31 -4.13 0.67 11.60
C LEU A 31 -3.88 -0.63 12.36
N PRO A 32 -4.95 -1.34 12.76
CA PRO A 32 -4.87 -2.58 13.51
C PRO A 32 -4.27 -3.67 12.65
N LEU A 33 -3.60 -4.64 13.26
CA LEU A 33 -2.98 -5.69 12.48
C LEU A 33 -4.03 -6.59 11.81
N THR A 34 -5.31 -6.46 12.20
CA THR A 34 -6.38 -7.27 11.64
C THR A 34 -7.08 -6.59 10.47
N ASP A 35 -6.68 -5.36 10.14
CA ASP A 35 -7.26 -4.64 9.02
C ASP A 35 -6.60 -5.11 7.74
N GLN A 36 -7.29 -5.93 6.96
CA GLN A 36 -6.81 -6.37 5.67
C GLN A 36 -6.11 -5.22 4.95
N VAL A 37 -4.88 -5.46 4.48
CA VAL A 37 -4.00 -4.53 3.78
C VAL A 37 -4.77 -3.66 2.79
N SER A 38 -5.94 -4.11 2.31
CA SER A 38 -6.79 -3.32 1.41
C SER A 38 -7.03 -1.92 1.96
N VAL A 39 -6.96 -1.75 3.29
CA VAL A 39 -7.11 -0.44 3.91
C VAL A 39 -6.01 0.52 3.45
N ILE A 40 -4.78 0.02 3.32
CA ILE A 40 -3.65 0.82 2.90
C ILE A 40 -3.92 1.50 1.56
N LYS A 41 -4.50 0.76 0.60
CA LYS A 41 -4.71 1.28 -0.75
C LYS A 41 -5.56 2.55 -0.71
N VAL A 42 -6.48 2.63 0.25
CA VAL A 42 -7.33 3.80 0.42
C VAL A 42 -6.49 4.96 0.92
N LYS A 43 -5.52 4.66 1.80
CA LYS A 43 -4.70 5.68 2.41
C LYS A 43 -3.87 6.42 1.37
N ILE A 44 -3.42 5.72 0.32
CA ILE A 44 -2.69 6.36 -0.77
C ILE A 44 -3.61 7.26 -1.58
N HIS A 45 -4.86 6.83 -1.76
CA HIS A 45 -5.84 7.57 -2.55
C HIS A 45 -6.14 8.93 -1.91
N GLU A 46 -5.86 9.08 -0.61
CA GLU A 46 -6.03 10.38 0.05
C GLU A 46 -4.73 11.17 0.01
N ALA A 47 -3.60 10.47 0.01
CA ALA A 47 -2.29 11.10 0.09
C ALA A 47 -1.78 11.47 -1.30
N THR A 48 -2.43 10.98 -2.35
CA THR A 48 -1.96 11.20 -3.72
C THR A 48 -3.10 11.37 -4.71
N GLY A 49 -4.27 10.82 -4.39
CA GLY A 49 -5.43 10.92 -5.26
C GLY A 49 -5.53 9.76 -6.25
N MET A 50 -4.61 8.81 -6.18
CA MET A 50 -4.66 7.63 -7.04
C MET A 50 -5.62 6.59 -6.45
N PRO A 51 -6.57 6.06 -7.23
CA PRO A 51 -7.57 5.15 -6.73
C PRO A 51 -6.96 3.80 -6.39
N ALA A 52 -7.56 3.12 -5.40
CA ALA A 52 -7.09 1.83 -4.92
C ALA A 52 -7.26 0.74 -5.98
N GLY A 53 -8.09 0.99 -6.99
CA GLY A 53 -8.36 0.03 -8.04
C GLY A 53 -7.16 -0.19 -8.96
N LYS A 54 -6.09 0.60 -8.81
CA LYS A 54 -4.91 0.46 -9.65
C LYS A 54 -3.61 0.58 -8.87
N GLN A 55 -3.48 -0.17 -7.77
CA GLN A 55 -2.32 -0.15 -6.90
C GLN A 55 -1.86 -1.56 -6.58
N LYS A 56 -0.55 -1.75 -6.45
CA LYS A 56 0.04 -3.04 -6.16
C LYS A 56 0.61 -3.03 -4.74
N LEU A 57 0.28 -4.05 -3.95
CA LEU A 57 0.71 -4.13 -2.57
C LEU A 57 2.00 -4.94 -2.48
N GLN A 58 2.96 -4.42 -1.73
CA GLN A 58 4.20 -5.12 -1.43
C GLN A 58 4.68 -4.74 -0.04
N TYR A 59 5.36 -5.65 0.66
CA TYR A 59 5.91 -5.41 1.99
C TYR A 59 7.32 -5.98 2.03
N GLU A 60 8.31 -5.11 2.25
CA GLU A 60 9.72 -5.49 2.27
C GLU A 60 10.15 -6.26 1.01
N GLY A 61 9.46 -6.04 -0.12
CA GLY A 61 9.76 -6.74 -1.37
C GLY A 61 8.89 -7.96 -1.60
N ILE A 62 7.97 -8.25 -0.68
CA ILE A 62 7.02 -9.35 -0.81
C ILE A 62 5.69 -8.82 -1.31
N PHE A 63 5.27 -9.23 -2.51
CA PHE A 63 3.96 -8.86 -3.02
C PHE A 63 2.86 -9.44 -2.16
N ILE A 64 2.29 -8.59 -1.30
CA ILE A 64 1.18 -8.92 -0.43
C ILE A 64 -0.15 -8.74 -1.17
N LYS A 65 -1.20 -9.33 -0.62
CA LYS A 65 -2.54 -9.19 -1.17
C LYS A 65 -3.29 -8.12 -0.38
N ASP A 66 -4.42 -7.66 -0.93
CA ASP A 66 -5.26 -6.67 -0.28
C ASP A 66 -6.15 -7.35 0.74
N SER A 67 -6.40 -8.64 0.55
CA SER A 67 -7.24 -9.44 1.41
C SER A 67 -6.50 -9.95 2.64
N ASN A 68 -5.17 -9.99 2.59
CA ASN A 68 -4.36 -10.40 3.73
C ASN A 68 -4.27 -9.26 4.74
N SER A 69 -4.01 -9.58 6.01
CA SER A 69 -3.90 -8.60 7.07
C SER A 69 -2.44 -8.34 7.42
N LEU A 70 -2.20 -7.28 8.19
CA LEU A 70 -0.84 -6.90 8.59
C LEU A 70 -0.27 -7.96 9.52
N ALA A 71 -1.11 -8.55 10.39
CA ALA A 71 -0.68 -9.61 11.29
C ALA A 71 -0.23 -10.86 10.52
N TYR A 72 -0.78 -11.08 9.33
CA TYR A 72 -0.42 -12.24 8.52
C TYR A 72 0.94 -12.05 7.87
N TYR A 73 1.31 -10.80 7.57
CA TYR A 73 2.62 -10.47 7.03
C TYR A 73 3.58 -10.01 8.13
N ASN A 74 3.21 -10.21 9.40
CA ASN A 74 4.06 -9.93 10.56
C ASN A 74 4.42 -8.44 10.67
N MET A 75 3.67 -7.59 9.98
CA MET A 75 3.97 -6.18 9.96
C MET A 75 3.73 -5.58 11.35
N ALA A 76 4.42 -4.49 11.65
CA ALA A 76 4.34 -3.81 12.93
C ALA A 76 4.81 -2.36 12.78
N ASN A 77 4.81 -1.62 13.89
CA ASN A 77 5.20 -0.23 13.90
C ASN A 77 6.50 -0.03 13.11
N GLY A 78 6.43 0.79 12.08
CA GLY A 78 7.58 1.10 11.23
C GLY A 78 7.58 0.28 9.93
N ALA A 79 6.55 -0.53 9.70
CA ALA A 79 6.45 -1.36 8.50
C ALA A 79 6.42 -0.47 7.25
N VAL A 80 6.83 -1.01 6.11
CA VAL A 80 6.90 -0.25 4.86
C VAL A 80 6.27 -1.05 3.73
N ILE A 81 5.20 -0.50 3.14
CA ILE A 81 4.48 -1.15 2.06
C ILE A 81 4.83 -0.47 0.74
N HIS A 82 5.58 -1.15 -0.13
CA HIS A 82 5.96 -0.59 -1.41
C HIS A 82 4.73 -0.63 -2.31
N LEU A 83 4.32 0.54 -2.80
CA LEU A 83 3.19 0.67 -3.70
C LEU A 83 3.73 0.70 -5.13
N ALA A 84 3.03 0.07 -6.06
CA ALA A 84 3.41 0.08 -7.46
C ALA A 84 2.15 0.27 -8.31
N LEU A 85 2.29 0.83 -9.51
CA LEU A 85 1.14 0.95 -10.39
C LEU A 85 0.78 -0.42 -10.94
N LYS A 86 -0.49 -0.79 -10.77
CA LYS A 86 -1.03 -2.03 -11.32
C LYS A 86 -2.46 -1.77 -11.75
N GLU A 87 -2.69 -1.62 -13.05
CA GLU A 87 -4.03 -1.37 -13.59
C GLU A 87 -4.43 -2.45 -14.60
N ARG A 88 -3.48 -3.33 -14.97
CA ARG A 88 -3.72 -4.36 -15.97
C ARG A 88 -3.98 -5.71 -15.31
N GLY A 89 -4.55 -6.65 -16.08
CA GLY A 89 -4.84 -7.99 -15.60
C GLY A 89 -3.57 -8.84 -15.47
N GLY A 90 -3.74 -10.08 -15.03
CA GLY A 90 -2.63 -11.01 -14.87
C GLY A 90 -2.08 -11.49 -16.21
N ARG A 91 -0.94 -12.18 -16.18
CA ARG A 91 -0.30 -12.71 -17.38
C ARG A 91 -1.10 -13.85 -17.99
N LYS A 92 -0.81 -14.17 -19.25
CA LYS A 92 -1.48 -15.26 -19.97
C LYS A 92 -1.06 -16.61 -19.41
N LYS A 93 -1.96 -17.60 -19.50
CA LYS A 93 -1.76 -18.97 -19.04
C LYS A 93 -1.21 -19.01 -17.61
N GLY A 1 -7.14 -9.09 20.00
CA GLY A 1 -6.68 -9.35 18.63
C GLY A 1 -5.50 -8.47 18.26
N GLY A 2 -5.32 -8.19 16.97
CA GLY A 2 -4.25 -7.34 16.47
C GLY A 2 -4.47 -5.89 16.87
N SER A 3 -3.41 -5.24 17.36
CA SER A 3 -3.44 -3.85 17.80
C SER A 3 -3.05 -2.90 16.66
N PRO A 4 -3.40 -1.62 16.76
CA PRO A 4 -2.97 -0.62 15.79
C PRO A 4 -1.46 -0.46 15.80
N VAL A 5 -0.88 -0.34 14.61
CA VAL A 5 0.56 -0.16 14.43
C VAL A 5 0.80 0.82 13.30
N SER A 6 2.02 1.35 13.23
CA SER A 6 2.42 2.28 12.19
C SER A 6 2.75 1.53 10.90
N ILE A 7 2.13 1.95 9.81
CA ILE A 7 2.40 1.37 8.51
C ILE A 7 2.72 2.46 7.51
N LYS A 8 3.85 2.33 6.83
CA LYS A 8 4.29 3.26 5.80
C LYS A 8 3.93 2.72 4.44
N VAL A 9 3.97 3.60 3.44
CA VAL A 9 3.70 3.20 2.07
C VAL A 9 4.74 3.78 1.12
N GLN A 10 5.71 2.96 0.71
CA GLN A 10 6.73 3.32 -0.26
C GLN A 10 6.06 3.52 -1.64
N VAL A 11 5.45 4.68 -1.82
CA VAL A 11 4.81 5.07 -3.08
C VAL A 11 5.77 4.89 -4.27
N PRO A 12 5.25 4.58 -5.47
CA PRO A 12 6.04 4.45 -6.68
C PRO A 12 6.55 5.83 -7.13
N ASN A 13 7.43 5.86 -8.12
CA ASN A 13 7.99 7.13 -8.59
C ASN A 13 7.30 7.57 -9.89
N MET A 14 6.06 8.05 -9.77
CA MET A 14 5.25 8.44 -10.92
C MET A 14 4.55 9.77 -10.66
N GLN A 15 5.28 10.88 -10.71
CA GLN A 15 4.71 12.19 -10.42
C GLN A 15 4.30 12.94 -11.69
N ASP A 16 4.66 12.41 -12.85
CA ASP A 16 4.40 13.04 -14.13
C ASP A 16 3.37 12.27 -14.96
N LYS A 17 2.80 11.19 -14.40
CA LYS A 17 1.87 10.34 -15.15
C LYS A 17 0.57 11.04 -15.48
N THR A 18 -0.21 11.44 -14.47
CA THR A 18 -1.52 12.01 -14.74
C THR A 18 -1.82 13.28 -13.92
N GLU A 19 -2.17 13.14 -12.64
CA GLU A 19 -2.49 14.28 -11.78
C GLU A 19 -2.14 14.01 -10.31
N TRP A 20 -1.89 12.75 -9.96
CA TRP A 20 -1.53 12.35 -8.60
C TRP A 20 -0.13 12.83 -8.25
N LYS A 21 0.35 12.48 -7.06
CA LYS A 21 1.68 12.90 -6.61
C LYS A 21 2.51 11.72 -6.10
N LEU A 22 2.92 10.81 -6.97
CA LEU A 22 3.73 9.67 -6.56
C LEU A 22 5.20 10.02 -6.80
N ASN A 23 5.98 10.20 -5.73
CA ASN A 23 7.36 10.65 -5.85
C ASN A 23 8.31 9.80 -5.01
N GLY A 24 8.04 8.48 -4.93
CA GLY A 24 8.87 7.57 -4.17
C GLY A 24 8.79 7.79 -2.66
N GLN A 25 7.78 8.54 -2.20
CA GLN A 25 7.70 8.95 -0.79
C GLN A 25 7.11 7.83 0.06
N VAL A 26 7.17 7.98 1.39
CA VAL A 26 6.49 7.06 2.28
C VAL A 26 5.33 7.77 2.98
N LEU A 27 4.16 7.14 2.97
CA LEU A 27 3.00 7.67 3.66
C LEU A 27 2.72 6.78 4.87
N VAL A 28 2.81 7.35 6.07
CA VAL A 28 2.62 6.60 7.31
C VAL A 28 1.18 6.75 7.80
N PHE A 29 0.65 5.67 8.40
CA PHE A 29 -0.69 5.66 8.96
C PHE A 29 -0.70 4.78 10.19
N THR A 30 -1.84 4.66 10.86
CA THR A 30 -1.97 3.76 12.00
C THR A 30 -3.21 2.90 11.85
N LEU A 31 -3.04 1.57 11.81
CA LEU A 31 -4.13 0.64 11.59
C LEU A 31 -3.87 -0.66 12.35
N PRO A 32 -4.93 -1.37 12.76
CA PRO A 32 -4.83 -2.61 13.51
C PRO A 32 -4.23 -3.71 12.65
N LEU A 33 -3.57 -4.68 13.27
CA LEU A 33 -2.96 -5.75 12.50
C LEU A 33 -4.02 -6.62 11.83
N THR A 34 -5.29 -6.48 12.21
CA THR A 34 -6.36 -7.30 11.65
C THR A 34 -7.06 -6.62 10.47
N ASP A 35 -6.66 -5.40 10.14
CA ASP A 35 -7.23 -4.67 9.03
C ASP A 35 -6.58 -5.14 7.74
N GLN A 36 -7.28 -5.94 6.95
CA GLN A 36 -6.79 -6.39 5.67
C GLN A 36 -6.09 -5.23 4.95
N VAL A 37 -4.86 -5.47 4.48
CA VAL A 37 -3.98 -4.53 3.79
C VAL A 37 -4.76 -3.66 2.79
N SER A 38 -5.91 -4.11 2.31
CA SER A 38 -6.77 -3.34 1.42
C SER A 38 -7.01 -1.93 1.98
N VAL A 39 -6.96 -1.76 3.30
CA VAL A 39 -7.11 -0.45 3.93
C VAL A 39 -6.02 0.51 3.46
N ILE A 40 -4.78 0.02 3.33
CA ILE A 40 -3.66 0.83 2.91
C ILE A 40 -3.93 1.50 1.57
N LYS A 41 -4.50 0.76 0.61
CA LYS A 41 -4.71 1.29 -0.74
C LYS A 41 -5.57 2.55 -0.69
N VAL A 42 -6.49 2.62 0.27
CA VAL A 42 -7.35 3.78 0.44
C VAL A 42 -6.51 4.95 0.94
N LYS A 43 -5.55 4.65 1.81
CA LYS A 43 -4.73 5.68 2.42
C LYS A 43 -3.91 6.43 1.39
N ILE A 44 -3.45 5.72 0.35
CA ILE A 44 -2.72 6.37 -0.75
C ILE A 44 -3.64 7.26 -1.57
N HIS A 45 -4.89 6.84 -1.75
CA HIS A 45 -5.87 7.57 -2.54
C HIS A 45 -6.18 8.92 -1.90
N GLU A 46 -5.90 9.07 -0.60
CA GLU A 46 -6.07 10.36 0.06
C GLU A 46 -4.78 11.16 0.05
N ALA A 47 -3.65 10.46 0.05
CA ALA A 47 -2.34 11.08 0.14
C ALA A 47 -1.81 11.47 -1.25
N THR A 48 -2.46 11.00 -2.31
CA THR A 48 -1.98 11.23 -3.68
C THR A 48 -3.11 11.42 -4.67
N GLY A 49 -4.28 10.85 -4.38
CA GLY A 49 -5.45 10.97 -5.24
C GLY A 49 -5.55 9.80 -6.24
N MET A 50 -4.62 8.84 -6.17
CA MET A 50 -4.68 7.66 -7.02
C MET A 50 -5.63 6.63 -6.43
N PRO A 51 -6.58 6.10 -7.20
CA PRO A 51 -7.59 5.19 -6.70
C PRO A 51 -6.98 3.83 -6.35
N ALA A 52 -7.57 3.15 -5.37
CA ALA A 52 -7.11 1.86 -4.90
C ALA A 52 -7.28 0.77 -5.96
N GLY A 53 -8.11 1.02 -6.97
CA GLY A 53 -8.38 0.06 -8.02
C GLY A 53 -7.17 -0.16 -8.94
N LYS A 54 -6.11 0.64 -8.80
CA LYS A 54 -4.93 0.51 -9.64
C LYS A 54 -3.62 0.62 -8.86
N GLN A 55 -3.52 -0.14 -7.76
CA GLN A 55 -2.35 -0.11 -6.89
C GLN A 55 -1.89 -1.53 -6.58
N LYS A 56 -0.58 -1.72 -6.44
CA LYS A 56 0.02 -3.01 -6.14
C LYS A 56 0.58 -3.00 -4.73
N LEU A 57 0.26 -4.02 -3.94
CA LEU A 57 0.70 -4.10 -2.57
C LEU A 57 1.99 -4.90 -2.47
N GLN A 58 2.97 -4.38 -1.73
CA GLN A 58 4.20 -5.08 -1.44
C GLN A 58 4.68 -4.69 -0.05
N TYR A 59 5.37 -5.61 0.64
CA TYR A 59 5.92 -5.37 1.97
C TYR A 59 7.32 -5.95 2.01
N GLU A 60 8.31 -5.08 2.24
CA GLU A 60 9.72 -5.46 2.25
C GLU A 60 10.15 -6.22 0.99
N GLY A 61 9.47 -6.01 -0.14
CA GLY A 61 9.78 -6.68 -1.39
C GLY A 61 8.91 -7.91 -1.62
N ILE A 62 7.99 -8.21 -0.70
CA ILE A 62 7.05 -9.31 -0.84
C ILE A 62 5.71 -8.78 -1.33
N PHE A 63 5.28 -9.19 -2.52
CA PHE A 63 3.98 -8.81 -3.04
C PHE A 63 2.88 -9.40 -2.16
N ILE A 64 2.31 -8.54 -1.31
CA ILE A 64 1.20 -8.90 -0.43
C ILE A 64 -0.12 -8.72 -1.16
N LYS A 65 -1.18 -9.31 -0.62
CA LYS A 65 -2.52 -9.18 -1.16
C LYS A 65 -3.27 -8.12 -0.37
N ASP A 66 -4.39 -7.66 -0.92
CA ASP A 66 -5.24 -6.67 -0.28
C ASP A 66 -6.14 -7.35 0.74
N SER A 67 -6.39 -8.65 0.54
CA SER A 67 -7.23 -9.44 1.41
C SER A 67 -6.48 -9.95 2.64
N ASN A 68 -5.14 -9.98 2.58
CA ASN A 68 -4.34 -10.38 3.72
C ASN A 68 -4.26 -9.26 4.73
N SER A 69 -3.99 -9.58 6.00
CA SER A 69 -3.88 -8.60 7.07
C SER A 69 -2.43 -8.34 7.44
N LEU A 70 -2.18 -7.26 8.17
CA LEU A 70 -0.84 -6.89 8.58
C LEU A 70 -0.25 -7.97 9.50
N ALA A 71 -1.10 -8.57 10.35
CA ALA A 71 -0.68 -9.65 11.25
C ALA A 71 -0.22 -10.87 10.47
N TYR A 72 -0.79 -11.11 9.28
CA TYR A 72 -0.44 -12.26 8.47
C TYR A 72 0.94 -12.09 7.85
N TYR A 73 1.33 -10.84 7.56
CA TYR A 73 2.65 -10.50 7.06
C TYR A 73 3.58 -10.07 8.19
N ASN A 74 3.14 -10.24 9.45
CA ASN A 74 3.97 -9.98 10.61
C ASN A 74 4.40 -8.52 10.69
N MET A 75 3.68 -7.63 10.01
CA MET A 75 3.99 -6.21 9.99
C MET A 75 3.75 -5.63 11.38
N ALA A 76 4.44 -4.52 11.67
CA ALA A 76 4.34 -3.84 12.95
C ALA A 76 4.81 -2.40 12.81
N ASN A 77 4.82 -1.65 13.92
CA ASN A 77 5.20 -0.24 13.91
C ASN A 77 6.50 -0.06 13.13
N GLY A 78 6.43 0.77 12.08
CA GLY A 78 7.57 1.07 11.24
C GLY A 78 7.58 0.26 9.95
N ALA A 79 6.54 -0.55 9.71
CA ALA A 79 6.45 -1.37 8.51
C ALA A 79 6.42 -0.48 7.27
N VAL A 80 6.84 -1.02 6.12
CA VAL A 80 6.89 -0.26 4.87
C VAL A 80 6.26 -1.04 3.73
N ILE A 81 5.19 -0.49 3.15
CA ILE A 81 4.48 -1.13 2.06
C ILE A 81 4.81 -0.44 0.74
N HIS A 82 5.57 -1.12 -0.13
CA HIS A 82 5.94 -0.55 -1.42
C HIS A 82 4.71 -0.59 -2.32
N LEU A 83 4.29 0.58 -2.79
CA LEU A 83 3.17 0.72 -3.70
C LEU A 83 3.71 0.75 -5.12
N ALA A 84 3.01 0.10 -6.04
CA ALA A 84 3.37 0.11 -7.45
C ALA A 84 2.11 0.29 -8.29
N LEU A 85 2.25 0.87 -9.50
CA LEU A 85 1.10 0.99 -10.37
C LEU A 85 0.75 -0.39 -10.92
N LYS A 86 -0.52 -0.75 -10.77
CA LYS A 86 -1.07 -1.99 -11.30
C LYS A 86 -2.49 -1.71 -11.75
N GLU A 87 -2.70 -1.57 -13.06
CA GLU A 87 -4.00 -1.26 -13.63
C GLU A 87 -4.44 -2.33 -14.64
N ARG A 88 -3.69 -3.43 -14.73
CA ARG A 88 -3.97 -4.54 -15.63
C ARG A 88 -3.76 -5.87 -14.92
N GLY A 89 -4.30 -6.94 -15.50
CA GLY A 89 -4.17 -8.29 -14.96
C GLY A 89 -4.80 -9.31 -15.91
N GLY A 90 -4.53 -10.60 -15.69
CA GLY A 90 -5.05 -11.68 -16.51
C GLY A 90 -4.41 -11.73 -17.89
N ARG A 91 -3.36 -10.93 -18.12
CA ARG A 91 -2.68 -10.86 -19.40
C ARG A 91 -1.83 -12.10 -19.67
N LYS A 92 -1.71 -13.01 -18.69
CA LYS A 92 -0.94 -14.24 -18.81
C LYS A 92 -1.52 -15.30 -17.88
N LYS A 93 -1.35 -16.57 -18.23
CA LYS A 93 -1.83 -17.71 -17.45
C LYS A 93 -0.97 -18.93 -17.73
N GLY A 1 -6.64 -9.64 20.10
CA GLY A 1 -6.66 -9.30 18.67
C GLY A 1 -5.49 -8.41 18.28
N GLY A 2 -5.31 -8.18 16.98
CA GLY A 2 -4.23 -7.34 16.47
C GLY A 2 -4.46 -5.88 16.85
N SER A 3 -3.40 -5.24 17.35
CA SER A 3 -3.45 -3.85 17.80
C SER A 3 -3.05 -2.91 16.66
N PRO A 4 -3.39 -1.61 16.76
CA PRO A 4 -2.98 -0.63 15.78
C PRO A 4 -1.45 -0.47 15.80
N VAL A 5 -0.87 -0.35 14.61
CA VAL A 5 0.57 -0.16 14.43
C VAL A 5 0.82 0.82 13.29
N SER A 6 2.03 1.35 13.24
CA SER A 6 2.44 2.27 12.20
C SER A 6 2.75 1.53 10.90
N ILE A 7 2.14 1.95 9.81
CA ILE A 7 2.39 1.36 8.50
C ILE A 7 2.71 2.46 7.51
N LYS A 8 3.84 2.32 6.83
CA LYS A 8 4.28 3.26 5.82
C LYS A 8 3.94 2.73 4.44
N VAL A 9 3.98 3.60 3.45
CA VAL A 9 3.71 3.22 2.07
C VAL A 9 4.75 3.80 1.12
N GLN A 10 5.72 2.99 0.71
CA GLN A 10 6.72 3.35 -0.26
C GLN A 10 6.06 3.54 -1.63
N VAL A 11 5.46 4.71 -1.83
CA VAL A 11 4.83 5.10 -3.09
C VAL A 11 5.78 4.90 -4.28
N PRO A 12 5.26 4.58 -5.47
CA PRO A 12 6.06 4.44 -6.68
C PRO A 12 6.58 5.80 -7.13
N ASN A 13 7.49 5.83 -8.10
CA ASN A 13 8.05 7.08 -8.59
C ASN A 13 7.37 7.50 -9.90
N MET A 14 6.15 8.03 -9.79
CA MET A 14 5.35 8.43 -10.95
C MET A 14 4.71 9.79 -10.69
N GLN A 15 5.50 10.87 -10.81
CA GLN A 15 5.01 12.20 -10.51
C GLN A 15 4.44 12.90 -11.74
N ASP A 16 4.81 12.44 -12.93
CA ASP A 16 4.44 13.09 -14.18
C ASP A 16 3.37 12.32 -14.95
N LYS A 17 2.85 11.22 -14.38
CA LYS A 17 1.92 10.36 -15.11
C LYS A 17 0.61 11.04 -15.46
N THR A 18 -0.18 11.45 -14.46
CA THR A 18 -1.52 12.00 -14.75
C THR A 18 -1.83 13.27 -13.94
N GLU A 19 -2.16 13.12 -12.66
CA GLU A 19 -2.53 14.26 -11.80
C GLU A 19 -2.23 14.00 -10.33
N TRP A 20 -1.97 12.73 -9.97
CA TRP A 20 -1.64 12.33 -8.61
C TRP A 20 -0.23 12.81 -8.24
N LYS A 21 0.24 12.48 -7.03
CA LYS A 21 1.58 12.86 -6.62
C LYS A 21 2.37 11.65 -6.09
N LEU A 22 2.90 10.84 -6.99
CA LEU A 22 3.73 9.71 -6.59
C LEU A 22 5.18 10.11 -6.85
N ASN A 23 6.03 10.12 -5.81
CA ASN A 23 7.41 10.57 -5.95
C ASN A 23 8.37 9.76 -5.08
N GLY A 24 8.09 8.46 -4.94
CA GLY A 24 8.93 7.57 -4.15
C GLY A 24 8.83 7.84 -2.64
N GLN A 25 7.82 8.59 -2.19
CA GLN A 25 7.71 8.98 -0.81
C GLN A 25 7.12 7.87 0.04
N VAL A 26 7.16 8.01 1.37
CA VAL A 26 6.50 7.07 2.26
C VAL A 26 5.35 7.78 2.98
N LEU A 27 4.17 7.16 2.96
CA LEU A 27 3.01 7.68 3.67
C LEU A 27 2.72 6.79 4.88
N VAL A 28 2.80 7.37 6.08
CA VAL A 28 2.60 6.61 7.31
C VAL A 28 1.16 6.74 7.79
N PHE A 29 0.64 5.67 8.39
CA PHE A 29 -0.70 5.66 8.95
C PHE A 29 -0.71 4.77 10.19
N THR A 30 -1.86 4.65 10.86
CA THR A 30 -1.97 3.76 12.00
C THR A 30 -3.21 2.88 11.86
N LEU A 31 -3.03 1.56 11.80
CA LEU A 31 -4.12 0.62 11.59
C LEU A 31 -3.85 -0.68 12.34
N PRO A 32 -4.92 -1.39 12.75
CA PRO A 32 -4.83 -2.62 13.51
C PRO A 32 -4.23 -3.73 12.65
N LEU A 33 -3.57 -4.70 13.28
CA LEU A 33 -2.95 -5.77 12.50
C LEU A 33 -4.00 -6.64 11.82
N THR A 34 -5.27 -6.52 12.21
CA THR A 34 -6.34 -7.34 11.63
C THR A 34 -7.03 -6.67 10.45
N ASP A 35 -6.65 -5.43 10.13
CA ASP A 35 -7.22 -4.70 9.02
C ASP A 35 -6.57 -5.17 7.73
N GLN A 36 -7.29 -5.96 6.94
CA GLN A 36 -6.79 -6.40 5.65
C GLN A 36 -6.09 -5.24 4.93
N VAL A 37 -4.86 -5.48 4.46
CA VAL A 37 -3.99 -4.53 3.78
C VAL A 37 -4.75 -3.65 2.79
N SER A 38 -5.90 -4.10 2.30
CA SER A 38 -6.76 -3.32 1.41
C SER A 38 -7.00 -1.91 1.97
N VAL A 39 -6.95 -1.75 3.30
CA VAL A 39 -7.11 -0.46 3.94
C VAL A 39 -6.02 0.51 3.47
N ILE A 40 -4.79 0.02 3.34
CA ILE A 40 -3.66 0.83 2.91
C ILE A 40 -3.94 1.51 1.57
N LYS A 41 -4.50 0.77 0.61
CA LYS A 41 -4.72 1.29 -0.73
C LYS A 41 -5.57 2.56 -0.69
N VAL A 42 -6.49 2.62 0.28
CA VAL A 42 -7.36 3.78 0.46
C VAL A 42 -6.51 4.95 0.96
N LYS A 43 -5.54 4.65 1.83
CA LYS A 43 -4.72 5.67 2.45
C LYS A 43 -3.90 6.42 1.40
N ILE A 44 -3.44 5.72 0.36
CA ILE A 44 -2.72 6.37 -0.74
C ILE A 44 -3.66 7.25 -1.55
N HIS A 45 -4.90 6.82 -1.73
CA HIS A 45 -5.88 7.55 -2.51
C HIS A 45 -6.20 8.91 -1.87
N GLU A 46 -5.91 9.06 -0.57
CA GLU A 46 -6.10 10.36 0.09
C GLU A 46 -4.81 11.17 0.06
N ALA A 47 -3.66 10.46 0.05
CA ALA A 47 -2.36 11.09 0.12
C ALA A 47 -1.85 11.47 -1.26
N THR A 48 -2.51 10.99 -2.32
CA THR A 48 -2.03 11.21 -3.69
C THR A 48 -3.18 11.39 -4.67
N GLY A 49 -4.35 10.84 -4.36
CA GLY A 49 -5.51 10.95 -5.21
C GLY A 49 -5.60 9.79 -6.21
N MET A 50 -4.67 8.84 -6.15
CA MET A 50 -4.72 7.66 -7.01
C MET A 50 -5.67 6.63 -6.42
N PRO A 51 -6.61 6.09 -7.21
CA PRO A 51 -7.62 5.17 -6.72
C PRO A 51 -7.00 3.83 -6.36
N ALA A 52 -7.58 3.14 -5.38
CA ALA A 52 -7.10 1.85 -4.90
C ALA A 52 -7.27 0.75 -5.95
N GLY A 53 -8.10 1.00 -6.97
CA GLY A 53 -8.37 0.03 -8.01
C GLY A 53 -7.18 -0.18 -8.94
N LYS A 54 -6.11 0.62 -8.80
CA LYS A 54 -4.94 0.50 -9.64
C LYS A 54 -3.62 0.63 -8.87
N GLN A 55 -3.52 -0.12 -7.77
CA GLN A 55 -2.35 -0.09 -6.89
C GLN A 55 -1.89 -1.52 -6.57
N LYS A 56 -0.58 -1.70 -6.44
CA LYS A 56 0.02 -3.00 -6.15
C LYS A 56 0.59 -2.99 -4.74
N LEU A 57 0.25 -4.02 -3.95
CA LEU A 57 0.68 -4.09 -2.57
C LEU A 57 1.97 -4.89 -2.46
N GLN A 58 2.93 -4.37 -1.72
CA GLN A 58 4.17 -5.07 -1.43
C GLN A 58 4.66 -4.69 -0.04
N TYR A 59 5.34 -5.60 0.66
CA TYR A 59 5.90 -5.37 1.98
C TYR A 59 7.31 -5.93 2.02
N GLU A 60 8.29 -5.05 2.23
CA GLU A 60 9.70 -5.43 2.25
C GLU A 60 10.13 -6.19 0.98
N GLY A 61 9.43 -5.97 -0.14
CA GLY A 61 9.75 -6.66 -1.39
C GLY A 61 8.88 -7.89 -1.62
N ILE A 62 7.96 -8.19 -0.70
CA ILE A 62 7.02 -9.30 -0.84
C ILE A 62 5.69 -8.77 -1.33
N PHE A 63 5.27 -9.18 -2.53
CA PHE A 63 3.95 -8.81 -3.04
C PHE A 63 2.86 -9.41 -2.15
N ILE A 64 2.28 -8.55 -1.32
CA ILE A 64 1.18 -8.89 -0.44
C ILE A 64 -0.15 -8.72 -1.15
N LYS A 65 -1.20 -9.33 -0.61
CA LYS A 65 -2.54 -9.19 -1.16
C LYS A 65 -3.32 -8.15 -0.37
N ASP A 66 -4.40 -7.64 -0.96
CA ASP A 66 -5.27 -6.67 -0.31
C ASP A 66 -6.14 -7.34 0.75
N SER A 67 -6.42 -8.65 0.60
CA SER A 67 -7.27 -9.37 1.53
C SER A 67 -6.49 -9.89 2.73
N ASN A 68 -5.15 -9.98 2.63
CA ASN A 68 -4.33 -10.42 3.74
C ASN A 68 -4.23 -9.29 4.76
N SER A 69 -4.01 -9.63 6.03
CA SER A 69 -3.90 -8.64 7.09
C SER A 69 -2.43 -8.36 7.42
N LEU A 70 -2.19 -7.30 8.18
CA LEU A 70 -0.83 -6.92 8.57
C LEU A 70 -0.25 -8.00 9.49
N ALA A 71 -1.09 -8.59 10.35
CA ALA A 71 -0.66 -9.65 11.24
C ALA A 71 -0.20 -10.87 10.46
N TYR A 72 -0.78 -11.10 9.27
CA TYR A 72 -0.42 -12.25 8.44
C TYR A 72 0.95 -12.04 7.81
N TYR A 73 1.31 -10.79 7.54
CA TYR A 73 2.62 -10.43 7.01
C TYR A 73 3.54 -9.93 8.11
N ASN A 74 3.19 -10.22 9.37
CA ASN A 74 4.01 -9.95 10.55
C ASN A 74 4.39 -8.49 10.68
N MET A 75 3.66 -7.61 10.00
CA MET A 75 3.97 -6.20 9.98
C MET A 75 3.74 -5.62 11.37
N ALA A 76 4.44 -4.52 11.68
CA ALA A 76 4.34 -3.85 12.97
C ALA A 76 4.81 -2.41 12.83
N ASN A 77 4.81 -1.66 13.94
CA ASN A 77 5.23 -0.27 13.94
C ASN A 77 6.53 -0.10 13.17
N GLY A 78 6.48 0.71 12.12
CA GLY A 78 7.63 0.99 11.28
C GLY A 78 7.60 0.20 9.97
N ALA A 79 6.55 -0.58 9.72
CA ALA A 79 6.43 -1.39 8.51
C ALA A 79 6.40 -0.49 7.28
N VAL A 80 6.82 -1.01 6.12
CA VAL A 80 6.88 -0.23 4.89
C VAL A 80 6.26 -1.01 3.73
N ILE A 81 5.19 -0.46 3.16
CA ILE A 81 4.47 -1.11 2.08
C ILE A 81 4.81 -0.42 0.76
N HIS A 82 5.56 -1.10 -0.12
CA HIS A 82 5.93 -0.54 -1.40
C HIS A 82 4.69 -0.58 -2.30
N LEU A 83 4.28 0.60 -2.78
CA LEU A 83 3.16 0.74 -3.68
C LEU A 83 3.70 0.77 -5.10
N ALA A 84 3.01 0.11 -6.04
CA ALA A 84 3.38 0.13 -7.44
C ALA A 84 2.13 0.30 -8.28
N LEU A 85 2.26 0.87 -9.48
CA LEU A 85 1.11 0.99 -10.36
C LEU A 85 0.76 -0.39 -10.93
N LYS A 86 -0.51 -0.76 -10.76
CA LYS A 86 -1.05 -1.99 -11.30
C LYS A 86 -2.47 -1.72 -11.76
N GLU A 87 -2.66 -1.57 -13.07
CA GLU A 87 -3.97 -1.25 -13.65
C GLU A 87 -4.37 -2.25 -14.73
N ARG A 88 -3.43 -3.09 -15.16
CA ARG A 88 -3.66 -4.05 -16.24
C ARG A 88 -4.19 -5.39 -15.72
N GLY A 89 -4.45 -5.48 -14.41
CA GLY A 89 -4.98 -6.69 -13.80
C GLY A 89 -6.44 -6.93 -14.19
N GLY A 90 -6.96 -8.11 -13.85
CA GLY A 90 -8.33 -8.48 -14.16
C GLY A 90 -8.51 -8.76 -15.66
N ARG A 91 -9.76 -8.81 -16.11
CA ARG A 91 -10.09 -9.08 -17.50
C ARG A 91 -11.44 -8.48 -17.84
N LYS A 92 -11.64 -8.08 -19.11
CA LYS A 92 -12.88 -7.49 -19.60
C LYS A 92 -13.04 -7.74 -21.09
N LYS A 93 -14.29 -7.88 -21.54
CA LYS A 93 -14.61 -8.05 -22.95
C LYS A 93 -14.48 -6.71 -23.69
N GLY A 1 -2.05 -11.18 17.50
CA GLY A 1 -1.93 -9.70 17.51
C GLY A 1 -2.96 -9.06 16.60
N GLY A 2 -3.43 -7.87 16.97
CA GLY A 2 -4.44 -7.15 16.21
C GLY A 2 -4.51 -5.67 16.55
N SER A 3 -3.53 -5.17 17.33
CA SER A 3 -3.53 -3.79 17.79
C SER A 3 -3.07 -2.86 16.69
N PRO A 4 -3.40 -1.56 16.76
CA PRO A 4 -2.96 -0.60 15.78
C PRO A 4 -1.45 -0.45 15.80
N VAL A 5 -0.87 -0.32 14.61
CA VAL A 5 0.57 -0.14 14.41
C VAL A 5 0.82 0.86 13.30
N SER A 6 2.04 1.38 13.24
CA SER A 6 2.44 2.30 12.19
C SER A 6 2.76 1.55 10.92
N ILE A 7 2.16 1.98 9.81
CA ILE A 7 2.43 1.38 8.51
C ILE A 7 2.75 2.47 7.51
N LYS A 8 3.89 2.32 6.82
CA LYS A 8 4.32 3.26 5.79
C LYS A 8 3.95 2.72 4.43
N VAL A 9 3.99 3.58 3.42
CA VAL A 9 3.73 3.19 2.06
C VAL A 9 4.76 3.76 1.11
N GLN A 10 5.72 2.94 0.70
CA GLN A 10 6.74 3.30 -0.27
C GLN A 10 6.08 3.49 -1.65
N VAL A 11 5.47 4.65 -1.85
CA VAL A 11 4.83 5.02 -3.11
C VAL A 11 5.79 4.86 -4.29
N PRO A 12 5.27 4.54 -5.49
CA PRO A 12 6.06 4.41 -6.70
C PRO A 12 6.57 5.78 -7.14
N ASN A 13 7.44 5.85 -8.16
CA ASN A 13 7.99 7.11 -8.61
C ASN A 13 7.31 7.58 -9.90
N MET A 14 6.08 8.08 -9.77
CA MET A 14 5.27 8.51 -10.91
C MET A 14 4.58 9.85 -10.59
N GLN A 15 5.35 10.94 -10.57
CA GLN A 15 4.83 12.24 -10.15
C GLN A 15 4.07 12.95 -11.27
N ASP A 16 4.48 12.68 -12.51
CA ASP A 16 4.01 13.41 -13.68
C ASP A 16 3.07 12.60 -14.58
N LYS A 17 2.69 11.39 -14.17
CA LYS A 17 1.90 10.50 -15.01
C LYS A 17 0.55 11.11 -15.40
N THR A 18 -0.27 11.48 -14.42
CA THR A 18 -1.60 11.99 -14.72
C THR A 18 -1.97 13.24 -13.91
N GLU A 19 -2.32 13.09 -12.63
CA GLU A 19 -2.66 14.21 -11.77
C GLU A 19 -2.28 13.94 -10.31
N TRP A 20 -1.97 12.68 -9.98
CA TRP A 20 -1.58 12.26 -8.65
C TRP A 20 -0.16 12.76 -8.32
N LYS A 21 0.35 12.41 -7.14
CA LYS A 21 1.69 12.80 -6.73
C LYS A 21 2.48 11.61 -6.19
N LEU A 22 2.96 10.73 -7.06
CA LEU A 22 3.77 9.61 -6.62
C LEU A 22 5.24 9.97 -6.85
N ASN A 23 6.03 10.06 -5.78
CA ASN A 23 7.41 10.54 -5.89
C ASN A 23 8.38 9.70 -5.06
N GLY A 24 8.09 8.40 -4.93
CA GLY A 24 8.93 7.51 -4.16
C GLY A 24 8.82 7.76 -2.66
N GLN A 25 7.80 8.51 -2.23
CA GLN A 25 7.69 8.96 -0.85
C GLN A 25 7.09 7.85 0.02
N VAL A 26 7.21 7.98 1.35
CA VAL A 26 6.52 7.06 2.25
C VAL A 26 5.36 7.76 2.92
N LEU A 27 4.18 7.13 2.93
CA LEU A 27 3.02 7.67 3.62
C LEU A 27 2.74 6.79 4.84
N VAL A 28 2.85 7.36 6.04
CA VAL A 28 2.64 6.61 7.27
C VAL A 28 1.20 6.75 7.76
N PHE A 29 0.68 5.69 8.36
CA PHE A 29 -0.67 5.67 8.92
C PHE A 29 -0.68 4.80 10.17
N THR A 30 -1.84 4.67 10.83
CA THR A 30 -1.96 3.79 11.98
C THR A 30 -3.21 2.92 11.84
N LEU A 31 -3.03 1.59 11.81
CA LEU A 31 -4.14 0.66 11.59
C LEU A 31 -3.88 -0.64 12.35
N PRO A 32 -4.95 -1.34 12.76
CA PRO A 32 -4.87 -2.58 13.51
C PRO A 32 -4.27 -3.67 12.63
N LEU A 33 -3.60 -4.65 13.26
CA LEU A 33 -2.99 -5.70 12.47
C LEU A 33 -4.03 -6.59 11.80
N THR A 34 -5.31 -6.46 12.19
CA THR A 34 -6.37 -7.28 11.60
C THR A 34 -7.06 -6.59 10.44
N ASP A 35 -6.68 -5.36 10.12
CA ASP A 35 -7.26 -4.64 9.00
C ASP A 35 -6.61 -5.11 7.72
N GLN A 36 -7.30 -5.93 6.94
CA GLN A 36 -6.81 -6.38 5.65
C GLN A 36 -6.11 -5.22 4.94
N VAL A 37 -4.88 -5.46 4.46
CA VAL A 37 -4.00 -4.51 3.78
C VAL A 37 -4.77 -3.64 2.78
N SER A 38 -5.93 -4.10 2.29
CA SER A 38 -6.78 -3.32 1.41
C SER A 38 -7.04 -1.92 1.96
N VAL A 39 -6.96 -1.75 3.30
CA VAL A 39 -7.11 -0.44 3.92
C VAL A 39 -6.02 0.51 3.45
N ILE A 40 -4.79 0.02 3.32
CA ILE A 40 -3.64 0.83 2.91
C ILE A 40 -3.92 1.50 1.57
N LYS A 41 -4.49 0.76 0.61
CA LYS A 41 -4.71 1.29 -0.74
C LYS A 41 -5.55 2.56 -0.70
N VAL A 42 -6.48 2.63 0.26
CA VAL A 42 -7.33 3.80 0.43
C VAL A 42 -6.48 4.96 0.94
N LYS A 43 -5.51 4.65 1.81
CA LYS A 43 -4.68 5.68 2.42
C LYS A 43 -3.86 6.42 1.38
N ILE A 44 -3.41 5.71 0.34
CA ILE A 44 -2.69 6.36 -0.76
C ILE A 44 -3.62 7.25 -1.58
N HIS A 45 -4.87 6.83 -1.76
CA HIS A 45 -5.84 7.57 -2.54
C HIS A 45 -6.14 8.93 -1.90
N GLU A 46 -5.85 9.08 -0.60
CA GLU A 46 -6.03 10.38 0.06
C GLU A 46 -4.73 11.17 0.04
N ALA A 47 -3.60 10.46 0.03
CA ALA A 47 -2.28 11.07 0.09
C ALA A 47 -1.77 11.45 -1.30
N THR A 48 -2.43 10.98 -2.35
CA THR A 48 -1.97 11.19 -3.72
C THR A 48 -3.10 11.36 -4.71
N GLY A 49 -4.28 10.81 -4.40
CA GLY A 49 -5.44 10.91 -5.25
C GLY A 49 -5.54 9.76 -6.24
N MET A 50 -4.61 8.79 -6.18
CA MET A 50 -4.66 7.61 -7.03
C MET A 50 -5.62 6.59 -6.45
N PRO A 51 -6.57 6.06 -7.23
CA PRO A 51 -7.57 5.16 -6.73
C PRO A 51 -6.97 3.80 -6.37
N ALA A 52 -7.56 3.12 -5.39
CA ALA A 52 -7.08 1.83 -4.90
C ALA A 52 -7.26 0.74 -5.95
N GLY A 53 -8.09 0.99 -6.97
CA GLY A 53 -8.37 0.02 -8.02
C GLY A 53 -7.16 -0.19 -8.94
N LYS A 54 -6.10 0.60 -8.80
CA LYS A 54 -4.91 0.47 -9.64
C LYS A 54 -3.62 0.59 -8.86
N GLN A 55 -3.50 -0.17 -7.76
CA GLN A 55 -2.33 -0.14 -6.89
C GLN A 55 -1.88 -1.56 -6.57
N LYS A 56 -0.56 -1.75 -6.45
CA LYS A 56 0.04 -3.05 -6.15
C LYS A 56 0.60 -3.02 -4.74
N LEU A 57 0.27 -4.02 -3.94
CA LEU A 57 0.72 -4.08 -2.56
C LEU A 57 2.00 -4.91 -2.46
N GLN A 58 2.97 -4.39 -1.72
CA GLN A 58 4.20 -5.10 -1.43
C GLN A 58 4.69 -4.71 -0.03
N TYR A 59 5.36 -5.62 0.66
CA TYR A 59 5.92 -5.39 1.99
C TYR A 59 7.32 -5.95 2.03
N GLU A 60 8.31 -5.09 2.24
CA GLU A 60 9.71 -5.47 2.27
C GLU A 60 10.16 -6.24 1.01
N GLY A 61 9.48 -6.03 -0.12
CA GLY A 61 9.78 -6.72 -1.36
C GLY A 61 8.91 -7.94 -1.60
N ILE A 62 7.99 -8.23 -0.67
CA ILE A 62 7.04 -9.33 -0.81
C ILE A 62 5.71 -8.82 -1.31
N PHE A 63 5.29 -9.23 -2.50
CA PHE A 63 4.00 -8.85 -3.02
C PHE A 63 2.88 -9.43 -2.15
N ILE A 64 2.31 -8.55 -1.31
CA ILE A 64 1.20 -8.89 -0.43
C ILE A 64 -0.11 -8.70 -1.17
N LYS A 65 -1.19 -9.30 -0.63
CA LYS A 65 -2.52 -9.14 -1.19
C LYS A 65 -3.27 -8.09 -0.40
N ASP A 66 -4.39 -7.61 -0.94
CA ASP A 66 -5.23 -6.63 -0.29
C ASP A 66 -6.13 -7.33 0.73
N SER A 67 -6.38 -8.62 0.51
CA SER A 67 -7.22 -9.43 1.38
C SER A 67 -6.46 -9.94 2.60
N ASN A 68 -5.13 -9.98 2.54
CA ASN A 68 -4.31 -10.38 3.67
C ASN A 68 -4.26 -9.24 4.68
N SER A 69 -3.99 -9.57 5.95
CA SER A 69 -3.90 -8.58 7.02
C SER A 69 -2.44 -8.31 7.39
N LEU A 70 -2.20 -7.25 8.16
CA LEU A 70 -0.86 -6.87 8.57
C LEU A 70 -0.29 -7.94 9.50
N ALA A 71 -1.14 -8.54 10.35
CA ALA A 71 -0.72 -9.60 11.26
C ALA A 71 -0.27 -10.83 10.49
N TYR A 72 -0.83 -11.07 9.29
CA TYR A 72 -0.47 -12.22 8.49
C TYR A 72 0.91 -12.05 7.87
N TYR A 73 1.29 -10.81 7.56
CA TYR A 73 2.62 -10.49 7.07
C TYR A 73 3.55 -10.05 8.19
N ASN A 74 3.11 -10.22 9.45
CA ASN A 74 3.94 -9.96 10.62
C ASN A 74 4.38 -8.50 10.70
N MET A 75 3.65 -7.61 10.01
CA MET A 75 3.96 -6.19 10.00
C MET A 75 3.73 -5.60 11.38
N ALA A 76 4.43 -4.50 11.68
CA ALA A 76 4.33 -3.81 12.96
C ALA A 76 4.81 -2.38 12.81
N ASN A 77 4.81 -1.63 13.91
CA ASN A 77 5.21 -0.23 13.91
C ASN A 77 6.50 -0.05 13.13
N GLY A 78 6.45 0.79 12.09
CA GLY A 78 7.60 1.08 11.24
C GLY A 78 7.60 0.27 9.95
N ALA A 79 6.56 -0.54 9.71
CA ALA A 79 6.47 -1.36 8.50
C ALA A 79 6.43 -0.47 7.26
N VAL A 80 6.84 -1.01 6.11
CA VAL A 80 6.91 -0.25 4.87
C VAL A 80 6.28 -1.05 3.73
N ILE A 81 5.21 -0.50 3.15
CA ILE A 81 4.49 -1.14 2.06
C ILE A 81 4.83 -0.46 0.74
N HIS A 82 5.59 -1.14 -0.12
CA HIS A 82 5.96 -0.59 -1.41
C HIS A 82 4.72 -0.63 -2.31
N LEU A 83 4.32 0.55 -2.80
CA LEU A 83 3.19 0.68 -3.71
C LEU A 83 3.73 0.70 -5.13
N ALA A 84 3.02 0.06 -6.06
CA ALA A 84 3.39 0.07 -7.47
C ALA A 84 2.14 0.24 -8.31
N LEU A 85 2.28 0.80 -9.51
CA LEU A 85 1.13 0.92 -10.39
C LEU A 85 0.78 -0.45 -10.93
N LYS A 86 -0.50 -0.82 -10.77
CA LYS A 86 -1.05 -2.06 -11.29
C LYS A 86 -2.47 -1.78 -11.75
N GLU A 87 -2.67 -1.66 -13.06
CA GLU A 87 -3.98 -1.33 -13.62
C GLU A 87 -4.44 -2.40 -14.62
N ARG A 88 -3.71 -3.52 -14.69
CA ARG A 88 -4.02 -4.61 -15.61
C ARG A 88 -3.89 -5.95 -14.90
N GLY A 89 -4.52 -6.98 -15.47
CA GLY A 89 -4.48 -8.34 -14.94
C GLY A 89 -3.20 -9.06 -15.32
N GLY A 90 -3.26 -10.41 -15.32
CA GLY A 90 -2.12 -11.24 -15.67
C GLY A 90 -1.17 -11.38 -14.49
N ARG A 91 0.10 -11.69 -14.78
CA ARG A 91 1.13 -11.89 -13.76
C ARG A 91 1.42 -10.61 -12.97
N LYS A 92 0.82 -9.48 -13.37
CA LYS A 92 0.99 -8.21 -12.67
C LYS A 92 0.13 -8.17 -11.39
N LYS A 93 -0.71 -9.19 -11.17
CA LYS A 93 -1.57 -9.30 -9.99
C LYS A 93 -0.74 -9.46 -8.72
N GLY A 1 -6.16 -11.57 17.84
CA GLY A 1 -6.53 -10.21 17.44
C GLY A 1 -5.33 -9.46 16.88
N GLY A 2 -5.33 -8.13 16.99
CA GLY A 2 -4.26 -7.29 16.49
C GLY A 2 -4.48 -5.84 16.88
N SER A 3 -3.42 -5.20 17.37
CA SER A 3 -3.46 -3.80 17.80
C SER A 3 -3.07 -2.86 16.67
N PRO A 4 -3.40 -1.56 16.75
CA PRO A 4 -2.99 -0.58 15.78
C PRO A 4 -1.46 -0.42 15.81
N VAL A 5 -0.88 -0.30 14.61
CA VAL A 5 0.56 -0.13 14.42
C VAL A 5 0.82 0.86 13.30
N SER A 6 2.04 1.39 13.23
CA SER A 6 2.43 2.30 12.19
C SER A 6 2.76 1.55 10.91
N ILE A 7 2.15 1.97 9.80
CA ILE A 7 2.40 1.38 8.50
C ILE A 7 2.72 2.48 7.51
N LYS A 8 3.85 2.33 6.81
CA LYS A 8 4.29 3.27 5.79
C LYS A 8 3.93 2.71 4.43
N VAL A 9 3.97 3.59 3.42
CA VAL A 9 3.71 3.18 2.05
C VAL A 9 4.74 3.77 1.11
N GLN A 10 5.71 2.96 0.70
CA GLN A 10 6.72 3.31 -0.28
C GLN A 10 6.07 3.51 -1.65
N VAL A 11 5.45 4.67 -1.85
CA VAL A 11 4.82 5.05 -3.10
C VAL A 11 5.78 4.88 -4.29
N PRO A 12 5.26 4.56 -5.48
CA PRO A 12 6.05 4.43 -6.70
C PRO A 12 6.56 5.81 -7.14
N ASN A 13 7.43 5.86 -8.15
CA ASN A 13 8.01 7.11 -8.61
C ASN A 13 7.32 7.59 -9.89
N MET A 14 6.10 8.09 -9.77
CA MET A 14 5.28 8.52 -10.91
C MET A 14 4.61 9.86 -10.59
N GLN A 15 5.37 10.96 -10.57
CA GLN A 15 4.83 12.26 -10.18
C GLN A 15 4.14 12.97 -11.35
N ASP A 16 4.52 12.64 -12.57
CA ASP A 16 4.10 13.36 -13.77
C ASP A 16 3.15 12.55 -14.65
N LYS A 17 2.73 11.35 -14.21
CA LYS A 17 1.90 10.48 -15.03
C LYS A 17 0.57 11.11 -15.41
N THR A 18 -0.25 11.49 -14.42
CA THR A 18 -1.58 12.01 -14.72
C THR A 18 -1.92 13.28 -13.92
N GLU A 19 -2.25 13.13 -12.64
CA GLU A 19 -2.59 14.26 -11.76
C GLU A 19 -2.22 13.99 -10.30
N TRP A 20 -1.93 12.73 -9.97
CA TRP A 20 -1.56 12.32 -8.62
C TRP A 20 -0.15 12.80 -8.29
N LYS A 21 0.35 12.44 -7.09
CA LYS A 21 1.70 12.82 -6.67
C LYS A 21 2.47 11.62 -6.14
N LEU A 22 2.96 10.75 -7.03
CA LEU A 22 3.76 9.62 -6.61
C LEU A 22 5.22 9.98 -6.83
N ASN A 23 6.03 10.06 -5.77
CA ASN A 23 7.41 10.53 -5.88
C ASN A 23 8.38 9.70 -5.05
N GLY A 24 8.10 8.40 -4.93
CA GLY A 24 8.94 7.50 -4.15
C GLY A 24 8.83 7.76 -2.66
N GLN A 25 7.81 8.50 -2.22
CA GLN A 25 7.69 8.94 -0.83
C GLN A 25 7.09 7.84 0.04
N VAL A 26 7.19 7.98 1.36
CA VAL A 26 6.50 7.05 2.27
C VAL A 26 5.34 7.76 2.94
N LEU A 27 4.16 7.13 2.92
CA LEU A 27 3.00 7.66 3.62
C LEU A 27 2.72 6.79 4.83
N VAL A 28 2.82 7.37 6.03
CA VAL A 28 2.63 6.62 7.27
C VAL A 28 1.19 6.76 7.75
N PHE A 29 0.66 5.70 8.38
CA PHE A 29 -0.67 5.68 8.93
C PHE A 29 -0.70 4.81 10.17
N THR A 30 -1.85 4.69 10.84
CA THR A 30 -1.97 3.80 11.98
C THR A 30 -3.22 2.93 11.83
N LEU A 31 -3.04 1.61 11.80
CA LEU A 31 -4.15 0.67 11.58
C LEU A 31 -3.88 -0.63 12.33
N PRO A 32 -4.93 -1.34 12.75
CA PRO A 32 -4.85 -2.57 13.51
C PRO A 32 -4.24 -3.67 12.66
N LEU A 33 -3.58 -4.65 13.29
CA LEU A 33 -2.97 -5.72 12.51
C LEU A 33 -4.01 -6.59 11.83
N THR A 34 -5.29 -6.46 12.22
CA THR A 34 -6.36 -7.28 11.65
C THR A 34 -7.06 -6.60 10.48
N ASP A 35 -6.67 -5.37 10.14
CA ASP A 35 -7.25 -4.64 9.03
C ASP A 35 -6.59 -5.11 7.74
N GLN A 36 -7.30 -5.92 6.96
CA GLN A 36 -6.81 -6.37 5.67
C GLN A 36 -6.11 -5.22 4.95
N VAL A 37 -4.88 -5.46 4.48
CA VAL A 37 -4.00 -4.53 3.79
C VAL A 37 -4.76 -3.65 2.79
N SER A 38 -5.92 -4.11 2.30
CA SER A 38 -6.78 -3.33 1.41
C SER A 38 -7.02 -1.92 1.97
N VAL A 39 -6.96 -1.75 3.29
CA VAL A 39 -7.11 -0.44 3.91
C VAL A 39 -6.02 0.51 3.45
N ILE A 40 -4.79 0.01 3.32
CA ILE A 40 -3.65 0.82 2.90
C ILE A 40 -3.92 1.48 1.56
N LYS A 41 -4.49 0.76 0.59
CA LYS A 41 -4.72 1.28 -0.76
C LYS A 41 -5.55 2.54 -0.72
N VAL A 42 -6.49 2.60 0.24
CA VAL A 42 -7.34 3.78 0.42
C VAL A 42 -6.50 4.94 0.92
N LYS A 43 -5.53 4.64 1.78
CA LYS A 43 -4.71 5.66 2.40
C LYS A 43 -3.88 6.41 1.36
N ILE A 44 -3.42 5.69 0.31
CA ILE A 44 -2.70 6.34 -0.77
C ILE A 44 -3.62 7.23 -1.58
N HIS A 45 -4.88 6.81 -1.76
CA HIS A 45 -5.85 7.56 -2.55
C HIS A 45 -6.16 8.91 -1.90
N GLU A 46 -5.88 9.06 -0.60
CA GLU A 46 -6.06 10.35 0.06
C GLU A 46 -4.75 11.15 0.04
N ALA A 47 -3.62 10.45 0.04
CA ALA A 47 -2.32 11.06 0.12
C ALA A 47 -1.79 11.45 -1.26
N THR A 48 -2.45 10.97 -2.32
CA THR A 48 -1.97 11.20 -3.69
C THR A 48 -3.10 11.39 -4.68
N GLY A 49 -4.28 10.82 -4.38
CA GLY A 49 -5.43 10.93 -5.25
C GLY A 49 -5.53 9.78 -6.25
N MET A 50 -4.61 8.81 -6.18
CA MET A 50 -4.66 7.63 -7.04
C MET A 50 -5.62 6.61 -6.45
N PRO A 51 -6.57 6.08 -7.23
CA PRO A 51 -7.57 5.16 -6.74
C PRO A 51 -6.97 3.81 -6.39
N ALA A 52 -7.57 3.13 -5.40
CA ALA A 52 -7.09 1.84 -4.92
C ALA A 52 -7.26 0.74 -5.97
N GLY A 53 -8.10 0.99 -6.99
CA GLY A 53 -8.36 0.03 -8.04
C GLY A 53 -7.16 -0.19 -8.95
N LYS A 54 -6.09 0.60 -8.80
CA LYS A 54 -4.91 0.48 -9.65
C LYS A 54 -3.60 0.59 -8.87
N GLN A 55 -3.49 -0.17 -7.77
CA GLN A 55 -2.33 -0.14 -6.90
C GLN A 55 -1.87 -1.56 -6.59
N LYS A 56 -0.55 -1.73 -6.45
CA LYS A 56 0.05 -3.04 -6.15
C LYS A 56 0.61 -3.03 -4.74
N LEU A 57 0.27 -4.04 -3.94
CA LEU A 57 0.70 -4.11 -2.56
C LEU A 57 1.98 -4.93 -2.45
N GLN A 58 2.97 -4.40 -1.73
CA GLN A 58 4.19 -5.10 -1.43
C GLN A 58 4.67 -4.72 -0.03
N TYR A 59 5.35 -5.63 0.67
CA TYR A 59 5.90 -5.40 1.99
C TYR A 59 7.32 -5.96 2.04
N GLU A 60 8.30 -5.10 2.25
CA GLU A 60 9.71 -5.47 2.27
C GLU A 60 10.15 -6.25 1.01
N GLY A 61 9.45 -6.05 -0.11
CA GLY A 61 9.76 -6.73 -1.36
C GLY A 61 8.88 -7.96 -1.60
N ILE A 62 7.97 -8.24 -0.66
CA ILE A 62 7.02 -9.34 -0.80
C ILE A 62 5.69 -8.81 -1.30
N PHE A 63 5.28 -9.22 -2.50
CA PHE A 63 3.97 -8.85 -3.02
C PHE A 63 2.87 -9.42 -2.14
N ILE A 64 2.29 -8.56 -1.30
CA ILE A 64 1.18 -8.91 -0.42
C ILE A 64 -0.14 -8.74 -1.16
N LYS A 65 -1.20 -9.33 -0.61
CA LYS A 65 -2.54 -9.19 -1.16
C LYS A 65 -3.29 -8.12 -0.38
N ASP A 66 -4.41 -7.66 -0.93
CA ASP A 66 -5.24 -6.66 -0.28
C ASP A 66 -6.15 -7.35 0.74
N SER A 67 -6.39 -8.65 0.54
CA SER A 67 -7.24 -9.44 1.40
C SER A 67 -6.50 -9.94 2.64
N ASN A 68 -5.17 -9.98 2.59
CA ASN A 68 -4.37 -10.39 3.74
C ASN A 68 -4.29 -9.25 4.74
N SER A 69 -4.02 -9.58 6.01
CA SER A 69 -3.91 -8.60 7.08
C SER A 69 -2.45 -8.33 7.43
N LEU A 70 -2.20 -7.27 8.19
CA LEU A 70 -0.84 -6.90 8.58
C LEU A 70 -0.26 -7.97 9.51
N ALA A 71 -1.10 -8.55 10.38
CA ALA A 71 -0.67 -9.62 11.27
C ALA A 71 -0.21 -10.85 10.49
N TYR A 72 -0.78 -11.08 9.31
CA TYR A 72 -0.43 -12.24 8.49
C TYR A 72 0.95 -12.05 7.86
N TYR A 73 1.32 -10.80 7.56
CA TYR A 73 2.62 -10.48 7.01
C TYR A 73 3.59 -10.01 8.11
N ASN A 74 3.23 -10.22 9.38
CA ASN A 74 4.06 -9.95 10.54
C ASN A 74 4.42 -8.46 10.65
N MET A 75 3.67 -7.61 9.96
CA MET A 75 3.97 -6.19 9.95
C MET A 75 3.74 -5.59 11.33
N ALA A 76 4.44 -4.49 11.64
CA ALA A 76 4.35 -3.82 12.93
C ALA A 76 4.81 -2.38 12.78
N ASN A 77 4.80 -1.63 13.89
CA ASN A 77 5.21 -0.24 13.89
C ASN A 77 6.49 -0.05 13.11
N GLY A 78 6.42 0.78 12.07
CA GLY A 78 7.57 1.09 11.22
C GLY A 78 7.57 0.28 9.93
N ALA A 79 6.54 -0.53 9.69
CA ALA A 79 6.46 -1.36 8.50
C ALA A 79 6.41 -0.47 7.25
N VAL A 80 6.84 -1.01 6.10
CA VAL A 80 6.90 -0.25 4.86
C VAL A 80 6.27 -1.04 3.72
N ILE A 81 5.19 -0.50 3.14
CA ILE A 81 4.48 -1.14 2.05
C ILE A 81 4.84 -0.46 0.72
N HIS A 82 5.59 -1.14 -0.14
CA HIS A 82 5.95 -0.58 -1.42
C HIS A 82 4.73 -0.62 -2.32
N LEU A 83 4.32 0.55 -2.80
CA LEU A 83 3.19 0.68 -3.71
C LEU A 83 3.73 0.71 -5.13
N ALA A 84 3.03 0.07 -6.06
CA ALA A 84 3.39 0.09 -7.46
C ALA A 84 2.14 0.26 -8.31
N LEU A 85 2.27 0.84 -9.50
CA LEU A 85 1.14 0.96 -10.39
C LEU A 85 0.77 -0.42 -10.95
N LYS A 86 -0.50 -0.78 -10.78
CA LYS A 86 -1.04 -2.02 -11.31
C LYS A 86 -2.49 -1.78 -11.73
N GLU A 87 -2.73 -1.63 -13.04
CA GLU A 87 -4.06 -1.36 -13.57
C GLU A 87 -4.51 -2.45 -14.54
N ARG A 88 -3.65 -3.46 -14.77
CA ARG A 88 -3.94 -4.54 -15.70
C ARG A 88 -3.20 -5.81 -15.30
N GLY A 89 -3.63 -6.95 -15.84
CA GLY A 89 -3.00 -8.24 -15.58
C GLY A 89 -1.66 -8.35 -16.30
N GLY A 90 -0.89 -9.39 -15.95
CA GLY A 90 0.42 -9.63 -16.56
C GLY A 90 0.28 -10.07 -18.02
N ARG A 91 1.20 -9.63 -18.87
CA ARG A 91 1.20 -9.97 -20.29
C ARG A 91 1.87 -11.33 -20.50
N LYS A 92 1.58 -11.96 -21.64
CA LYS A 92 2.14 -13.26 -22.00
C LYS A 92 3.59 -13.15 -22.47
N LYS A 93 4.10 -11.94 -22.65
CA LYS A 93 5.47 -11.70 -23.09
C LYS A 93 6.46 -12.08 -21.99
N GLY A 1 -6.49 -9.64 20.13
CA GLY A 1 -6.54 -9.31 18.70
C GLY A 1 -5.39 -8.39 18.30
N GLY A 2 -5.25 -8.12 17.00
CA GLY A 2 -4.21 -7.25 16.49
C GLY A 2 -4.44 -5.80 16.90
N SER A 3 -3.39 -5.15 17.39
CA SER A 3 -3.43 -3.77 17.84
C SER A 3 -3.04 -2.83 16.70
N PRO A 4 -3.38 -1.53 16.79
CA PRO A 4 -2.98 -0.55 15.81
C PRO A 4 -1.46 -0.39 15.82
N VAL A 5 -0.88 -0.29 14.62
CA VAL A 5 0.56 -0.09 14.44
C VAL A 5 0.81 0.87 13.30
N SER A 6 2.04 1.40 13.24
CA SER A 6 2.43 2.31 12.19
C SER A 6 2.75 1.56 10.91
N ILE A 7 2.14 1.98 9.80
CA ILE A 7 2.41 1.39 8.50
C ILE A 7 2.73 2.48 7.50
N LYS A 8 3.86 2.34 6.81
CA LYS A 8 4.30 3.27 5.79
C LYS A 8 3.94 2.72 4.43
N VAL A 9 3.97 3.59 3.42
CA VAL A 9 3.71 3.18 2.06
C VAL A 9 4.75 3.77 1.11
N GLN A 10 5.71 2.94 0.69
CA GLN A 10 6.73 3.30 -0.28
C GLN A 10 6.07 3.49 -1.64
N VAL A 11 5.46 4.66 -1.85
CA VAL A 11 4.82 5.03 -3.11
C VAL A 11 5.77 4.87 -4.29
N PRO A 12 5.25 4.55 -5.49
CA PRO A 12 6.06 4.43 -6.70
C PRO A 12 6.57 5.80 -7.14
N ASN A 13 7.44 5.85 -8.15
CA ASN A 13 8.02 7.10 -8.61
C ASN A 13 7.34 7.59 -9.90
N MET A 14 6.10 8.08 -9.77
CA MET A 14 5.29 8.52 -10.90
C MET A 14 4.61 9.86 -10.59
N GLN A 15 5.37 10.96 -10.56
CA GLN A 15 4.84 12.25 -10.17
C GLN A 15 4.14 12.97 -11.32
N ASP A 16 4.53 12.64 -12.57
CA ASP A 16 4.09 13.38 -13.74
C ASP A 16 3.13 12.58 -14.63
N LYS A 17 2.72 11.39 -14.19
CA LYS A 17 1.90 10.52 -15.03
C LYS A 17 0.56 11.14 -15.40
N THR A 18 -0.25 11.51 -14.41
CA THR A 18 -1.59 12.04 -14.71
C THR A 18 -1.93 13.29 -13.89
N GLU A 19 -2.26 13.14 -12.62
CA GLU A 19 -2.61 14.26 -11.74
C GLU A 19 -2.23 13.99 -10.29
N TRP A 20 -1.93 12.72 -9.95
CA TRP A 20 -1.56 12.31 -8.61
C TRP A 20 -0.15 12.79 -8.27
N LYS A 21 0.35 12.44 -7.09
CA LYS A 21 1.70 12.81 -6.67
C LYS A 21 2.47 11.61 -6.14
N LEU A 22 2.98 10.75 -7.03
CA LEU A 22 3.78 9.62 -6.60
C LEU A 22 5.24 9.98 -6.83
N ASN A 23 6.05 10.06 -5.76
CA ASN A 23 7.42 10.53 -5.87
C ASN A 23 8.39 9.68 -5.05
N GLY A 24 8.10 8.40 -4.93
CA GLY A 24 8.93 7.49 -4.15
C GLY A 24 8.84 7.75 -2.65
N GLN A 25 7.82 8.50 -2.21
CA GLN A 25 7.70 8.94 -0.83
C GLN A 25 7.10 7.84 0.04
N VAL A 26 7.19 7.96 1.36
CA VAL A 26 6.49 7.04 2.26
C VAL A 26 5.33 7.75 2.95
N LEU A 27 4.16 7.12 2.93
CA LEU A 27 3.00 7.66 3.62
C LEU A 27 2.71 6.79 4.83
N VAL A 28 2.80 7.36 6.03
CA VAL A 28 2.61 6.62 7.28
C VAL A 28 1.17 6.75 7.76
N PHE A 29 0.65 5.69 8.36
CA PHE A 29 -0.69 5.66 8.92
C PHE A 29 -0.71 4.79 10.17
N THR A 30 -1.87 4.67 10.83
CA THR A 30 -1.99 3.79 11.98
C THR A 30 -3.23 2.91 11.84
N LEU A 31 -3.05 1.59 11.82
CA LEU A 31 -4.15 0.65 11.61
C LEU A 31 -3.90 -0.64 12.39
N PRO A 32 -4.96 -1.34 12.79
CA PRO A 32 -4.89 -2.57 13.58
C PRO A 32 -4.32 -3.68 12.73
N LEU A 33 -3.53 -4.58 13.30
CA LEU A 33 -2.91 -5.64 12.52
C LEU A 33 -3.97 -6.53 11.84
N THR A 34 -5.23 -6.43 12.28
CA THR A 34 -6.30 -7.24 11.71
C THR A 34 -6.98 -6.58 10.52
N ASP A 35 -6.54 -5.37 10.15
CA ASP A 35 -7.12 -4.67 9.02
C ASP A 35 -6.46 -5.19 7.76
N GLN A 36 -7.24 -5.89 6.94
CA GLN A 36 -6.77 -6.36 5.64
C GLN A 36 -6.06 -5.22 4.93
N VAL A 37 -4.85 -5.49 4.40
CA VAL A 37 -3.98 -4.55 3.70
C VAL A 37 -4.77 -3.67 2.71
N SER A 38 -5.94 -4.12 2.25
CA SER A 38 -6.80 -3.34 1.38
C SER A 38 -7.04 -1.93 1.94
N VAL A 39 -6.96 -1.77 3.26
CA VAL A 39 -7.12 -0.47 3.89
C VAL A 39 -6.03 0.50 3.42
N ILE A 40 -4.79 0.00 3.30
CA ILE A 40 -3.66 0.81 2.88
C ILE A 40 -3.93 1.48 1.54
N LYS A 41 -4.48 0.74 0.57
CA LYS A 41 -4.70 1.27 -0.78
C LYS A 41 -5.54 2.54 -0.73
N VAL A 42 -6.47 2.60 0.23
CA VAL A 42 -7.33 3.77 0.40
C VAL A 42 -6.49 4.93 0.91
N LYS A 43 -5.52 4.62 1.78
CA LYS A 43 -4.71 5.65 2.40
C LYS A 43 -3.89 6.40 1.36
N ILE A 44 -3.42 5.70 0.32
CA ILE A 44 -2.69 6.35 -0.76
C ILE A 44 -3.62 7.24 -1.58
N HIS A 45 -4.87 6.81 -1.75
CA HIS A 45 -5.85 7.56 -2.55
C HIS A 45 -6.15 8.92 -1.89
N GLU A 46 -5.87 9.05 -0.60
CA GLU A 46 -6.05 10.35 0.07
C GLU A 46 -4.76 11.15 0.06
N ALA A 47 -3.62 10.45 0.04
CA ALA A 47 -2.32 11.08 0.12
C ALA A 47 -1.79 11.46 -1.27
N THR A 48 -2.45 10.98 -2.33
CA THR A 48 -1.97 11.20 -3.70
C THR A 48 -3.11 11.38 -4.68
N GLY A 49 -4.28 10.82 -4.38
CA GLY A 49 -5.44 10.93 -5.25
C GLY A 49 -5.54 9.77 -6.25
N MET A 50 -4.61 8.82 -6.19
CA MET A 50 -4.66 7.64 -7.05
C MET A 50 -5.62 6.61 -6.45
N PRO A 51 -6.56 6.08 -7.22
CA PRO A 51 -7.57 5.16 -6.74
C PRO A 51 -6.96 3.80 -6.38
N ALA A 52 -7.54 3.12 -5.39
CA ALA A 52 -7.08 1.83 -4.92
C ALA A 52 -7.25 0.74 -5.97
N GLY A 53 -8.09 1.00 -6.99
CA GLY A 53 -8.35 0.05 -8.05
C GLY A 53 -7.16 -0.17 -8.98
N LYS A 54 -6.09 0.63 -8.82
CA LYS A 54 -4.91 0.49 -9.67
C LYS A 54 -3.61 0.60 -8.89
N GLN A 55 -3.49 -0.16 -7.80
CA GLN A 55 -2.33 -0.14 -6.93
C GLN A 55 -1.88 -1.56 -6.63
N LYS A 56 -0.56 -1.75 -6.49
CA LYS A 56 0.04 -3.04 -6.19
C LYS A 56 0.59 -3.03 -4.77
N LEU A 57 0.26 -4.05 -3.99
CA LEU A 57 0.69 -4.13 -2.61
C LEU A 57 1.98 -4.94 -2.50
N GLN A 58 2.94 -4.41 -1.76
CA GLN A 58 4.19 -5.10 -1.47
C GLN A 58 4.65 -4.72 -0.06
N TYR A 59 5.34 -5.64 0.62
CA TYR A 59 5.88 -5.39 1.96
C TYR A 59 7.29 -5.96 2.01
N GLU A 60 8.28 -5.10 2.24
CA GLU A 60 9.69 -5.50 2.27
C GLU A 60 10.12 -6.24 1.01
N GLY A 61 9.45 -6.02 -0.13
CA GLY A 61 9.76 -6.70 -1.37
C GLY A 61 8.88 -7.93 -1.63
N ILE A 62 7.96 -8.23 -0.69
CA ILE A 62 7.03 -9.33 -0.85
C ILE A 62 5.70 -8.81 -1.34
N PHE A 63 5.26 -9.22 -2.53
CA PHE A 63 3.97 -8.85 -3.06
C PHE A 63 2.86 -9.44 -2.18
N ILE A 64 2.29 -8.58 -1.34
CA ILE A 64 1.19 -8.93 -0.46
C ILE A 64 -0.14 -8.76 -1.19
N LYS A 65 -1.20 -9.35 -0.64
CA LYS A 65 -2.53 -9.20 -1.19
C LYS A 65 -3.29 -8.14 -0.41
N ASP A 66 -4.42 -7.69 -0.96
CA ASP A 66 -5.25 -6.69 -0.32
C ASP A 66 -6.15 -7.37 0.72
N SER A 67 -6.37 -8.67 0.55
CA SER A 67 -7.22 -9.46 1.43
C SER A 67 -6.46 -9.96 2.67
N ASN A 68 -5.12 -10.01 2.61
CA ASN A 68 -4.32 -10.41 3.75
C ASN A 68 -4.26 -9.28 4.76
N SER A 69 -4.03 -9.60 6.03
CA SER A 69 -3.93 -8.61 7.09
C SER A 69 -2.48 -8.32 7.43
N LEU A 70 -2.23 -7.24 8.17
CA LEU A 70 -0.87 -6.87 8.54
C LEU A 70 -0.29 -7.91 9.49
N ALA A 71 -1.12 -8.48 10.36
CA ALA A 71 -0.72 -9.54 11.27
C ALA A 71 -0.27 -10.80 10.50
N TYR A 72 -0.82 -11.03 9.32
CA TYR A 72 -0.48 -12.20 8.51
C TYR A 72 0.91 -12.04 7.90
N TYR A 73 1.30 -10.80 7.59
CA TYR A 73 2.63 -10.49 7.09
C TYR A 73 3.56 -10.06 8.21
N ASN A 74 3.13 -10.23 9.47
CA ASN A 74 3.96 -9.97 10.63
C ASN A 74 4.41 -8.52 10.72
N MET A 75 3.67 -7.62 10.04
CA MET A 75 3.99 -6.21 10.03
C MET A 75 3.80 -5.63 11.44
N ALA A 76 4.48 -4.51 11.71
CA ALA A 76 4.39 -3.82 12.97
C ALA A 76 4.85 -2.37 12.81
N ASN A 77 4.85 -1.62 13.91
CA ASN A 77 5.21 -0.22 13.90
C ASN A 77 6.51 -0.01 13.12
N GLY A 78 6.43 0.81 12.06
CA GLY A 78 7.57 1.10 11.21
C GLY A 78 7.57 0.29 9.92
N ALA A 79 6.54 -0.54 9.69
CA ALA A 79 6.45 -1.37 8.50
C ALA A 79 6.40 -0.49 7.25
N VAL A 80 6.82 -1.01 6.11
CA VAL A 80 6.89 -0.26 4.86
C VAL A 80 6.25 -1.05 3.72
N ILE A 81 5.18 -0.50 3.15
CA ILE A 81 4.46 -1.15 2.05
C ILE A 81 4.80 -0.46 0.74
N HIS A 82 5.55 -1.15 -0.14
CA HIS A 82 5.92 -0.59 -1.42
C HIS A 82 4.70 -0.63 -2.32
N LEU A 83 4.29 0.54 -2.81
CA LEU A 83 3.17 0.69 -3.72
C LEU A 83 3.73 0.72 -5.14
N ALA A 84 3.03 0.07 -6.07
CA ALA A 84 3.40 0.09 -7.47
C ALA A 84 2.15 0.26 -8.32
N LEU A 85 2.28 0.84 -9.52
CA LEU A 85 1.14 0.97 -10.40
C LEU A 85 0.77 -0.41 -10.95
N LYS A 86 -0.50 -0.78 -10.80
CA LYS A 86 -1.05 -2.01 -11.35
C LYS A 86 -2.48 -1.75 -11.77
N GLU A 87 -2.70 -1.58 -13.08
CA GLU A 87 -4.03 -1.32 -13.62
C GLU A 87 -4.45 -2.38 -14.64
N ARG A 88 -3.54 -3.30 -14.98
CA ARG A 88 -3.78 -4.32 -15.99
C ARG A 88 -4.07 -5.67 -15.35
N GLY A 89 -4.61 -6.61 -16.13
CA GLY A 89 -4.93 -7.94 -15.65
C GLY A 89 -3.67 -8.79 -15.48
N GLY A 90 -3.85 -10.03 -14.99
CA GLY A 90 -2.76 -10.96 -14.77
C GLY A 90 -2.17 -11.47 -16.08
N ARG A 91 -1.00 -12.11 -16.00
CA ARG A 91 -0.30 -12.64 -17.16
C ARG A 91 -1.04 -13.85 -17.74
N LYS A 92 -1.97 -14.43 -16.98
CA LYS A 92 -2.75 -15.59 -17.41
C LYS A 92 -4.10 -15.59 -16.70
N LYS A 93 -5.09 -16.23 -17.31
CA LYS A 93 -6.46 -16.32 -16.78
C LYS A 93 -7.16 -17.57 -17.31
N GLY A 1 -6.62 -9.74 20.06
CA GLY A 1 -6.71 -9.29 18.66
C GLY A 1 -5.54 -8.39 18.29
N GLY A 2 -5.36 -8.13 16.99
CA GLY A 2 -4.28 -7.29 16.49
C GLY A 2 -4.49 -5.83 16.87
N SER A 3 -3.43 -5.19 17.36
CA SER A 3 -3.45 -3.80 17.80
C SER A 3 -3.06 -2.87 16.67
N PRO A 4 -3.38 -1.58 16.76
CA PRO A 4 -2.96 -0.59 15.78
C PRO A 4 -1.43 -0.43 15.79
N VAL A 5 -0.85 -0.33 14.61
CA VAL A 5 0.58 -0.13 14.42
C VAL A 5 0.83 0.85 13.28
N SER A 6 2.05 1.37 13.23
CA SER A 6 2.44 2.30 12.18
C SER A 6 2.76 1.54 10.90
N ILE A 7 2.16 1.97 9.78
CA ILE A 7 2.41 1.38 8.49
C ILE A 7 2.73 2.47 7.49
N LYS A 8 3.87 2.32 6.79
CA LYS A 8 4.30 3.27 5.78
C LYS A 8 3.95 2.72 4.41
N VAL A 9 3.99 3.59 3.41
CA VAL A 9 3.72 3.20 2.04
C VAL A 9 4.76 3.78 1.09
N GLN A 10 5.72 2.95 0.68
CA GLN A 10 6.73 3.31 -0.31
C GLN A 10 6.07 3.50 -1.68
N VAL A 11 5.46 4.66 -1.87
CA VAL A 11 4.80 5.04 -3.12
C VAL A 11 5.74 4.87 -4.32
N PRO A 12 5.20 4.57 -5.51
CA PRO A 12 5.98 4.45 -6.74
C PRO A 12 6.52 5.83 -7.15
N ASN A 13 7.42 5.86 -8.13
CA ASN A 13 8.01 7.13 -8.58
C ASN A 13 7.33 7.61 -9.88
N MET A 14 6.09 8.08 -9.75
CA MET A 14 5.25 8.45 -10.90
C MET A 14 4.54 9.77 -10.62
N GLN A 15 5.28 10.89 -10.65
CA GLN A 15 4.70 12.18 -10.29
C GLN A 15 4.13 12.92 -11.50
N ASP A 16 4.70 12.66 -12.67
CA ASP A 16 4.39 13.38 -13.89
C ASP A 16 3.41 12.63 -14.79
N LYS A 17 2.89 11.49 -14.32
CA LYS A 17 2.00 10.65 -15.12
C LYS A 17 0.67 11.34 -15.46
N THR A 18 -0.14 11.67 -14.45
CA THR A 18 -1.48 12.17 -14.73
C THR A 18 -1.86 13.40 -13.89
N GLU A 19 -2.18 13.21 -12.60
CA GLU A 19 -2.55 14.29 -11.71
C GLU A 19 -2.19 13.99 -10.25
N TRP A 20 -1.89 12.72 -9.95
CA TRP A 20 -1.51 12.28 -8.62
C TRP A 20 -0.12 12.78 -8.25
N LYS A 21 0.38 12.44 -7.07
CA LYS A 21 1.69 12.88 -6.62
C LYS A 21 2.56 11.73 -6.11
N LEU A 22 2.91 10.78 -6.98
CA LEU A 22 3.74 9.66 -6.56
C LEU A 22 5.19 10.04 -6.80
N ASN A 23 6.01 10.16 -5.72
CA ASN A 23 7.38 10.61 -5.85
C ASN A 23 8.34 9.76 -5.02
N GLY A 24 8.06 8.46 -4.93
CA GLY A 24 8.89 7.53 -4.17
C GLY A 24 8.81 7.77 -2.66
N GLN A 25 7.80 8.51 -2.20
CA GLN A 25 7.71 8.93 -0.81
C GLN A 25 7.12 7.80 0.05
N VAL A 26 7.18 7.95 1.38
CA VAL A 26 6.49 7.04 2.27
C VAL A 26 5.34 7.76 2.95
N LEU A 27 4.16 7.13 2.92
CA LEU A 27 3.00 7.66 3.62
C LEU A 27 2.72 6.78 4.84
N VAL A 28 2.82 7.36 6.04
CA VAL A 28 2.62 6.61 7.27
C VAL A 28 1.18 6.75 7.76
N PHE A 29 0.66 5.68 8.37
CA PHE A 29 -0.68 5.67 8.93
C PHE A 29 -0.69 4.79 10.17
N THR A 30 -1.84 4.67 10.84
CA THR A 30 -1.96 3.78 11.98
C THR A 30 -3.20 2.91 11.84
N LEU A 31 -3.03 1.59 11.80
CA LEU A 31 -4.12 0.65 11.58
C LEU A 31 -3.86 -0.64 12.34
N PRO A 32 -4.93 -1.35 12.75
CA PRO A 32 -4.84 -2.58 13.51
C PRO A 32 -4.24 -3.68 12.66
N LEU A 33 -3.58 -4.67 13.29
CA LEU A 33 -2.98 -5.74 12.52
C LEU A 33 -4.01 -6.61 11.83
N THR A 34 -5.29 -6.48 12.22
CA THR A 34 -6.37 -7.28 11.66
C THR A 34 -7.06 -6.61 10.47
N ASP A 35 -6.67 -5.38 10.15
CA ASP A 35 -7.25 -4.65 9.04
C ASP A 35 -6.60 -5.13 7.76
N GLN A 36 -7.30 -5.93 6.97
CA GLN A 36 -6.80 -6.38 5.68
C GLN A 36 -6.11 -5.23 4.96
N VAL A 37 -4.88 -5.47 4.49
CA VAL A 37 -4.00 -4.54 3.80
C VAL A 37 -4.76 -3.66 2.79
N SER A 38 -5.92 -4.12 2.31
CA SER A 38 -6.78 -3.34 1.42
C SER A 38 -7.03 -1.94 1.97
N VAL A 39 -6.96 -1.76 3.30
CA VAL A 39 -7.12 -0.46 3.93
C VAL A 39 -6.02 0.50 3.46
N ILE A 40 -4.79 0.00 3.32
CA ILE A 40 -3.65 0.81 2.90
C ILE A 40 -3.92 1.47 1.56
N LYS A 41 -4.49 0.73 0.60
CA LYS A 41 -4.70 1.24 -0.75
C LYS A 41 -5.55 2.52 -0.72
N VAL A 42 -6.49 2.59 0.24
CA VAL A 42 -7.34 3.76 0.41
C VAL A 42 -6.51 4.93 0.91
N LYS A 43 -5.55 4.63 1.78
CA LYS A 43 -4.73 5.65 2.41
C LYS A 43 -3.90 6.40 1.36
N ILE A 44 -3.44 5.69 0.32
CA ILE A 44 -2.71 6.34 -0.77
C ILE A 44 -3.64 7.22 -1.60
N HIS A 45 -4.88 6.79 -1.78
CA HIS A 45 -5.85 7.52 -2.58
C HIS A 45 -6.18 8.87 -1.94
N GLU A 46 -5.92 9.04 -0.64
CA GLU A 46 -6.10 10.33 0.01
C GLU A 46 -4.80 11.14 0.01
N ALA A 47 -3.68 10.43 0.02
CA ALA A 47 -2.36 11.04 0.11
C ALA A 47 -1.82 11.43 -1.27
N THR A 48 -2.47 10.96 -2.33
CA THR A 48 -1.98 11.18 -3.69
C THR A 48 -3.11 11.37 -4.69
N GLY A 49 -4.27 10.80 -4.41
CA GLY A 49 -5.43 10.91 -5.28
C GLY A 49 -5.54 9.75 -6.28
N MET A 50 -4.60 8.79 -6.21
CA MET A 50 -4.67 7.61 -7.06
C MET A 50 -5.62 6.59 -6.46
N PRO A 51 -6.57 6.06 -7.23
CA PRO A 51 -7.58 5.15 -6.72
C PRO A 51 -6.97 3.80 -6.36
N ALA A 52 -7.56 3.13 -5.37
CA ALA A 52 -7.10 1.84 -4.89
C ALA A 52 -7.28 0.75 -5.94
N GLY A 53 -8.12 1.01 -6.95
CA GLY A 53 -8.40 0.04 -8.00
C GLY A 53 -7.21 -0.20 -8.93
N LYS A 54 -6.13 0.60 -8.78
CA LYS A 54 -4.96 0.44 -9.64
C LYS A 54 -3.65 0.56 -8.87
N GLN A 55 -3.53 -0.19 -7.77
CA GLN A 55 -2.37 -0.16 -6.90
C GLN A 55 -1.90 -1.58 -6.59
N LYS A 56 -0.59 -1.76 -6.44
CA LYS A 56 0.02 -3.05 -6.15
C LYS A 56 0.58 -3.03 -4.74
N LEU A 57 0.26 -4.05 -3.94
CA LEU A 57 0.70 -4.12 -2.55
C LEU A 57 1.98 -4.93 -2.45
N GLN A 58 2.96 -4.40 -1.72
CA GLN A 58 4.20 -5.10 -1.44
C GLN A 58 4.68 -4.71 -0.04
N TYR A 59 5.36 -5.62 0.66
CA TYR A 59 5.91 -5.40 1.98
C TYR A 59 7.31 -5.96 2.03
N GLU A 60 8.30 -5.08 2.25
CA GLU A 60 9.71 -5.48 2.26
C GLU A 60 10.14 -6.24 1.00
N GLY A 61 9.46 -6.02 -0.12
CA GLY A 61 9.76 -6.71 -1.38
C GLY A 61 8.90 -7.95 -1.60
N ILE A 62 7.97 -8.23 -0.68
CA ILE A 62 7.03 -9.34 -0.82
C ILE A 62 5.70 -8.81 -1.31
N PHE A 63 5.28 -9.23 -2.51
CA PHE A 63 3.97 -8.85 -3.02
C PHE A 63 2.87 -9.43 -2.15
N ILE A 64 2.30 -8.58 -1.29
CA ILE A 64 1.19 -8.93 -0.41
C ILE A 64 -0.13 -8.76 -1.15
N LYS A 65 -1.20 -9.35 -0.60
CA LYS A 65 -2.52 -9.20 -1.15
C LYS A 65 -3.28 -8.14 -0.37
N ASP A 66 -4.40 -7.68 -0.92
CA ASP A 66 -5.24 -6.68 -0.28
C ASP A 66 -6.14 -7.37 0.75
N SER A 67 -6.38 -8.66 0.55
CA SER A 67 -7.24 -9.45 1.41
C SER A 67 -6.50 -9.95 2.65
N ASN A 68 -5.16 -10.00 2.61
CA ASN A 68 -4.37 -10.41 3.75
C ASN A 68 -4.27 -9.27 4.76
N SER A 69 -4.03 -9.59 6.03
CA SER A 69 -3.92 -8.61 7.10
C SER A 69 -2.46 -8.35 7.44
N LEU A 70 -2.20 -7.29 8.21
CA LEU A 70 -0.85 -6.91 8.59
C LEU A 70 -0.27 -7.98 9.52
N ALA A 71 -1.10 -8.56 10.38
CA ALA A 71 -0.68 -9.63 11.28
C ALA A 71 -0.20 -10.86 10.50
N TYR A 72 -0.77 -11.09 9.32
CA TYR A 72 -0.40 -12.24 8.50
C TYR A 72 0.96 -12.03 7.86
N TYR A 73 1.31 -10.78 7.57
CA TYR A 73 2.62 -10.41 7.05
C TYR A 73 3.53 -9.89 8.15
N ASN A 74 3.19 -10.18 9.41
CA ASN A 74 4.00 -9.91 10.58
C ASN A 74 4.39 -8.44 10.71
N MET A 75 3.64 -7.58 10.01
CA MET A 75 3.96 -6.17 10.00
C MET A 75 3.74 -5.56 11.38
N ALA A 76 4.44 -4.47 11.67
CA ALA A 76 4.36 -3.79 12.96
C ALA A 76 4.83 -2.36 12.80
N ASN A 77 4.83 -1.61 13.90
CA ASN A 77 5.23 -0.21 13.90
C ASN A 77 6.52 -0.03 13.12
N GLY A 78 6.46 0.79 12.07
CA GLY A 78 7.61 1.08 11.22
C GLY A 78 7.60 0.26 9.93
N ALA A 79 6.56 -0.54 9.70
CA ALA A 79 6.46 -1.37 8.50
C ALA A 79 6.43 -0.49 7.25
N VAL A 80 6.83 -1.03 6.10
CA VAL A 80 6.91 -0.27 4.86
C VAL A 80 6.28 -1.05 3.71
N ILE A 81 5.20 -0.50 3.13
CA ILE A 81 4.48 -1.14 2.05
C ILE A 81 4.83 -0.46 0.73
N HIS A 82 5.58 -1.13 -0.14
CA HIS A 82 5.94 -0.58 -1.43
C HIS A 82 4.71 -0.61 -2.33
N LEU A 83 4.30 0.56 -2.80
CA LEU A 83 3.18 0.70 -3.71
C LEU A 83 3.70 0.75 -5.14
N ALA A 84 3.02 0.08 -6.05
CA ALA A 84 3.37 0.09 -7.46
C ALA A 84 2.10 0.22 -8.29
N LEU A 85 2.21 0.78 -9.50
CA LEU A 85 1.03 0.84 -10.36
C LEU A 85 0.68 -0.56 -10.87
N LYS A 86 -0.59 -0.93 -10.72
CA LYS A 86 -1.14 -2.16 -11.26
C LYS A 86 -2.57 -1.90 -11.68
N GLU A 87 -2.81 -1.74 -12.98
CA GLU A 87 -4.13 -1.42 -13.50
C GLU A 87 -4.66 -2.48 -14.46
N ARG A 88 -3.85 -3.48 -14.81
CA ARG A 88 -4.26 -4.53 -15.75
C ARG A 88 -3.56 -5.86 -15.47
N GLY A 89 -2.99 -6.01 -14.27
CA GLY A 89 -2.22 -7.19 -13.93
C GLY A 89 -0.76 -6.99 -14.31
N GLY A 90 -0.10 -8.05 -14.77
CA GLY A 90 1.31 -7.98 -15.17
C GLY A 90 1.52 -6.98 -16.30
N ARG A 91 2.66 -6.30 -16.27
CA ARG A 91 3.00 -5.25 -17.24
C ARG A 91 3.45 -5.82 -18.58
N LYS A 92 3.46 -7.15 -18.72
CA LYS A 92 3.83 -7.79 -19.97
C LYS A 92 2.76 -7.57 -21.05
N LYS A 93 1.58 -7.11 -20.64
CA LYS A 93 0.49 -6.79 -21.55
C LYS A 93 0.79 -5.49 -22.28
N GLY A 1 -6.54 -9.88 19.99
CA GLY A 1 -6.68 -9.36 18.62
C GLY A 1 -5.51 -8.46 18.27
N GLY A 2 -5.32 -8.21 16.96
CA GLY A 2 -4.25 -7.36 16.47
C GLY A 2 -4.48 -5.90 16.86
N SER A 3 -3.42 -5.26 17.35
CA SER A 3 -3.46 -3.88 17.79
C SER A 3 -3.07 -2.93 16.66
N PRO A 4 -3.40 -1.63 16.75
CA PRO A 4 -2.98 -0.64 15.79
C PRO A 4 -1.46 -0.49 15.80
N VAL A 5 -0.87 -0.37 14.60
CA VAL A 5 0.56 -0.19 14.41
C VAL A 5 0.82 0.80 13.29
N SER A 6 2.04 1.35 13.26
CA SER A 6 2.43 2.27 12.22
C SER A 6 2.77 1.53 10.93
N ILE A 7 2.15 1.96 9.82
CA ILE A 7 2.42 1.37 8.53
C ILE A 7 2.74 2.46 7.53
N LYS A 8 3.87 2.32 6.84
CA LYS A 8 4.30 3.26 5.82
C LYS A 8 3.94 2.72 4.46
N VAL A 9 3.97 3.60 3.45
CA VAL A 9 3.71 3.20 2.08
C VAL A 9 4.74 3.79 1.13
N GLN A 10 5.70 2.97 0.72
CA GLN A 10 6.71 3.32 -0.27
C GLN A 10 6.05 3.52 -1.63
N VAL A 11 5.44 4.69 -1.83
CA VAL A 11 4.82 5.07 -3.09
C VAL A 11 5.77 4.90 -4.27
N PRO A 12 5.25 4.59 -5.47
CA PRO A 12 6.05 4.46 -6.68
C PRO A 12 6.57 5.83 -7.12
N ASN A 13 7.43 5.88 -8.13
CA ASN A 13 7.99 7.14 -8.61
C ASN A 13 7.31 7.59 -9.90
N MET A 14 6.07 8.07 -9.78
CA MET A 14 5.25 8.45 -10.93
C MET A 14 4.54 9.79 -10.67
N GLN A 15 5.28 10.89 -10.69
CA GLN A 15 4.72 12.20 -10.39
C GLN A 15 4.27 12.93 -11.66
N ASP A 16 4.61 12.40 -12.83
CA ASP A 16 4.34 13.05 -14.11
C ASP A 16 3.34 12.25 -14.95
N LYS A 17 2.77 11.16 -14.40
CA LYS A 17 1.86 10.31 -15.15
C LYS A 17 0.54 11.00 -15.49
N THR A 18 -0.22 11.42 -14.47
CA THR A 18 -1.54 12.00 -14.74
C THR A 18 -1.82 13.26 -13.92
N GLU A 19 -2.17 13.13 -12.64
CA GLU A 19 -2.48 14.26 -11.78
C GLU A 19 -2.14 14.01 -10.32
N TRP A 20 -1.87 12.74 -9.97
CA TRP A 20 -1.52 12.33 -8.62
C TRP A 20 -0.12 12.82 -8.26
N LYS A 21 0.36 12.49 -7.06
CA LYS A 21 1.69 12.89 -6.62
C LYS A 21 2.52 11.72 -6.10
N LEU A 22 2.93 10.80 -6.99
CA LEU A 22 3.75 9.67 -6.58
C LEU A 22 5.21 10.03 -6.81
N ASN A 23 5.99 10.20 -5.74
CA ASN A 23 7.38 10.64 -5.85
C ASN A 23 8.33 9.79 -5.01
N GLY A 24 8.06 8.48 -4.94
CA GLY A 24 8.90 7.56 -4.17
C GLY A 24 8.81 7.79 -2.66
N GLN A 25 7.80 8.54 -2.20
CA GLN A 25 7.70 8.95 -0.81
C GLN A 25 7.12 7.83 0.06
N VAL A 26 7.17 7.98 1.38
CA VAL A 26 6.49 7.05 2.28
C VAL A 26 5.33 7.77 2.98
N LEU A 27 4.16 7.14 2.97
CA LEU A 27 3.01 7.67 3.67
C LEU A 27 2.73 6.80 4.88
N VAL A 28 2.82 7.35 6.09
CA VAL A 28 2.62 6.60 7.32
C VAL A 28 1.18 6.74 7.81
N PHE A 29 0.66 5.68 8.42
CA PHE A 29 -0.68 5.65 8.96
C PHE A 29 -0.69 4.77 10.21
N THR A 30 -1.84 4.65 10.87
CA THR A 30 -1.96 3.74 12.01
C THR A 30 -3.21 2.89 11.86
N LEU A 31 -3.04 1.56 11.81
CA LEU A 31 -4.14 0.62 11.58
C LEU A 31 -3.88 -0.68 12.35
N PRO A 32 -4.94 -1.38 12.75
CA PRO A 32 -4.85 -2.62 13.50
C PRO A 32 -4.25 -3.72 12.64
N LEU A 33 -3.59 -4.69 13.25
CA LEU A 33 -2.98 -5.75 12.48
C LEU A 33 -4.04 -6.64 11.81
N THR A 34 -5.31 -6.50 12.20
CA THR A 34 -6.39 -7.31 11.64
C THR A 34 -7.08 -6.62 10.46
N ASP A 35 -6.68 -5.39 10.13
CA ASP A 35 -7.27 -4.67 9.02
C ASP A 35 -6.61 -5.13 7.73
N GLN A 36 -7.30 -5.95 6.95
CA GLN A 36 -6.81 -6.40 5.66
C GLN A 36 -6.12 -5.24 4.94
N VAL A 37 -4.89 -5.48 4.47
CA VAL A 37 -4.00 -4.54 3.78
C VAL A 37 -4.77 -3.67 2.79
N SER A 38 -5.93 -4.12 2.29
CA SER A 38 -6.78 -3.34 1.42
C SER A 38 -7.02 -1.94 1.97
N VAL A 39 -6.96 -1.76 3.29
CA VAL A 39 -7.11 -0.45 3.93
C VAL A 39 -6.02 0.50 3.46
N ILE A 40 -4.78 0.00 3.33
CA ILE A 40 -3.65 0.81 2.92
C ILE A 40 -3.92 1.49 1.58
N LYS A 41 -4.48 0.75 0.61
CA LYS A 41 -4.70 1.28 -0.73
C LYS A 41 -5.55 2.55 -0.69
N VAL A 42 -6.48 2.61 0.27
CA VAL A 42 -7.34 3.77 0.44
C VAL A 42 -6.51 4.95 0.94
N LYS A 43 -5.54 4.65 1.82
CA LYS A 43 -4.72 5.69 2.43
C LYS A 43 -3.89 6.43 1.38
N ILE A 44 -3.43 5.72 0.34
CA ILE A 44 -2.71 6.36 -0.75
C ILE A 44 -3.64 7.26 -1.56
N HIS A 45 -4.89 6.83 -1.75
CA HIS A 45 -5.86 7.57 -2.53
C HIS A 45 -6.17 8.91 -1.89
N GLU A 46 -5.90 9.07 -0.59
CA GLU A 46 -6.08 10.36 0.07
C GLU A 46 -4.78 11.17 0.05
N ALA A 47 -3.65 10.46 0.05
CA ALA A 47 -2.33 11.09 0.13
C ALA A 47 -1.81 11.47 -1.25
N THR A 48 -2.45 11.00 -2.31
CA THR A 48 -1.97 11.22 -3.67
C THR A 48 -3.10 11.41 -4.67
N GLY A 49 -4.27 10.85 -4.38
CA GLY A 49 -5.43 10.96 -5.23
C GLY A 49 -5.55 9.80 -6.22
N MET A 50 -4.62 8.83 -6.16
CA MET A 50 -4.67 7.65 -7.02
C MET A 50 -5.63 6.62 -6.42
N PRO A 51 -6.58 6.10 -7.20
CA PRO A 51 -7.59 5.18 -6.69
C PRO A 51 -6.97 3.83 -6.35
N ALA A 52 -7.56 3.14 -5.37
CA ALA A 52 -7.09 1.85 -4.89
C ALA A 52 -7.27 0.76 -5.95
N GLY A 53 -8.10 1.02 -6.95
CA GLY A 53 -8.37 0.05 -8.00
C GLY A 53 -7.17 -0.16 -8.93
N LYS A 54 -6.11 0.63 -8.78
CA LYS A 54 -4.93 0.50 -9.64
C LYS A 54 -3.62 0.61 -8.86
N GLN A 55 -3.51 -0.14 -7.76
CA GLN A 55 -2.34 -0.11 -6.89
C GLN A 55 -1.88 -1.52 -6.58
N LYS A 56 -0.57 -1.71 -6.43
CA LYS A 56 0.03 -3.00 -6.14
C LYS A 56 0.59 -2.99 -4.73
N LEU A 57 0.26 -4.01 -3.94
CA LEU A 57 0.70 -4.09 -2.56
C LEU A 57 1.98 -4.90 -2.46
N GLN A 58 2.95 -4.38 -1.71
CA GLN A 58 4.19 -5.08 -1.42
C GLN A 58 4.67 -4.70 -0.03
N TYR A 59 5.33 -5.62 0.68
CA TYR A 59 5.89 -5.39 2.00
C TYR A 59 7.31 -5.95 2.03
N GLU A 60 8.30 -5.08 2.25
CA GLU A 60 9.70 -5.46 2.27
C GLU A 60 10.13 -6.23 1.02
N GLY A 61 9.45 -6.00 -0.11
CA GLY A 61 9.76 -6.69 -1.37
C GLY A 61 8.89 -7.91 -1.60
N ILE A 62 7.97 -8.21 -0.69
CA ILE A 62 7.03 -9.32 -0.83
C ILE A 62 5.69 -8.78 -1.33
N PHE A 63 5.27 -9.19 -2.52
CA PHE A 63 3.97 -8.81 -3.04
C PHE A 63 2.86 -9.40 -2.16
N ILE A 64 2.29 -8.55 -1.31
CA ILE A 64 1.19 -8.90 -0.44
C ILE A 64 -0.13 -8.72 -1.18
N LYS A 65 -1.20 -9.32 -0.64
CA LYS A 65 -2.53 -9.17 -1.19
C LYS A 65 -3.28 -8.11 -0.40
N ASP A 66 -4.40 -7.65 -0.95
CA ASP A 66 -5.26 -6.66 -0.31
C ASP A 66 -6.15 -7.35 0.72
N SER A 67 -6.38 -8.65 0.53
CA SER A 67 -7.23 -9.45 1.39
C SER A 67 -6.47 -9.96 2.62
N ASN A 68 -5.14 -10.00 2.57
CA ASN A 68 -4.34 -10.41 3.71
C ASN A 68 -4.27 -9.27 4.72
N SER A 69 -4.00 -9.60 5.99
CA SER A 69 -3.89 -8.61 7.06
C SER A 69 -2.43 -8.35 7.41
N LEU A 70 -2.19 -7.29 8.17
CA LEU A 70 -0.84 -6.91 8.56
C LEU A 70 -0.26 -7.98 9.49
N ALA A 71 -1.11 -8.57 10.35
CA ALA A 71 -0.69 -9.65 11.24
C ALA A 71 -0.22 -10.87 10.45
N TYR A 72 -0.78 -11.10 9.27
CA TYR A 72 -0.42 -12.25 8.44
C TYR A 72 0.96 -12.05 7.82
N TYR A 73 1.33 -10.79 7.55
CA TYR A 73 2.65 -10.45 7.03
C TYR A 73 3.59 -9.99 8.13
N ASN A 74 3.21 -10.20 9.40
CA ASN A 74 4.05 -9.91 10.57
C ASN A 74 4.40 -8.43 10.70
N MET A 75 3.65 -7.57 10.01
CA MET A 75 3.94 -6.15 10.00
C MET A 75 3.72 -5.56 11.39
N ALA A 76 4.41 -4.45 11.68
CA ALA A 76 4.35 -3.79 12.98
C ALA A 76 4.82 -2.34 12.82
N ASN A 77 4.86 -1.60 13.93
CA ASN A 77 5.27 -0.19 13.89
C ASN A 77 6.55 -0.06 13.08
N GLY A 78 6.49 0.78 12.07
CA GLY A 78 7.64 1.06 11.21
C GLY A 78 7.62 0.24 9.92
N ALA A 79 6.56 -0.54 9.70
CA ALA A 79 6.45 -1.37 8.50
C ALA A 79 6.42 -0.49 7.26
N VAL A 80 6.83 -1.02 6.10
CA VAL A 80 6.90 -0.25 4.86
C VAL A 80 6.26 -1.04 3.72
N ILE A 81 5.19 -0.48 3.15
CA ILE A 81 4.47 -1.12 2.06
C ILE A 81 4.81 -0.44 0.74
N HIS A 82 5.56 -1.11 -0.13
CA HIS A 82 5.93 -0.55 -1.41
C HIS A 82 4.71 -0.59 -2.31
N LEU A 83 4.30 0.58 -2.78
CA LEU A 83 3.17 0.72 -3.69
C LEU A 83 3.71 0.75 -5.11
N ALA A 84 3.02 0.11 -6.04
CA ALA A 84 3.38 0.12 -7.44
C ALA A 84 2.13 0.30 -8.29
N LEU A 85 2.26 0.86 -9.49
CA LEU A 85 1.12 0.98 -10.36
C LEU A 85 0.76 -0.39 -10.92
N LYS A 86 -0.52 -0.76 -10.76
CA LYS A 86 -1.06 -2.00 -11.30
C LYS A 86 -2.48 -1.73 -11.74
N GLU A 87 -2.70 -1.57 -13.05
CA GLU A 87 -4.01 -1.28 -13.60
C GLU A 87 -4.46 -2.35 -14.60
N ARG A 88 -3.72 -3.46 -14.67
CA ARG A 88 -4.00 -4.58 -15.57
C ARG A 88 -3.87 -5.89 -14.81
N GLY A 89 -4.44 -6.96 -15.36
CA GLY A 89 -4.40 -8.28 -14.75
C GLY A 89 -5.16 -9.30 -15.60
N GLY A 90 -5.28 -10.53 -15.08
CA GLY A 90 -5.96 -11.62 -15.76
C GLY A 90 -5.11 -12.21 -16.88
N ARG A 91 -5.68 -13.20 -17.59
CA ARG A 91 -4.99 -13.88 -18.69
C ARG A 91 -4.86 -12.97 -19.90
N LYS A 92 -3.92 -13.29 -20.79
CA LYS A 92 -3.68 -12.53 -22.01
C LYS A 92 -4.87 -12.68 -22.96
N LYS A 93 -5.11 -11.64 -23.78
CA LYS A 93 -6.22 -11.63 -24.74
C LYS A 93 -5.99 -12.68 -25.83
N GLY A 1 -2.65 -8.08 20.69
CA GLY A 1 -2.78 -8.76 19.39
C GLY A 1 -3.83 -8.06 18.53
N GLY A 2 -3.52 -7.89 17.23
CA GLY A 2 -4.43 -7.22 16.31
C GLY A 2 -4.47 -5.71 16.56
N SER A 3 -3.53 -5.21 17.35
CA SER A 3 -3.52 -3.83 17.80
C SER A 3 -3.07 -2.89 16.69
N PRO A 4 -3.40 -1.59 16.76
CA PRO A 4 -2.98 -0.61 15.79
C PRO A 4 -1.46 -0.45 15.81
N VAL A 5 -0.87 -0.32 14.61
CA VAL A 5 0.56 -0.14 14.43
C VAL A 5 0.82 0.86 13.31
N SER A 6 2.04 1.38 13.24
CA SER A 6 2.44 2.30 12.20
C SER A 6 2.75 1.54 10.91
N ILE A 7 2.14 1.98 9.81
CA ILE A 7 2.41 1.38 8.51
C ILE A 7 2.73 2.47 7.50
N LYS A 8 3.86 2.32 6.82
CA LYS A 8 4.30 3.26 5.80
C LYS A 8 3.94 2.71 4.44
N VAL A 9 3.98 3.58 3.44
CA VAL A 9 3.71 3.19 2.07
C VAL A 9 4.74 3.78 1.12
N GLN A 10 5.71 2.96 0.70
CA GLN A 10 6.72 3.32 -0.27
C GLN A 10 6.07 3.52 -1.64
N VAL A 11 5.45 4.67 -1.84
CA VAL A 11 4.81 5.06 -3.10
C VAL A 11 5.78 4.89 -4.28
N PRO A 12 5.26 4.58 -5.48
CA PRO A 12 6.05 4.44 -6.69
C PRO A 12 6.56 5.83 -7.13
N ASN A 13 7.43 5.88 -8.15
CA ASN A 13 7.98 7.13 -8.62
C ASN A 13 7.29 7.59 -9.90
N MET A 14 6.06 8.06 -9.78
CA MET A 14 5.23 8.45 -10.93
C MET A 14 4.52 9.78 -10.65
N GLN A 15 5.25 10.88 -10.65
CA GLN A 15 4.68 12.18 -10.31
C GLN A 15 4.09 12.89 -11.52
N ASP A 16 4.52 12.49 -12.72
CA ASP A 16 4.20 13.19 -13.95
C ASP A 16 3.25 12.39 -14.84
N LYS A 17 2.75 11.24 -14.36
CA LYS A 17 1.87 10.39 -15.14
C LYS A 17 0.54 11.05 -15.48
N THR A 18 -0.24 11.46 -14.47
CA THR A 18 -1.56 12.02 -14.73
C THR A 18 -1.86 13.28 -13.92
N GLU A 19 -2.18 13.14 -12.63
CA GLU A 19 -2.48 14.29 -11.77
C GLU A 19 -2.13 14.02 -10.31
N TRP A 20 -1.85 12.75 -9.96
CA TRP A 20 -1.51 12.34 -8.61
C TRP A 20 -0.10 12.83 -8.26
N LYS A 21 0.39 12.49 -7.06
CA LYS A 21 1.72 12.90 -6.63
C LYS A 21 2.56 11.74 -6.11
N LEU A 22 2.92 10.80 -6.98
CA LEU A 22 3.75 9.67 -6.58
C LEU A 22 5.21 10.05 -6.81
N ASN A 23 6.01 10.17 -5.75
CA ASN A 23 7.40 10.61 -5.87
C ASN A 23 8.34 9.77 -5.03
N GLY A 24 8.06 8.46 -4.93
CA GLY A 24 8.90 7.55 -4.17
C GLY A 24 8.80 7.78 -2.66
N GLN A 25 7.79 8.54 -2.21
CA GLN A 25 7.70 8.96 -0.81
C GLN A 25 7.11 7.83 0.05
N VAL A 26 7.18 7.98 1.37
CA VAL A 26 6.50 7.06 2.28
C VAL A 26 5.34 7.77 2.96
N LEU A 27 4.16 7.13 2.96
CA LEU A 27 3.00 7.66 3.64
C LEU A 27 2.72 6.78 4.86
N VAL A 28 2.82 7.35 6.06
CA VAL A 28 2.62 6.61 7.30
C VAL A 28 1.18 6.75 7.78
N PHE A 29 0.66 5.68 8.38
CA PHE A 29 -0.69 5.67 8.94
C PHE A 29 -0.71 4.80 10.18
N THR A 30 -1.86 4.68 10.84
CA THR A 30 -1.99 3.79 11.99
C THR A 30 -3.22 2.92 11.85
N LEU A 31 -3.05 1.60 11.82
CA LEU A 31 -4.15 0.65 11.59
C LEU A 31 -3.88 -0.64 12.36
N PRO A 32 -4.95 -1.36 12.76
CA PRO A 32 -4.87 -2.60 13.51
C PRO A 32 -4.26 -3.69 12.64
N LEU A 33 -3.58 -4.65 13.26
CA LEU A 33 -2.97 -5.71 12.48
C LEU A 33 -4.01 -6.59 11.81
N THR A 34 -5.28 -6.47 12.20
CA THR A 34 -6.35 -7.29 11.63
C THR A 34 -7.03 -6.62 10.44
N ASP A 35 -6.66 -5.37 10.14
CA ASP A 35 -7.24 -4.65 9.02
C ASP A 35 -6.59 -5.12 7.74
N GLN A 36 -7.29 -5.94 6.95
CA GLN A 36 -6.79 -6.39 5.67
C GLN A 36 -6.10 -5.23 4.95
N VAL A 37 -4.87 -5.49 4.47
CA VAL A 37 -3.99 -4.54 3.78
C VAL A 37 -4.75 -3.67 2.78
N SER A 38 -5.91 -4.12 2.30
CA SER A 38 -6.77 -3.34 1.41
C SER A 38 -7.01 -1.94 1.97
N VAL A 39 -6.95 -1.77 3.29
CA VAL A 39 -7.12 -0.46 3.92
C VAL A 39 -6.02 0.49 3.45
N ILE A 40 -4.79 0.00 3.33
CA ILE A 40 -3.66 0.82 2.90
C ILE A 40 -3.92 1.48 1.56
N LYS A 41 -4.49 0.74 0.60
CA LYS A 41 -4.70 1.27 -0.75
C LYS A 41 -5.56 2.54 -0.70
N VAL A 42 -6.49 2.60 0.25
CA VAL A 42 -7.34 3.76 0.42
C VAL A 42 -6.51 4.94 0.93
N LYS A 43 -5.55 4.64 1.80
CA LYS A 43 -4.73 5.66 2.42
C LYS A 43 -3.90 6.40 1.38
N ILE A 44 -3.44 5.70 0.33
CA ILE A 44 -2.70 6.35 -0.75
C ILE A 44 -3.62 7.25 -1.57
N HIS A 45 -4.87 6.83 -1.76
CA HIS A 45 -5.85 7.56 -2.55
C HIS A 45 -6.16 8.91 -1.90
N GLU A 46 -5.89 9.07 -0.60
CA GLU A 46 -6.07 10.36 0.06
C GLU A 46 -4.77 11.15 0.04
N ALA A 47 -3.63 10.45 0.05
CA ALA A 47 -2.32 11.07 0.13
C ALA A 47 -1.79 11.46 -1.24
N THR A 48 -2.45 11.00 -2.31
CA THR A 48 -1.96 11.21 -3.67
C THR A 48 -3.09 11.41 -4.68
N GLY A 49 -4.27 10.85 -4.38
CA GLY A 49 -5.43 10.96 -5.25
C GLY A 49 -5.52 9.81 -6.24
N MET A 50 -4.60 8.83 -6.18
CA MET A 50 -4.66 7.66 -7.03
C MET A 50 -5.62 6.63 -6.43
N PRO A 51 -6.57 6.11 -7.20
CA PRO A 51 -7.58 5.19 -6.71
C PRO A 51 -6.97 3.84 -6.36
N ALA A 52 -7.56 3.16 -5.38
CA ALA A 52 -7.10 1.86 -4.91
C ALA A 52 -7.27 0.77 -5.97
N GLY A 53 -8.09 1.02 -6.98
CA GLY A 53 -8.37 0.06 -8.05
C GLY A 53 -7.16 -0.16 -8.96
N LYS A 54 -6.09 0.64 -8.80
CA LYS A 54 -4.92 0.51 -9.65
C LYS A 54 -3.61 0.62 -8.86
N GLN A 55 -3.50 -0.14 -7.77
CA GLN A 55 -2.34 -0.11 -6.89
C GLN A 55 -1.88 -1.53 -6.59
N LYS A 56 -0.57 -1.72 -6.45
CA LYS A 56 0.03 -3.01 -6.15
C LYS A 56 0.59 -3.01 -4.74
N LEU A 57 0.26 -4.03 -3.95
CA LEU A 57 0.70 -4.11 -2.58
C LEU A 57 1.99 -4.92 -2.48
N GLN A 58 2.96 -4.39 -1.74
CA GLN A 58 4.19 -5.10 -1.45
C GLN A 58 4.68 -4.71 -0.05
N TYR A 59 5.36 -5.62 0.64
CA TYR A 59 5.92 -5.38 1.96
C TYR A 59 7.32 -5.97 2.02
N GLU A 60 8.32 -5.10 2.24
CA GLU A 60 9.72 -5.50 2.26
C GLU A 60 10.14 -6.25 1.00
N GLY A 61 9.46 -6.02 -0.13
CA GLY A 61 9.78 -6.70 -1.38
C GLY A 61 8.90 -7.93 -1.62
N ILE A 62 7.98 -8.22 -0.70
CA ILE A 62 7.04 -9.32 -0.84
C ILE A 62 5.70 -8.81 -1.34
N PHE A 63 5.28 -9.21 -2.53
CA PHE A 63 3.98 -8.83 -3.05
C PHE A 63 2.88 -9.42 -2.17
N ILE A 64 2.30 -8.57 -1.32
CA ILE A 64 1.21 -8.92 -0.44
C ILE A 64 -0.12 -8.75 -1.18
N LYS A 65 -1.18 -9.34 -0.64
CA LYS A 65 -2.52 -9.19 -1.18
C LYS A 65 -3.27 -8.14 -0.39
N ASP A 66 -4.39 -7.67 -0.93
CA ASP A 66 -5.23 -6.67 -0.28
C ASP A 66 -6.12 -7.37 0.74
N SER A 67 -6.37 -8.66 0.56
CA SER A 67 -7.20 -9.45 1.42
C SER A 67 -6.46 -9.96 2.65
N ASN A 68 -5.12 -10.00 2.60
CA ASN A 68 -4.32 -10.40 3.74
C ASN A 68 -4.25 -9.28 4.75
N SER A 69 -4.01 -9.61 6.03
CA SER A 69 -3.91 -8.62 7.08
C SER A 69 -2.44 -8.34 7.41
N LEU A 70 -2.19 -7.27 8.18
CA LEU A 70 -0.85 -6.89 8.57
C LEU A 70 -0.27 -7.97 9.51
N ALA A 71 -1.11 -8.55 10.36
CA ALA A 71 -0.69 -9.61 11.27
C ALA A 71 -0.24 -10.86 10.49
N TYR A 72 -0.80 -11.09 9.31
CA TYR A 72 -0.45 -12.25 8.50
C TYR A 72 0.94 -12.07 7.88
N TYR A 73 1.31 -10.82 7.59
CA TYR A 73 2.65 -10.51 7.08
C TYR A 73 3.58 -10.07 8.21
N ASN A 74 3.14 -10.24 9.46
CA ASN A 74 3.96 -9.97 10.63
C ASN A 74 4.39 -8.52 10.71
N MET A 75 3.67 -7.62 10.02
CA MET A 75 3.98 -6.20 10.02
C MET A 75 3.75 -5.61 11.40
N ALA A 76 4.43 -4.50 11.68
CA ALA A 76 4.34 -3.82 12.96
C ALA A 76 4.81 -2.38 12.81
N ASN A 77 4.81 -1.62 13.90
CA ASN A 77 5.22 -0.23 13.90
C ASN A 77 6.51 -0.04 13.12
N GLY A 78 6.44 0.79 12.08
CA GLY A 78 7.59 1.08 11.24
C GLY A 78 7.59 0.26 9.94
N ALA A 79 6.55 -0.54 9.70
CA ALA A 79 6.45 -1.37 8.51
C ALA A 79 6.42 -0.48 7.27
N VAL A 80 6.82 -1.03 6.11
CA VAL A 80 6.89 -0.26 4.87
C VAL A 80 6.28 -1.05 3.71
N ILE A 81 5.19 -0.50 3.14
CA ILE A 81 4.48 -1.14 2.05
C ILE A 81 4.83 -0.46 0.74
N HIS A 82 5.58 -1.12 -0.13
CA HIS A 82 5.94 -0.57 -1.42
C HIS A 82 4.71 -0.60 -2.32
N LEU A 83 4.30 0.57 -2.80
CA LEU A 83 3.17 0.70 -3.70
C LEU A 83 3.71 0.74 -5.13
N ALA A 84 3.01 0.09 -6.05
CA ALA A 84 3.39 0.11 -7.45
C ALA A 84 2.13 0.29 -8.30
N LEU A 85 2.28 0.86 -9.50
CA LEU A 85 1.13 0.98 -10.38
C LEU A 85 0.76 -0.40 -10.94
N LYS A 86 -0.50 -0.77 -10.77
CA LYS A 86 -1.05 -2.00 -11.32
C LYS A 86 -2.47 -1.72 -11.77
N GLU A 87 -2.68 -1.56 -13.07
CA GLU A 87 -3.98 -1.23 -13.63
C GLU A 87 -4.43 -2.25 -14.67
N ARG A 88 -3.59 -3.26 -14.94
CA ARG A 88 -3.85 -4.26 -15.98
C ARG A 88 -3.18 -5.60 -15.64
N GLY A 89 -3.58 -6.65 -16.34
CA GLY A 89 -3.03 -7.99 -16.12
C GLY A 89 -3.61 -8.98 -17.13
N GLY A 90 -3.28 -10.27 -16.96
CA GLY A 90 -3.76 -11.33 -17.83
C GLY A 90 -5.25 -11.59 -17.63
N ARG A 91 -5.85 -12.35 -18.55
CA ARG A 91 -7.27 -12.69 -18.51
C ARG A 91 -7.61 -13.69 -17.40
N LYS A 92 -6.59 -14.18 -16.69
CA LYS A 92 -6.76 -15.16 -15.61
C LYS A 92 -5.60 -15.09 -14.63
N LYS A 93 -5.77 -15.71 -13.46
CA LYS A 93 -4.72 -15.78 -12.44
C LYS A 93 -3.59 -16.70 -12.93
N GLY A 1 -6.60 -9.80 20.00
CA GLY A 1 -6.75 -9.25 18.64
C GLY A 1 -5.58 -8.36 18.28
N GLY A 2 -5.38 -8.13 16.98
CA GLY A 2 -4.30 -7.29 16.48
C GLY A 2 -4.52 -5.83 16.87
N SER A 3 -3.46 -5.18 17.36
CA SER A 3 -3.49 -3.79 17.80
C SER A 3 -3.09 -2.85 16.66
N PRO A 4 -3.44 -1.56 16.74
CA PRO A 4 -3.01 -0.58 15.76
C PRO A 4 -1.48 -0.44 15.78
N VAL A 5 -0.89 -0.31 14.60
CA VAL A 5 0.55 -0.14 14.41
C VAL A 5 0.81 0.85 13.28
N SER A 6 2.04 1.37 13.22
CA SER A 6 2.44 2.29 12.18
C SER A 6 2.75 1.54 10.90
N ILE A 7 2.14 1.97 9.79
CA ILE A 7 2.41 1.37 8.49
C ILE A 7 2.73 2.47 7.50
N LYS A 8 3.86 2.32 6.81
CA LYS A 8 4.30 3.26 5.79
C LYS A 8 3.94 2.71 4.43
N VAL A 9 3.96 3.58 3.41
CA VAL A 9 3.70 3.18 2.05
C VAL A 9 4.74 3.76 1.10
N GLN A 10 5.70 2.94 0.68
CA GLN A 10 6.71 3.29 -0.29
C GLN A 10 6.06 3.49 -1.65
N VAL A 11 5.45 4.65 -1.85
CA VAL A 11 4.81 5.02 -3.12
C VAL A 11 5.77 4.85 -4.28
N PRO A 12 5.25 4.53 -5.50
CA PRO A 12 6.06 4.41 -6.70
C PRO A 12 6.57 5.78 -7.14
N ASN A 13 7.44 5.83 -8.16
CA ASN A 13 8.01 7.10 -8.61
C ASN A 13 7.34 7.57 -9.90
N MET A 14 6.11 8.08 -9.78
CA MET A 14 5.30 8.51 -10.91
C MET A 14 4.61 9.85 -10.59
N GLN A 15 5.39 10.93 -10.57
CA GLN A 15 4.87 12.23 -10.15
C GLN A 15 4.11 12.94 -11.27
N ASP A 16 4.51 12.67 -12.51
CA ASP A 16 4.07 13.41 -13.69
C ASP A 16 3.11 12.61 -14.57
N LYS A 17 2.71 11.41 -14.16
CA LYS A 17 1.91 10.53 -15.01
C LYS A 17 0.57 11.14 -15.39
N THR A 18 -0.26 11.52 -14.41
CA THR A 18 -1.59 12.04 -14.71
C THR A 18 -1.93 13.29 -13.91
N GLU A 19 -2.27 13.14 -12.63
CA GLU A 19 -2.62 14.26 -11.76
C GLU A 19 -2.25 13.99 -10.30
N TRP A 20 -1.94 12.74 -9.97
CA TRP A 20 -1.56 12.32 -8.63
C TRP A 20 -0.15 12.80 -8.31
N LYS A 21 0.36 12.45 -7.12
CA LYS A 21 1.70 12.83 -6.71
C LYS A 21 2.48 11.63 -6.17
N LEU A 22 2.96 10.75 -7.05
CA LEU A 22 3.77 9.61 -6.62
C LEU A 22 5.24 9.98 -6.84
N ASN A 23 6.04 10.07 -5.78
CA ASN A 23 7.41 10.52 -5.89
C ASN A 23 8.38 9.69 -5.06
N GLY A 24 8.08 8.40 -4.93
CA GLY A 24 8.92 7.49 -4.15
C GLY A 24 8.81 7.75 -2.65
N GLN A 25 7.79 8.50 -2.23
CA GLN A 25 7.69 8.94 -0.83
C GLN A 25 7.09 7.83 0.03
N VAL A 26 7.19 7.95 1.35
CA VAL A 26 6.50 7.04 2.26
C VAL A 26 5.34 7.75 2.93
N LEU A 27 4.16 7.12 2.93
CA LEU A 27 3.00 7.65 3.62
C LEU A 27 2.71 6.78 4.83
N VAL A 28 2.83 7.36 6.03
CA VAL A 28 2.63 6.62 7.27
C VAL A 28 1.19 6.76 7.76
N PHE A 29 0.67 5.69 8.37
CA PHE A 29 -0.68 5.68 8.92
C PHE A 29 -0.70 4.79 10.15
N THR A 30 -1.85 4.68 10.82
CA THR A 30 -1.98 3.79 11.96
C THR A 30 -3.22 2.93 11.83
N LEU A 31 -3.04 1.60 11.78
CA LEU A 31 -4.14 0.66 11.57
C LEU A 31 -3.88 -0.63 12.33
N PRO A 32 -4.95 -1.34 12.72
CA PRO A 32 -4.86 -2.57 13.48
C PRO A 32 -4.25 -3.68 12.63
N LEU A 33 -3.60 -4.66 13.27
CA LEU A 33 -2.98 -5.73 12.51
C LEU A 33 -4.02 -6.60 11.81
N THR A 34 -5.30 -6.47 12.19
CA THR A 34 -6.36 -7.30 11.61
C THR A 34 -7.04 -6.63 10.44
N ASP A 35 -6.66 -5.40 10.11
CA ASP A 35 -7.24 -4.67 9.00
C ASP A 35 -6.58 -5.13 7.71
N GLN A 36 -7.28 -5.96 6.93
CA GLN A 36 -6.76 -6.40 5.65
C GLN A 36 -6.08 -5.23 4.93
N VAL A 37 -4.85 -5.45 4.45
CA VAL A 37 -3.99 -4.49 3.77
C VAL A 37 -4.77 -3.62 2.78
N SER A 38 -5.92 -4.09 2.29
CA SER A 38 -6.79 -3.32 1.40
C SER A 38 -7.04 -1.91 1.95
N VAL A 39 -6.97 -1.74 3.28
CA VAL A 39 -7.12 -0.44 3.91
C VAL A 39 -6.03 0.53 3.44
N ILE A 40 -4.80 0.03 3.31
CA ILE A 40 -3.67 0.84 2.89
C ILE A 40 -3.93 1.50 1.55
N LYS A 41 -4.51 0.77 0.59
CA LYS A 41 -4.73 1.29 -0.77
C LYS A 41 -5.58 2.56 -0.72
N VAL A 42 -6.50 2.64 0.24
CA VAL A 42 -7.35 3.81 0.42
C VAL A 42 -6.51 4.96 0.93
N LYS A 43 -5.53 4.66 1.79
CA LYS A 43 -4.70 5.69 2.40
C LYS A 43 -3.88 6.42 1.36
N ILE A 44 -3.43 5.72 0.32
CA ILE A 44 -2.69 6.36 -0.78
C ILE A 44 -3.62 7.26 -1.59
N HIS A 45 -4.87 6.83 -1.77
CA HIS A 45 -5.85 7.58 -2.55
C HIS A 45 -6.15 8.92 -1.90
N GLU A 46 -5.86 9.08 -0.61
CA GLU A 46 -6.04 10.36 0.06
C GLU A 46 -4.74 11.16 0.03
N ALA A 47 -3.61 10.47 0.02
CA ALA A 47 -2.30 11.09 0.09
C ALA A 47 -1.77 11.47 -1.29
N THR A 48 -2.44 11.00 -2.35
CA THR A 48 -1.96 11.21 -3.71
C THR A 48 -3.11 11.38 -4.71
N GLY A 49 -4.28 10.83 -4.39
CA GLY A 49 -5.45 10.94 -5.26
C GLY A 49 -5.54 9.79 -6.25
N MET A 50 -4.61 8.83 -6.19
CA MET A 50 -4.67 7.65 -7.05
C MET A 50 -5.63 6.62 -6.45
N PRO A 51 -6.58 6.09 -7.23
CA PRO A 51 -7.58 5.18 -6.73
C PRO A 51 -6.98 3.82 -6.38
N ALA A 52 -7.58 3.14 -5.40
CA ALA A 52 -7.11 1.84 -4.93
C ALA A 52 -7.27 0.75 -5.98
N GLY A 53 -8.10 1.01 -6.99
CA GLY A 53 -8.36 0.05 -8.06
C GLY A 53 -7.17 -0.16 -8.98
N LYS A 54 -6.10 0.63 -8.82
CA LYS A 54 -4.92 0.50 -9.67
C LYS A 54 -3.61 0.61 -8.89
N GLN A 55 -3.51 -0.16 -7.79
CA GLN A 55 -2.35 -0.13 -6.92
C GLN A 55 -1.90 -1.56 -6.61
N LYS A 56 -0.58 -1.75 -6.48
CA LYS A 56 0.01 -3.04 -6.18
C LYS A 56 0.58 -3.02 -4.77
N LEU A 57 0.26 -4.04 -3.97
CA LEU A 57 0.71 -4.10 -2.59
C LEU A 57 1.98 -4.93 -2.48
N GLN A 58 2.95 -4.41 -1.74
CA GLN A 58 4.18 -5.11 -1.44
C GLN A 58 4.68 -4.72 -0.05
N TYR A 59 5.35 -5.64 0.65
CA TYR A 59 5.91 -5.39 1.98
C TYR A 59 7.32 -5.96 2.02
N GLU A 60 8.31 -5.09 2.24
CA GLU A 60 9.71 -5.48 2.25
C GLU A 60 10.14 -6.25 0.99
N GLY A 61 9.46 -6.03 -0.14
CA GLY A 61 9.77 -6.72 -1.39
C GLY A 61 8.89 -7.96 -1.60
N ILE A 62 7.96 -8.22 -0.67
CA ILE A 62 7.03 -9.35 -0.79
C ILE A 62 5.69 -8.83 -1.28
N PHE A 63 5.26 -9.26 -2.47
CA PHE A 63 3.95 -8.88 -2.98
C PHE A 63 2.86 -9.46 -2.08
N ILE A 64 2.27 -8.57 -1.28
CA ILE A 64 1.17 -8.90 -0.38
C ILE A 64 -0.15 -8.72 -1.10
N LYS A 65 -1.21 -9.31 -0.56
CA LYS A 65 -2.55 -9.16 -1.12
C LYS A 65 -3.29 -8.09 -0.36
N ASP A 66 -4.39 -7.61 -0.94
CA ASP A 66 -5.27 -6.65 -0.31
C ASP A 66 -6.13 -7.33 0.76
N SER A 67 -6.39 -8.63 0.60
CA SER A 67 -7.19 -9.39 1.55
C SER A 67 -6.36 -9.93 2.71
N ASN A 68 -5.02 -9.95 2.57
CA ASN A 68 -4.15 -10.36 3.66
C ASN A 68 -4.17 -9.26 4.70
N SER A 69 -3.93 -9.61 5.98
CA SER A 69 -3.86 -8.63 7.06
C SER A 69 -2.41 -8.35 7.43
N LEU A 70 -2.19 -7.29 8.20
CA LEU A 70 -0.84 -6.90 8.60
C LEU A 70 -0.26 -7.96 9.54
N ALA A 71 -1.10 -8.54 10.39
CA ALA A 71 -0.68 -9.60 11.31
C ALA A 71 -0.21 -10.85 10.53
N TYR A 72 -0.78 -11.07 9.35
CA TYR A 72 -0.43 -12.24 8.53
C TYR A 72 0.95 -12.08 7.91
N TYR A 73 1.35 -10.83 7.62
CA TYR A 73 2.68 -10.51 7.13
C TYR A 73 3.60 -10.09 8.27
N ASN A 74 3.15 -10.25 9.51
CA ASN A 74 3.98 -9.97 10.68
C ASN A 74 4.40 -8.50 10.74
N MET A 75 3.67 -7.62 10.04
CA MET A 75 3.98 -6.20 10.02
C MET A 75 3.75 -5.60 11.40
N ALA A 76 4.44 -4.50 11.69
CA ALA A 76 4.35 -3.81 12.96
C ALA A 76 4.81 -2.38 12.80
N ASN A 77 4.81 -1.62 13.90
CA ASN A 77 5.20 -0.22 13.89
C ASN A 77 6.50 -0.03 13.11
N GLY A 78 6.43 0.79 12.07
CA GLY A 78 7.57 1.09 11.23
C GLY A 78 7.58 0.28 9.93
N ALA A 79 6.54 -0.55 9.69
CA ALA A 79 6.47 -1.37 8.50
C ALA A 79 6.43 -0.49 7.24
N VAL A 80 6.84 -1.02 6.10
CA VAL A 80 6.90 -0.26 4.85
C VAL A 80 6.27 -1.06 3.71
N ILE A 81 5.20 -0.51 3.13
CA ILE A 81 4.47 -1.16 2.04
C ILE A 81 4.82 -0.47 0.72
N HIS A 82 5.56 -1.15 -0.15
CA HIS A 82 5.93 -0.60 -1.43
C HIS A 82 4.70 -0.64 -2.34
N LEU A 83 4.29 0.53 -2.82
CA LEU A 83 3.17 0.67 -3.73
C LEU A 83 3.72 0.69 -5.15
N ALA A 84 3.02 0.05 -6.08
CA ALA A 84 3.39 0.06 -7.49
C ALA A 84 2.13 0.24 -8.34
N LEU A 85 2.27 0.81 -9.53
CA LEU A 85 1.13 0.95 -10.41
C LEU A 85 0.76 -0.41 -10.97
N LYS A 86 -0.51 -0.79 -10.80
CA LYS A 86 -1.06 -2.02 -11.34
C LYS A 86 -2.49 -1.75 -11.77
N GLU A 87 -2.72 -1.60 -13.08
CA GLU A 87 -4.05 -1.32 -13.61
C GLU A 87 -4.49 -2.38 -14.61
N ARG A 88 -3.53 -3.17 -15.14
CA ARG A 88 -3.79 -4.18 -16.16
C ARG A 88 -2.90 -5.41 -15.96
N GLY A 89 -2.22 -5.49 -14.81
CA GLY A 89 -1.32 -6.60 -14.50
C GLY A 89 -0.03 -6.51 -15.29
N GLY A 90 0.79 -7.56 -15.19
CA GLY A 90 2.07 -7.63 -15.90
C GLY A 90 1.88 -7.92 -17.38
N ARG A 91 2.98 -7.87 -18.15
CA ARG A 91 2.96 -8.12 -19.59
C ARG A 91 4.32 -8.63 -20.07
N LYS A 92 4.34 -9.18 -21.28
CA LYS A 92 5.58 -9.59 -21.94
C LYS A 92 6.35 -8.35 -22.40
N LYS A 93 7.68 -8.47 -22.49
CA LYS A 93 8.53 -7.37 -22.93
C LYS A 93 8.24 -7.00 -24.37
N GLY A 1 -2.07 -11.16 17.60
CA GLY A 1 -1.94 -9.69 17.58
C GLY A 1 -2.98 -9.06 16.65
N GLY A 2 -3.44 -7.86 17.01
CA GLY A 2 -4.45 -7.15 16.23
C GLY A 2 -4.52 -5.67 16.55
N SER A 3 -3.55 -5.17 17.33
CA SER A 3 -3.54 -3.79 17.79
C SER A 3 -3.08 -2.86 16.68
N PRO A 4 -3.40 -1.57 16.76
CA PRO A 4 -2.97 -0.59 15.77
C PRO A 4 -1.45 -0.44 15.80
N VAL A 5 -0.87 -0.31 14.60
CA VAL A 5 0.57 -0.13 14.42
C VAL A 5 0.82 0.86 13.30
N SER A 6 2.05 1.38 13.23
CA SER A 6 2.44 2.30 12.19
C SER A 6 2.76 1.55 10.91
N ILE A 7 2.15 1.97 9.80
CA ILE A 7 2.43 1.38 8.51
C ILE A 7 2.75 2.47 7.51
N LYS A 8 3.87 2.33 6.81
CA LYS A 8 4.31 3.25 5.79
C LYS A 8 3.95 2.71 4.42
N VAL A 9 3.98 3.58 3.42
CA VAL A 9 3.71 3.18 2.05
C VAL A 9 4.75 3.76 1.10
N GLN A 10 5.71 2.93 0.69
CA GLN A 10 6.73 3.29 -0.29
C GLN A 10 6.07 3.49 -1.65
N VAL A 11 5.45 4.66 -1.86
CA VAL A 11 4.82 5.03 -3.11
C VAL A 11 5.78 4.86 -4.29
N PRO A 12 5.26 4.54 -5.49
CA PRO A 12 6.05 4.42 -6.71
C PRO A 12 6.56 5.79 -7.15
N ASN A 13 7.44 5.85 -8.16
CA ASN A 13 8.00 7.10 -8.62
C ASN A 13 7.32 7.59 -9.90
N MET A 14 6.09 8.08 -9.77
CA MET A 14 5.28 8.53 -10.90
C MET A 14 4.60 9.87 -10.58
N GLN A 15 5.37 10.96 -10.57
CA GLN A 15 4.85 12.26 -10.15
C GLN A 15 4.08 12.97 -11.27
N ASP A 16 4.49 12.70 -12.51
CA ASP A 16 4.03 13.44 -13.68
C ASP A 16 3.09 12.64 -14.57
N LYS A 17 2.71 11.43 -14.16
CA LYS A 17 1.91 10.55 -15.01
C LYS A 17 0.56 11.15 -15.40
N THR A 18 -0.25 11.53 -14.41
CA THR A 18 -1.59 12.04 -14.71
C THR A 18 -1.94 13.30 -13.90
N GLU A 19 -2.28 13.15 -12.63
CA GLU A 19 -2.63 14.27 -11.76
C GLU A 19 -2.27 14.00 -10.29
N TRP A 20 -1.95 12.74 -9.98
CA TRP A 20 -1.57 12.32 -8.64
C TRP A 20 -0.16 12.81 -8.31
N LYS A 21 0.35 12.46 -7.13
CA LYS A 21 1.69 12.84 -6.70
C LYS A 21 2.48 11.65 -6.17
N LEU A 22 2.94 10.76 -7.05
CA LEU A 22 3.75 9.63 -6.62
C LEU A 22 5.22 9.99 -6.84
N ASN A 23 6.03 10.06 -5.79
CA ASN A 23 7.41 10.52 -5.91
C ASN A 23 8.38 9.69 -5.07
N GLY A 24 8.09 8.40 -4.94
CA GLY A 24 8.93 7.50 -4.17
C GLY A 24 8.82 7.75 -2.66
N GLN A 25 7.80 8.50 -2.23
CA GLN A 25 7.70 8.95 -0.85
C GLN A 25 7.09 7.84 0.01
N VAL A 26 7.21 7.97 1.34
CA VAL A 26 6.52 7.05 2.24
C VAL A 26 5.35 7.76 2.92
N LEU A 27 4.18 7.13 2.92
CA LEU A 27 3.02 7.66 3.61
C LEU A 27 2.74 6.79 4.83
N VAL A 28 2.84 7.36 6.03
CA VAL A 28 2.62 6.61 7.26
C VAL A 28 1.19 6.75 7.75
N PHE A 29 0.67 5.68 8.36
CA PHE A 29 -0.67 5.67 8.91
C PHE A 29 -0.69 4.79 10.16
N THR A 30 -1.84 4.67 10.81
CA THR A 30 -1.97 3.79 11.96
C THR A 30 -3.22 2.93 11.82
N LEU A 31 -3.04 1.60 11.79
CA LEU A 31 -4.13 0.66 11.58
C LEU A 31 -3.88 -0.64 12.34
N PRO A 32 -4.95 -1.34 12.75
CA PRO A 32 -4.87 -2.59 13.50
C PRO A 32 -4.26 -3.67 12.63
N LEU A 33 -3.60 -4.65 13.26
CA LEU A 33 -2.98 -5.71 12.48
C LEU A 33 -4.03 -6.60 11.82
N THR A 34 -5.30 -6.47 12.20
CA THR A 34 -6.37 -7.29 11.63
C THR A 34 -7.03 -6.63 10.43
N ASP A 35 -6.67 -5.39 10.11
CA ASP A 35 -7.24 -4.67 8.99
C ASP A 35 -6.58 -5.15 7.71
N GLN A 36 -7.29 -5.94 6.91
CA GLN A 36 -6.78 -6.39 5.63
C GLN A 36 -6.08 -5.24 4.92
N VAL A 37 -4.85 -5.48 4.45
CA VAL A 37 -3.97 -4.54 3.77
C VAL A 37 -4.73 -3.65 2.77
N SER A 38 -5.89 -4.10 2.29
CA SER A 38 -6.74 -3.32 1.39
C SER A 38 -6.98 -1.92 1.94
N VAL A 39 -6.93 -1.76 3.27
CA VAL A 39 -7.10 -0.45 3.90
C VAL A 39 -6.00 0.50 3.45
N ILE A 40 -4.77 0.02 3.31
CA ILE A 40 -3.63 0.83 2.89
C ILE A 40 -3.90 1.49 1.55
N LYS A 41 -4.47 0.76 0.59
CA LYS A 41 -4.69 1.28 -0.76
C LYS A 41 -5.53 2.55 -0.72
N VAL A 42 -6.46 2.62 0.24
CA VAL A 42 -7.32 3.78 0.41
C VAL A 42 -6.50 4.95 0.91
N LYS A 43 -5.52 4.65 1.79
CA LYS A 43 -4.70 5.68 2.40
C LYS A 43 -3.88 6.42 1.36
N ILE A 44 -3.41 5.72 0.31
CA ILE A 44 -2.68 6.36 -0.77
C ILE A 44 -3.61 7.25 -1.60
N HIS A 45 -4.86 6.83 -1.78
CA HIS A 45 -5.83 7.57 -2.56
C HIS A 45 -6.15 8.91 -1.92
N GLU A 46 -5.87 9.07 -0.62
CA GLU A 46 -6.04 10.37 0.04
C GLU A 46 -4.75 11.16 0.01
N ALA A 47 -3.62 10.46 0.01
CA ALA A 47 -2.31 11.08 0.09
C ALA A 47 -1.79 11.47 -1.29
N THR A 48 -2.44 11.00 -2.35
CA THR A 48 -1.96 11.22 -3.72
C THR A 48 -3.10 11.39 -4.71
N GLY A 49 -4.26 10.82 -4.41
CA GLY A 49 -5.43 10.92 -5.26
C GLY A 49 -5.53 9.77 -6.26
N MET A 50 -4.60 8.82 -6.20
CA MET A 50 -4.65 7.64 -7.05
C MET A 50 -5.61 6.61 -6.45
N PRO A 51 -6.56 6.07 -7.25
CA PRO A 51 -7.56 5.17 -6.74
C PRO A 51 -6.96 3.81 -6.39
N ALA A 52 -7.55 3.14 -5.40
CA ALA A 52 -7.08 1.84 -4.93
C ALA A 52 -7.25 0.74 -5.98
N GLY A 53 -8.08 1.00 -7.00
CA GLY A 53 -8.35 0.03 -8.05
C GLY A 53 -7.15 -0.17 -8.97
N LYS A 54 -6.09 0.62 -8.83
CA LYS A 54 -4.91 0.48 -9.67
C LYS A 54 -3.60 0.60 -8.89
N GLN A 55 -3.50 -0.16 -7.79
CA GLN A 55 -2.33 -0.13 -6.91
C GLN A 55 -1.88 -1.55 -6.59
N LYS A 56 -0.57 -1.74 -6.46
CA LYS A 56 0.03 -3.04 -6.16
C LYS A 56 0.59 -3.03 -4.75
N LEU A 57 0.26 -4.05 -3.96
CA LEU A 57 0.69 -4.13 -2.58
C LEU A 57 1.98 -4.94 -2.48
N GLN A 58 2.95 -4.42 -1.74
CA GLN A 58 4.19 -5.12 -1.44
C GLN A 58 4.67 -4.73 -0.05
N TYR A 59 5.35 -5.63 0.65
CA TYR A 59 5.90 -5.39 1.98
C TYR A 59 7.31 -5.96 2.02
N GLU A 60 8.30 -5.09 2.24
CA GLU A 60 9.71 -5.48 2.26
C GLU A 60 10.14 -6.24 1.00
N GLY A 61 9.45 -6.03 -0.13
CA GLY A 61 9.76 -6.71 -1.38
C GLY A 61 8.89 -7.94 -1.61
N ILE A 62 7.97 -8.23 -0.69
CA ILE A 62 7.03 -9.34 -0.81
C ILE A 62 5.69 -8.82 -1.31
N PHE A 63 5.27 -9.24 -2.51
CA PHE A 63 3.96 -8.86 -3.02
C PHE A 63 2.86 -9.45 -2.14
N ILE A 64 2.29 -8.59 -1.30
CA ILE A 64 1.19 -8.93 -0.42
C ILE A 64 -0.14 -8.76 -1.14
N LYS A 65 -1.20 -9.36 -0.60
CA LYS A 65 -2.54 -9.23 -1.14
C LYS A 65 -3.30 -8.17 -0.36
N ASP A 66 -4.38 -7.66 -0.95
CA ASP A 66 -5.25 -6.69 -0.31
C ASP A 66 -6.13 -7.36 0.75
N SER A 67 -6.39 -8.66 0.61
CA SER A 67 -7.23 -9.39 1.53
C SER A 67 -6.46 -9.88 2.75
N ASN A 68 -5.13 -9.99 2.64
CA ASN A 68 -4.31 -10.41 3.77
C ASN A 68 -4.22 -9.28 4.78
N SER A 69 -4.02 -9.62 6.06
CA SER A 69 -3.90 -8.63 7.12
C SER A 69 -2.45 -8.35 7.45
N LEU A 70 -2.20 -7.27 8.19
CA LEU A 70 -0.85 -6.89 8.59
C LEU A 70 -0.28 -7.96 9.53
N ALA A 71 -1.13 -8.55 10.38
CA ALA A 71 -0.72 -9.62 11.29
C ALA A 71 -0.28 -10.86 10.51
N TYR A 72 -0.83 -11.07 9.31
CA TYR A 72 -0.48 -12.23 8.51
C TYR A 72 0.91 -12.07 7.89
N TYR A 73 1.31 -10.82 7.61
CA TYR A 73 2.64 -10.50 7.11
C TYR A 73 3.57 -10.06 8.23
N ASN A 74 3.13 -10.23 9.50
CA ASN A 74 3.95 -9.96 10.66
C ASN A 74 4.38 -8.49 10.74
N MET A 75 3.66 -7.61 10.05
CA MET A 75 3.98 -6.20 10.03
C MET A 75 3.75 -5.59 11.41
N ALA A 76 4.42 -4.48 11.69
CA ALA A 76 4.34 -3.78 12.97
C ALA A 76 4.81 -2.35 12.81
N ASN A 77 4.81 -1.60 13.91
CA ASN A 77 5.21 -0.20 13.89
C ASN A 77 6.50 -0.01 13.11
N GLY A 78 6.44 0.81 12.07
CA GLY A 78 7.59 1.09 11.22
C GLY A 78 7.59 0.27 9.93
N ALA A 79 6.56 -0.54 9.70
CA ALA A 79 6.47 -1.37 8.50
C ALA A 79 6.42 -0.49 7.26
N VAL A 80 6.83 -1.02 6.11
CA VAL A 80 6.89 -0.27 4.86
C VAL A 80 6.26 -1.06 3.72
N ILE A 81 5.18 -0.52 3.15
CA ILE A 81 4.46 -1.16 2.06
C ILE A 81 4.80 -0.48 0.74
N HIS A 82 5.56 -1.15 -0.13
CA HIS A 82 5.93 -0.59 -1.41
C HIS A 82 4.71 -0.63 -2.31
N LEU A 83 4.29 0.54 -2.80
CA LEU A 83 3.18 0.67 -3.71
C LEU A 83 3.72 0.70 -5.13
N ALA A 84 3.02 0.06 -6.07
CA ALA A 84 3.39 0.08 -7.47
C ALA A 84 2.14 0.26 -8.32
N LEU A 85 2.28 0.83 -9.51
CA LEU A 85 1.13 0.96 -10.40
C LEU A 85 0.78 -0.40 -10.95
N LYS A 86 -0.49 -0.78 -10.80
CA LYS A 86 -1.04 -2.02 -11.33
C LYS A 86 -2.46 -1.75 -11.77
N GLU A 87 -2.68 -1.60 -13.07
CA GLU A 87 -4.00 -1.31 -13.62
C GLU A 87 -4.43 -2.41 -14.61
N ARG A 88 -3.66 -3.49 -14.70
CA ARG A 88 -3.93 -4.63 -15.57
C ARG A 88 -3.67 -5.94 -14.85
N GLY A 89 -4.26 -7.03 -15.35
CA GLY A 89 -4.09 -8.36 -14.76
C GLY A 89 -2.77 -9.00 -15.14
N GLY A 90 -1.98 -8.35 -16.01
CA GLY A 90 -0.70 -8.87 -16.46
C GLY A 90 -0.87 -10.02 -17.44
N ARG A 91 0.25 -10.62 -17.86
CA ARG A 91 0.26 -11.74 -18.79
C ARG A 91 -0.29 -13.01 -18.12
N LYS A 92 -0.59 -14.01 -18.93
CA LYS A 92 -1.13 -15.30 -18.47
C LYS A 92 -0.41 -16.47 -19.11
N LYS A 93 0.76 -16.21 -19.70
CA LYS A 93 1.58 -17.20 -20.38
C LYS A 93 3.06 -16.81 -20.27
N GLY A 1 -6.62 -9.84 19.99
CA GLY A 1 -6.74 -9.32 18.61
C GLY A 1 -5.56 -8.43 18.26
N GLY A 2 -5.37 -8.17 16.96
CA GLY A 2 -4.29 -7.34 16.47
C GLY A 2 -4.50 -5.87 16.85
N SER A 3 -3.44 -5.23 17.35
CA SER A 3 -3.48 -3.84 17.79
C SER A 3 -3.07 -2.90 16.66
N PRO A 4 -3.40 -1.61 16.75
CA PRO A 4 -2.97 -0.62 15.78
C PRO A 4 -1.46 -0.46 15.80
N VAL A 5 -0.87 -0.35 14.61
CA VAL A 5 0.55 -0.16 14.42
C VAL A 5 0.82 0.83 13.29
N SER A 6 2.04 1.35 13.25
CA SER A 6 2.45 2.28 12.20
C SER A 6 2.76 1.52 10.91
N ILE A 7 2.15 1.96 9.81
CA ILE A 7 2.41 1.38 8.51
C ILE A 7 2.73 2.47 7.51
N LYS A 8 3.87 2.33 6.83
CA LYS A 8 4.30 3.27 5.81
C LYS A 8 3.94 2.72 4.43
N VAL A 9 3.97 3.60 3.43
CA VAL A 9 3.71 3.19 2.07
C VAL A 9 4.74 3.79 1.11
N GLN A 10 5.71 2.97 0.70
CA GLN A 10 6.71 3.33 -0.27
C GLN A 10 6.05 3.53 -1.63
N VAL A 11 5.44 4.69 -1.83
CA VAL A 11 4.81 5.08 -3.09
C VAL A 11 5.77 4.90 -4.27
N PRO A 12 5.25 4.59 -5.47
CA PRO A 12 6.05 4.47 -6.69
C PRO A 12 6.55 5.84 -7.13
N ASN A 13 7.43 5.89 -8.13
CA ASN A 13 7.98 7.15 -8.61
C ASN A 13 7.30 7.59 -9.90
N MET A 14 6.06 8.08 -9.78
CA MET A 14 5.24 8.46 -10.93
C MET A 14 4.54 9.79 -10.67
N GLN A 15 5.28 10.90 -10.69
CA GLN A 15 4.71 12.20 -10.40
C GLN A 15 4.27 12.93 -11.66
N ASP A 16 4.62 12.39 -12.83
CA ASP A 16 4.36 13.03 -14.12
C ASP A 16 3.35 12.24 -14.96
N LYS A 17 2.77 11.16 -14.41
CA LYS A 17 1.86 10.31 -15.16
C LYS A 17 0.54 11.01 -15.49
N THR A 18 -0.23 11.43 -14.47
CA THR A 18 -1.54 11.99 -14.73
C THR A 18 -1.84 13.26 -13.91
N GLU A 19 -2.18 13.13 -12.63
CA GLU A 19 -2.50 14.27 -11.78
C GLU A 19 -2.16 14.01 -10.30
N TRP A 20 -1.88 12.75 -9.95
CA TRP A 20 -1.54 12.34 -8.60
C TRP A 20 -0.13 12.83 -8.25
N LYS A 21 0.35 12.49 -7.04
CA LYS A 21 1.68 12.90 -6.61
C LYS A 21 2.52 11.73 -6.09
N LEU A 22 2.92 10.81 -6.99
CA LEU A 22 3.73 9.68 -6.57
C LEU A 22 5.20 10.04 -6.80
N ASN A 23 5.99 10.19 -5.73
CA ASN A 23 7.37 10.64 -5.85
C ASN A 23 8.33 9.79 -5.01
N GLY A 24 8.05 8.49 -4.92
CA GLY A 24 8.88 7.57 -4.16
C GLY A 24 8.79 7.80 -2.65
N GLN A 25 7.78 8.55 -2.19
CA GLN A 25 7.68 8.96 -0.80
C GLN A 25 7.10 7.84 0.05
N VAL A 26 7.19 7.97 1.38
CA VAL A 26 6.49 7.05 2.28
C VAL A 26 5.34 7.77 2.96
N LEU A 27 4.16 7.13 2.96
CA LEU A 27 3.00 7.67 3.66
C LEU A 27 2.73 6.79 4.87
N VAL A 28 2.82 7.36 6.07
CA VAL A 28 2.63 6.61 7.31
C VAL A 28 1.18 6.75 7.80
N PHE A 29 0.66 5.68 8.40
CA PHE A 29 -0.68 5.67 8.95
C PHE A 29 -0.69 4.77 10.19
N THR A 30 -1.84 4.66 10.86
CA THR A 30 -1.97 3.76 12.00
C THR A 30 -3.20 2.90 11.86
N LEU A 31 -3.03 1.58 11.80
CA LEU A 31 -4.13 0.64 11.59
C LEU A 31 -3.86 -0.66 12.34
N PRO A 32 -4.93 -1.37 12.74
CA PRO A 32 -4.84 -2.60 13.51
C PRO A 32 -4.24 -3.70 12.64
N LEU A 33 -3.58 -4.68 13.27
CA LEU A 33 -2.98 -5.75 12.50
C LEU A 33 -4.02 -6.62 11.82
N THR A 34 -5.29 -6.49 12.20
CA THR A 34 -6.36 -7.30 11.64
C THR A 34 -7.05 -6.63 10.45
N ASP A 35 -6.67 -5.38 10.14
CA ASP A 35 -7.25 -4.66 9.02
C ASP A 35 -6.59 -5.14 7.74
N GLN A 36 -7.29 -5.94 6.96
CA GLN A 36 -6.79 -6.38 5.66
C GLN A 36 -6.09 -5.22 4.95
N VAL A 37 -4.86 -5.47 4.47
CA VAL A 37 -3.98 -4.53 3.79
C VAL A 37 -4.76 -3.64 2.79
N SER A 38 -5.91 -4.11 2.30
CA SER A 38 -6.77 -3.33 1.42
C SER A 38 -7.00 -1.91 1.97
N VAL A 39 -6.96 -1.75 3.29
CA VAL A 39 -7.12 -0.45 3.93
C VAL A 39 -6.02 0.52 3.46
N ILE A 40 -4.78 0.03 3.34
CA ILE A 40 -3.65 0.84 2.91
C ILE A 40 -3.92 1.51 1.57
N LYS A 41 -4.49 0.76 0.61
CA LYS A 41 -4.71 1.29 -0.74
C LYS A 41 -5.56 2.56 -0.70
N VAL A 42 -6.49 2.61 0.26
CA VAL A 42 -7.35 3.78 0.44
C VAL A 42 -6.51 4.95 0.94
N LYS A 43 -5.54 4.64 1.80
CA LYS A 43 -4.72 5.67 2.42
C LYS A 43 -3.90 6.42 1.37
N ILE A 44 -3.43 5.71 0.34
CA ILE A 44 -2.70 6.36 -0.74
C ILE A 44 -3.63 7.25 -1.56
N HIS A 45 -4.88 6.82 -1.74
CA HIS A 45 -5.86 7.55 -2.53
C HIS A 45 -6.18 8.90 -1.89
N GLU A 46 -5.90 9.05 -0.60
CA GLU A 46 -6.09 10.35 0.07
C GLU A 46 -4.79 11.16 0.05
N ALA A 47 -3.65 10.46 0.06
CA ALA A 47 -2.35 11.09 0.14
C ALA A 47 -1.82 11.47 -1.23
N THR A 48 -2.47 11.00 -2.31
CA THR A 48 -1.98 11.24 -3.67
C THR A 48 -3.11 11.41 -4.67
N GLY A 49 -4.29 10.85 -4.37
CA GLY A 49 -5.45 10.94 -5.23
C GLY A 49 -5.54 9.79 -6.23
N MET A 50 -4.62 8.83 -6.15
CA MET A 50 -4.68 7.65 -7.01
C MET A 50 -5.63 6.62 -6.42
N PRO A 51 -6.58 6.10 -7.20
CA PRO A 51 -7.59 5.18 -6.69
C PRO A 51 -6.98 3.83 -6.34
N ALA A 52 -7.57 3.15 -5.37
CA ALA A 52 -7.09 1.85 -4.89
C ALA A 52 -7.27 0.76 -5.95
N GLY A 53 -8.10 1.02 -6.96
CA GLY A 53 -8.38 0.06 -8.02
C GLY A 53 -7.18 -0.16 -8.94
N LYS A 54 -6.11 0.63 -8.79
CA LYS A 54 -4.93 0.51 -9.64
C LYS A 54 -3.62 0.62 -8.86
N GLN A 55 -3.51 -0.13 -7.77
CA GLN A 55 -2.34 -0.11 -6.89
C GLN A 55 -1.88 -1.53 -6.60
N LYS A 56 -0.57 -1.72 -6.45
CA LYS A 56 0.03 -3.01 -6.16
C LYS A 56 0.59 -3.00 -4.75
N LEU A 57 0.27 -4.03 -3.96
CA LEU A 57 0.71 -4.10 -2.58
C LEU A 57 2.00 -4.91 -2.47
N GLN A 58 2.97 -4.38 -1.73
CA GLN A 58 4.20 -5.08 -1.44
C GLN A 58 4.69 -4.69 -0.05
N TYR A 59 5.36 -5.60 0.65
CA TYR A 59 5.91 -5.37 1.97
C TYR A 59 7.33 -5.95 2.02
N GLU A 60 8.31 -5.08 2.25
CA GLU A 60 9.72 -5.47 2.26
C GLU A 60 10.15 -6.22 1.00
N GLY A 61 9.47 -6.00 -0.13
CA GLY A 61 9.77 -6.68 -1.38
C GLY A 61 8.90 -7.91 -1.61
N ILE A 62 7.98 -8.20 -0.69
CA ILE A 62 7.04 -9.31 -0.82
C ILE A 62 5.71 -8.78 -1.32
N PHE A 63 5.29 -9.19 -2.52
CA PHE A 63 3.99 -8.81 -3.03
C PHE A 63 2.89 -9.40 -2.15
N ILE A 64 2.31 -8.54 -1.31
CA ILE A 64 1.20 -8.90 -0.43
C ILE A 64 -0.12 -8.72 -1.16
N LYS A 65 -1.18 -9.31 -0.62
CA LYS A 65 -2.51 -9.18 -1.17
C LYS A 65 -3.27 -8.11 -0.38
N ASP A 66 -4.39 -7.66 -0.93
CA ASP A 66 -5.23 -6.65 -0.30
C ASP A 66 -6.13 -7.34 0.72
N SER A 67 -6.39 -8.64 0.53
CA SER A 67 -7.24 -9.43 1.40
C SER A 67 -6.48 -9.93 2.63
N ASN A 68 -5.14 -9.98 2.58
CA ASN A 68 -4.34 -10.38 3.72
C ASN A 68 -4.26 -9.26 4.73
N SER A 69 -4.01 -9.58 6.00
CA SER A 69 -3.90 -8.61 7.07
C SER A 69 -2.44 -8.35 7.42
N LEU A 70 -2.19 -7.27 8.17
CA LEU A 70 -0.85 -6.90 8.57
C LEU A 70 -0.27 -7.97 9.50
N ALA A 71 -1.12 -8.57 10.35
CA ALA A 71 -0.71 -9.64 11.25
C ALA A 71 -0.23 -10.87 10.47
N TYR A 72 -0.81 -11.10 9.28
CA TYR A 72 -0.45 -12.26 8.47
C TYR A 72 0.93 -12.08 7.85
N TYR A 73 1.31 -10.83 7.57
CA TYR A 73 2.63 -10.50 7.07
C TYR A 73 3.57 -10.06 8.19
N ASN A 74 3.14 -10.25 9.45
CA ASN A 74 3.96 -9.99 10.62
C ASN A 74 4.38 -8.51 10.71
N MET A 75 3.65 -7.64 10.02
CA MET A 75 3.97 -6.21 10.00
C MET A 75 3.73 -5.62 11.38
N ALA A 76 4.43 -4.52 11.68
CA ALA A 76 4.35 -3.84 12.96
C ALA A 76 4.81 -2.40 12.81
N ASN A 77 4.82 -1.66 13.92
CA ASN A 77 5.22 -0.26 13.92
C ASN A 77 6.51 -0.07 13.14
N GLY A 78 6.44 0.75 12.09
CA GLY A 78 7.59 1.06 11.25
C GLY A 78 7.58 0.26 9.94
N ALA A 79 6.55 -0.56 9.70
CA ALA A 79 6.47 -1.38 8.50
C ALA A 79 6.43 -0.49 7.26
N VAL A 80 6.85 -1.02 6.11
CA VAL A 80 6.91 -0.25 4.87
C VAL A 80 6.28 -1.03 3.73
N ILE A 81 5.21 -0.49 3.16
CA ILE A 81 4.49 -1.13 2.06
C ILE A 81 4.83 -0.45 0.74
N HIS A 82 5.58 -1.12 -0.13
CA HIS A 82 5.94 -0.55 -1.42
C HIS A 82 4.71 -0.59 -2.32
N LEU A 83 4.30 0.57 -2.80
CA LEU A 83 3.18 0.71 -3.70
C LEU A 83 3.72 0.75 -5.12
N ALA A 84 3.02 0.10 -6.06
CA ALA A 84 3.39 0.12 -7.45
C ALA A 84 2.13 0.29 -8.30
N LEU A 85 2.27 0.85 -9.50
CA LEU A 85 1.12 0.97 -10.38
C LEU A 85 0.77 -0.41 -10.93
N LYS A 86 -0.51 -0.78 -10.76
CA LYS A 86 -1.06 -2.01 -11.29
C LYS A 86 -2.48 -1.73 -11.74
N GLU A 87 -2.69 -1.59 -13.05
CA GLU A 87 -4.00 -1.28 -13.61
C GLU A 87 -4.44 -2.33 -14.62
N ARG A 88 -3.70 -3.44 -14.71
CA ARG A 88 -3.98 -4.54 -15.63
C ARG A 88 -3.81 -5.88 -14.93
N GLY A 89 -4.39 -6.94 -15.52
CA GLY A 89 -4.30 -8.28 -14.98
C GLY A 89 -2.96 -8.94 -15.29
N GLY A 90 -2.80 -10.20 -14.89
CA GLY A 90 -1.57 -10.95 -15.12
C GLY A 90 -1.75 -12.42 -14.76
N ARG A 91 -0.71 -13.23 -15.02
CA ARG A 91 -0.72 -14.66 -14.76
C ARG A 91 0.66 -15.11 -14.29
N LYS A 92 0.73 -16.31 -13.71
CA LYS A 92 1.99 -16.88 -13.22
C LYS A 92 2.88 -17.37 -14.36
N LYS A 93 2.35 -17.38 -15.59
CA LYS A 93 3.07 -17.81 -16.77
C LYS A 93 2.49 -17.13 -18.02
N GLY A 1 -5.91 -11.70 17.97
CA GLY A 1 -6.32 -10.34 17.57
C GLY A 1 -5.17 -9.58 16.95
N GLY A 2 -5.20 -8.25 17.07
CA GLY A 2 -4.15 -7.39 16.53
C GLY A 2 -4.39 -5.94 16.93
N SER A 3 -3.33 -5.28 17.40
CA SER A 3 -3.38 -3.90 17.84
C SER A 3 -3.03 -2.95 16.70
N PRO A 4 -3.37 -1.66 16.79
CA PRO A 4 -2.97 -0.66 15.81
C PRO A 4 -1.45 -0.50 15.82
N VAL A 5 -0.87 -0.39 14.63
CA VAL A 5 0.56 -0.20 14.44
C VAL A 5 0.81 0.80 13.32
N SER A 6 2.03 1.32 13.26
CA SER A 6 2.43 2.26 12.22
C SER A 6 2.76 1.52 10.93
N ILE A 7 2.14 1.94 9.83
CA ILE A 7 2.41 1.36 8.53
C ILE A 7 2.73 2.46 7.54
N LYS A 8 3.86 2.32 6.84
CA LYS A 8 4.28 3.25 5.83
C LYS A 8 3.93 2.72 4.46
N VAL A 9 3.97 3.60 3.45
CA VAL A 9 3.70 3.20 2.08
C VAL A 9 4.74 3.79 1.14
N GLN A 10 5.71 2.98 0.73
CA GLN A 10 6.72 3.34 -0.25
C GLN A 10 6.06 3.55 -1.62
N VAL A 11 5.45 4.71 -1.82
CA VAL A 11 4.82 5.09 -3.08
C VAL A 11 5.79 4.92 -4.26
N PRO A 12 5.27 4.60 -5.46
CA PRO A 12 6.06 4.48 -6.67
C PRO A 12 6.57 5.85 -7.11
N ASN A 13 7.46 5.90 -8.11
CA ASN A 13 7.99 7.16 -8.59
C ASN A 13 7.32 7.58 -9.89
N MET A 14 6.08 8.08 -9.79
CA MET A 14 5.26 8.44 -10.95
C MET A 14 4.57 9.79 -10.72
N GLN A 15 5.32 10.89 -10.84
CA GLN A 15 4.77 12.21 -10.59
C GLN A 15 4.31 12.90 -11.88
N ASP A 16 4.66 12.32 -13.03
CA ASP A 16 4.38 12.90 -14.33
C ASP A 16 3.33 12.10 -15.10
N LYS A 17 2.75 11.08 -14.48
CA LYS A 17 1.80 10.21 -15.18
C LYS A 17 0.49 10.91 -15.52
N THR A 18 -0.28 11.33 -14.51
CA THR A 18 -1.59 11.90 -14.78
C THR A 18 -1.87 13.18 -13.97
N GLU A 19 -2.21 13.06 -12.68
CA GLU A 19 -2.54 14.22 -11.85
C GLU A 19 -2.17 13.99 -10.38
N TRP A 20 -1.91 12.74 -10.01
CA TRP A 20 -1.55 12.36 -8.66
C TRP A 20 -0.13 12.86 -8.33
N LYS A 21 0.38 12.55 -7.13
CA LYS A 21 1.70 13.00 -6.71
C LYS A 21 2.57 11.86 -6.20
N LEU A 22 2.90 10.90 -7.06
CA LEU A 22 3.74 9.79 -6.63
C LEU A 22 5.19 10.16 -6.91
N ASN A 23 6.02 10.26 -5.87
CA ASN A 23 7.42 10.68 -5.98
C ASN A 23 8.35 9.87 -5.09
N GLY A 24 8.06 8.57 -4.94
CA GLY A 24 8.88 7.66 -4.16
C GLY A 24 8.80 7.88 -2.64
N GLN A 25 7.79 8.60 -2.16
CA GLN A 25 7.66 8.96 -0.76
C GLN A 25 7.12 7.80 0.07
N VAL A 26 7.13 7.98 1.41
CA VAL A 26 6.46 7.04 2.31
C VAL A 26 5.32 7.75 3.02
N LEU A 27 4.14 7.13 3.01
CA LEU A 27 2.99 7.66 3.72
C LEU A 27 2.70 6.77 4.92
N VAL A 28 2.80 7.34 6.13
CA VAL A 28 2.60 6.59 7.36
C VAL A 28 1.16 6.72 7.85
N PHE A 29 0.63 5.64 8.44
CA PHE A 29 -0.70 5.62 8.99
C PHE A 29 -0.73 4.74 10.23
N THR A 30 -1.89 4.60 10.89
CA THR A 30 -2.01 3.72 12.02
C THR A 30 -3.24 2.83 11.87
N LEU A 31 -3.05 1.51 11.82
CA LEU A 31 -4.14 0.55 11.60
C LEU A 31 -3.86 -0.75 12.35
N PRO A 32 -4.91 -1.46 12.75
CA PRO A 32 -4.81 -2.69 13.52
C PRO A 32 -4.20 -3.79 12.67
N LEU A 33 -3.53 -4.75 13.32
CA LEU A 33 -2.92 -5.83 12.54
C LEU A 33 -3.99 -6.70 11.89
N THR A 34 -5.24 -6.60 12.34
CA THR A 34 -6.31 -7.42 11.79
C THR A 34 -7.02 -6.75 10.62
N ASP A 35 -6.61 -5.54 10.26
CA ASP A 35 -7.13 -4.90 9.07
C ASP A 35 -6.46 -5.57 7.89
N GLN A 36 -7.25 -5.87 6.87
CA GLN A 36 -6.73 -6.36 5.61
C GLN A 36 -5.99 -5.20 4.95
N VAL A 37 -4.78 -5.47 4.44
CA VAL A 37 -3.91 -4.52 3.75
C VAL A 37 -4.69 -3.63 2.77
N SER A 38 -5.85 -4.08 2.29
CA SER A 38 -6.71 -3.30 1.40
C SER A 38 -6.95 -1.90 1.96
N VAL A 39 -6.93 -1.75 3.29
CA VAL A 39 -7.11 -0.45 3.93
C VAL A 39 -6.01 0.51 3.48
N ILE A 40 -4.78 0.03 3.35
CA ILE A 40 -3.65 0.85 2.92
C ILE A 40 -3.92 1.53 1.58
N LYS A 41 -4.48 0.79 0.62
CA LYS A 41 -4.71 1.32 -0.73
C LYS A 41 -5.55 2.58 -0.68
N VAL A 42 -6.49 2.64 0.27
CA VAL A 42 -7.34 3.80 0.45
C VAL A 42 -6.51 4.96 0.96
N LYS A 43 -5.55 4.67 1.84
CA LYS A 43 -4.73 5.70 2.45
C LYS A 43 -3.91 6.45 1.41
N ILE A 44 -3.45 5.75 0.37
CA ILE A 44 -2.71 6.40 -0.71
C ILE A 44 -3.63 7.29 -1.54
N HIS A 45 -4.88 6.86 -1.73
CA HIS A 45 -5.84 7.60 -2.52
C HIS A 45 -6.16 8.95 -1.89
N GLU A 46 -5.90 9.10 -0.59
CA GLU A 46 -6.10 10.39 0.06
C GLU A 46 -4.80 11.21 0.06
N ALA A 47 -3.66 10.50 0.07
CA ALA A 47 -2.36 11.13 0.16
C ALA A 47 -1.82 11.52 -1.22
N THR A 48 -2.46 11.05 -2.30
CA THR A 48 -1.96 11.26 -3.65
C THR A 48 -3.09 11.45 -4.66
N GLY A 49 -4.26 10.87 -4.38
CA GLY A 49 -5.41 10.99 -5.25
C GLY A 49 -5.51 9.82 -6.23
N MET A 50 -4.59 8.86 -6.16
CA MET A 50 -4.64 7.68 -7.01
C MET A 50 -5.60 6.65 -6.41
N PRO A 51 -6.55 6.13 -7.19
CA PRO A 51 -7.56 5.21 -6.69
C PRO A 51 -6.96 3.86 -6.35
N ALA A 52 -7.54 3.19 -5.36
CA ALA A 52 -7.08 1.90 -4.89
C ALA A 52 -7.25 0.80 -5.94
N GLY A 53 -8.09 1.06 -6.95
CA GLY A 53 -8.36 0.09 -8.00
C GLY A 53 -7.16 -0.13 -8.93
N LYS A 54 -6.09 0.66 -8.78
CA LYS A 54 -4.92 0.54 -9.64
C LYS A 54 -3.61 0.64 -8.86
N GLN A 55 -3.50 -0.11 -7.75
CA GLN A 55 -2.33 -0.08 -6.88
C GLN A 55 -1.88 -1.50 -6.58
N LYS A 56 -0.57 -1.69 -6.45
CA LYS A 56 0.04 -2.98 -6.17
C LYS A 56 0.60 -2.99 -4.75
N LEU A 57 0.27 -4.01 -3.96
CA LEU A 57 0.70 -4.08 -2.58
C LEU A 57 2.00 -4.88 -2.49
N GLN A 58 2.96 -4.36 -1.74
CA GLN A 58 4.20 -5.07 -1.44
C GLN A 58 4.68 -4.69 -0.04
N TYR A 59 5.36 -5.60 0.65
CA TYR A 59 5.91 -5.37 1.98
C TYR A 59 7.32 -5.94 2.03
N GLU A 60 8.30 -5.06 2.24
CA GLU A 60 9.71 -5.45 2.26
C GLU A 60 10.15 -6.21 1.00
N GLY A 61 9.46 -5.99 -0.13
CA GLY A 61 9.77 -6.67 -1.37
C GLY A 61 8.90 -7.90 -1.62
N ILE A 62 7.98 -8.19 -0.69
CA ILE A 62 7.04 -9.29 -0.83
C ILE A 62 5.72 -8.78 -1.33
N PHE A 63 5.30 -9.18 -2.53
CA PHE A 63 3.99 -8.81 -3.04
C PHE A 63 2.89 -9.39 -2.16
N ILE A 64 2.30 -8.54 -1.32
CA ILE A 64 1.19 -8.88 -0.45
C ILE A 64 -0.13 -8.72 -1.17
N LYS A 65 -1.18 -9.32 -0.63
CA LYS A 65 -2.52 -9.18 -1.18
C LYS A 65 -3.30 -8.14 -0.39
N ASP A 66 -4.37 -7.63 -0.98
CA ASP A 66 -5.24 -6.65 -0.34
C ASP A 66 -6.12 -7.33 0.72
N SER A 67 -6.39 -8.63 0.57
CA SER A 67 -7.23 -9.36 1.49
C SER A 67 -6.46 -9.86 2.71
N ASN A 68 -5.13 -9.96 2.62
CA ASN A 68 -4.32 -10.40 3.73
C ASN A 68 -4.24 -9.27 4.76
N SER A 69 -4.06 -9.62 6.03
CA SER A 69 -3.97 -8.66 7.11
C SER A 69 -2.51 -8.33 7.42
N LEU A 70 -2.27 -7.22 8.13
CA LEU A 70 -0.93 -6.84 8.52
C LEU A 70 -0.34 -7.91 9.45
N ALA A 71 -1.20 -8.52 10.30
CA ALA A 71 -0.79 -9.59 11.19
C ALA A 71 -0.32 -10.83 10.42
N TYR A 72 -0.87 -11.06 9.23
CA TYR A 72 -0.53 -12.22 8.43
C TYR A 72 0.87 -12.06 7.83
N TYR A 73 1.27 -10.82 7.55
CA TYR A 73 2.60 -10.50 7.06
C TYR A 73 3.52 -10.07 8.20
N ASN A 74 3.07 -10.24 9.44
CA ASN A 74 3.89 -9.98 10.62
C ASN A 74 4.33 -8.53 10.71
N MET A 75 3.62 -7.64 10.02
CA MET A 75 3.93 -6.22 10.01
C MET A 75 3.72 -5.63 11.39
N ALA A 76 4.40 -4.52 11.69
CA ALA A 76 4.33 -3.85 12.97
C ALA A 76 4.79 -2.41 12.82
N ASN A 77 4.80 -1.66 13.92
CA ASN A 77 5.20 -0.26 13.92
C ASN A 77 6.50 -0.08 13.14
N GLY A 78 6.43 0.75 12.10
CA GLY A 78 7.58 1.04 11.25
C GLY A 78 7.59 0.23 9.96
N ALA A 79 6.55 -0.58 9.72
CA ALA A 79 6.46 -1.41 8.52
C ALA A 79 6.41 -0.52 7.27
N VAL A 80 6.83 -1.04 6.11
CA VAL A 80 6.88 -0.27 4.88
C VAL A 80 6.24 -1.05 3.74
N ILE A 81 5.18 -0.48 3.17
CA ILE A 81 4.46 -1.12 2.06
C ILE A 81 4.81 -0.43 0.75
N HIS A 82 5.56 -1.10 -0.12
CA HIS A 82 5.94 -0.54 -1.40
C HIS A 82 4.71 -0.57 -2.30
N LEU A 83 4.30 0.60 -2.77
CA LEU A 83 3.18 0.74 -3.69
C LEU A 83 3.73 0.77 -5.11
N ALA A 84 3.04 0.11 -6.05
CA ALA A 84 3.41 0.14 -7.44
C ALA A 84 2.15 0.30 -8.29
N LEU A 85 2.30 0.87 -9.48
CA LEU A 85 1.15 0.99 -10.37
C LEU A 85 0.78 -0.38 -10.92
N LYS A 86 -0.50 -0.74 -10.77
CA LYS A 86 -1.05 -1.97 -11.30
C LYS A 86 -2.47 -1.70 -11.76
N GLU A 87 -2.67 -1.54 -13.07
CA GLU A 87 -3.98 -1.22 -13.62
C GLU A 87 -4.42 -2.24 -14.67
N ARG A 88 -3.57 -3.21 -14.99
CA ARG A 88 -3.84 -4.17 -16.05
C ARG A 88 -3.20 -5.54 -15.80
N GLY A 89 -2.65 -5.74 -14.60
CA GLY A 89 -2.01 -7.01 -14.25
C GLY A 89 -3.06 -8.10 -14.02
N GLY A 90 -2.63 -9.37 -14.13
CA GLY A 90 -3.51 -10.51 -13.96
C GLY A 90 -2.82 -11.81 -14.40
N ARG A 91 -3.58 -12.90 -14.39
CA ARG A 91 -3.07 -14.22 -14.80
C ARG A 91 -4.22 -15.10 -15.27
N LYS A 92 -3.94 -16.07 -16.14
CA LYS A 92 -4.94 -16.96 -16.70
C LYS A 92 -5.38 -18.04 -15.69
N LYS A 93 -4.73 -18.08 -14.52
CA LYS A 93 -5.03 -19.06 -13.48
C LYS A 93 -6.40 -18.75 -12.85
N GLY A 1 -6.59 -9.80 20.05
CA GLY A 1 -6.68 -9.35 18.64
C GLY A 1 -5.51 -8.44 18.27
N GLY A 2 -5.35 -8.17 16.98
CA GLY A 2 -4.28 -7.31 16.48
C GLY A 2 -4.50 -5.85 16.87
N SER A 3 -3.44 -5.22 17.37
CA SER A 3 -3.48 -3.83 17.81
C SER A 3 -3.07 -2.88 16.68
N PRO A 4 -3.40 -1.59 16.78
CA PRO A 4 -2.97 -0.61 15.80
C PRO A 4 -1.46 -0.46 15.81
N VAL A 5 -0.86 -0.33 14.63
CA VAL A 5 0.56 -0.16 14.43
C VAL A 5 0.81 0.83 13.30
N SER A 6 2.04 1.35 13.25
CA SER A 6 2.45 2.28 12.20
C SER A 6 2.76 1.52 10.92
N ILE A 7 2.15 1.96 9.81
CA ILE A 7 2.42 1.37 8.51
C ILE A 7 2.74 2.46 7.51
N LYS A 8 3.88 2.31 6.82
CA LYS A 8 4.31 3.26 5.81
C LYS A 8 3.96 2.72 4.44
N VAL A 9 3.98 3.60 3.44
CA VAL A 9 3.73 3.19 2.07
C VAL A 9 4.75 3.79 1.12
N GLN A 10 5.72 2.97 0.71
CA GLN A 10 6.73 3.33 -0.27
C GLN A 10 6.07 3.53 -1.64
N VAL A 11 5.46 4.70 -1.83
CA VAL A 11 4.83 5.07 -3.09
C VAL A 11 5.78 4.90 -4.27
N PRO A 12 5.26 4.60 -5.47
CA PRO A 12 6.06 4.47 -6.69
C PRO A 12 6.56 5.84 -7.13
N ASN A 13 7.42 5.89 -8.14
CA ASN A 13 7.98 7.14 -8.62
C ASN A 13 7.29 7.59 -9.92
N MET A 14 6.05 8.06 -9.80
CA MET A 14 5.24 8.44 -10.94
C MET A 14 4.52 9.77 -10.66
N GLN A 15 5.25 10.88 -10.66
CA GLN A 15 4.67 12.18 -10.33
C GLN A 15 4.07 12.88 -11.54
N ASP A 16 4.53 12.50 -12.73
CA ASP A 16 4.21 13.18 -13.97
C ASP A 16 3.24 12.40 -14.84
N LYS A 17 2.75 11.26 -14.36
CA LYS A 17 1.86 10.40 -15.14
C LYS A 17 0.54 11.07 -15.50
N THR A 18 -0.25 11.47 -14.48
CA THR A 18 -1.57 12.01 -14.74
C THR A 18 -1.88 13.27 -13.93
N GLU A 19 -2.20 13.13 -12.64
CA GLU A 19 -2.52 14.26 -11.78
C GLU A 19 -2.17 14.00 -10.31
N TRP A 20 -1.88 12.75 -9.97
CA TRP A 20 -1.52 12.34 -8.62
C TRP A 20 -0.12 12.83 -8.26
N LYS A 21 0.37 12.49 -7.06
CA LYS A 21 1.70 12.90 -6.63
C LYS A 21 2.54 11.73 -6.10
N LEU A 22 2.92 10.81 -6.99
CA LEU A 22 3.74 9.68 -6.58
C LEU A 22 5.21 10.06 -6.80
N ASN A 23 5.99 10.20 -5.74
CA ASN A 23 7.38 10.64 -5.86
C ASN A 23 8.34 9.79 -5.03
N GLY A 24 8.06 8.49 -4.94
CA GLY A 24 8.90 7.58 -4.17
C GLY A 24 8.80 7.80 -2.67
N GLN A 25 7.80 8.56 -2.20
CA GLN A 25 7.71 8.96 -0.81
C GLN A 25 7.14 7.83 0.05
N VAL A 26 7.20 7.98 1.38
CA VAL A 26 6.51 7.06 2.27
C VAL A 26 5.35 7.76 2.96
N LEU A 27 4.17 7.14 2.95
CA LEU A 27 3.01 7.67 3.65
C LEU A 27 2.74 6.79 4.86
N VAL A 28 2.83 7.35 6.07
CA VAL A 28 2.63 6.60 7.29
C VAL A 28 1.19 6.74 7.78
N PHE A 29 0.67 5.67 8.39
CA PHE A 29 -0.68 5.66 8.94
C PHE A 29 -0.69 4.77 10.19
N THR A 30 -1.84 4.66 10.85
CA THR A 30 -1.97 3.78 11.99
C THR A 30 -3.22 2.91 11.85
N LEU A 31 -3.04 1.59 11.81
CA LEU A 31 -4.14 0.64 11.59
C LEU A 31 -3.88 -0.65 12.36
N PRO A 32 -4.95 -1.36 12.76
CA PRO A 32 -4.85 -2.59 13.52
C PRO A 32 -4.25 -3.70 12.66
N LEU A 33 -3.59 -4.67 13.27
CA LEU A 33 -2.97 -5.73 12.51
C LEU A 33 -4.03 -6.60 11.82
N THR A 34 -5.30 -6.46 12.21
CA THR A 34 -6.37 -7.28 11.64
C THR A 34 -7.05 -6.60 10.46
N ASP A 35 -6.66 -5.37 10.14
CA ASP A 35 -7.24 -4.64 9.02
C ASP A 35 -6.59 -5.10 7.74
N GLN A 36 -7.29 -5.93 6.95
CA GLN A 36 -6.80 -6.38 5.67
C GLN A 36 -6.10 -5.23 4.95
N VAL A 37 -4.87 -5.48 4.48
CA VAL A 37 -3.99 -4.53 3.79
C VAL A 37 -4.76 -3.66 2.79
N SER A 38 -5.92 -4.12 2.30
CA SER A 38 -6.76 -3.34 1.41
C SER A 38 -7.02 -1.93 1.96
N VAL A 39 -6.95 -1.76 3.29
CA VAL A 39 -7.11 -0.45 3.91
C VAL A 39 -6.02 0.51 3.46
N ILE A 40 -4.78 0.02 3.32
CA ILE A 40 -3.65 0.83 2.91
C ILE A 40 -3.92 1.50 1.57
N LYS A 41 -4.47 0.76 0.60
CA LYS A 41 -4.69 1.28 -0.75
C LYS A 41 -5.54 2.55 -0.70
N VAL A 42 -6.47 2.61 0.25
CA VAL A 42 -7.33 3.78 0.42
C VAL A 42 -6.50 4.94 0.92
N LYS A 43 -5.54 4.64 1.80
CA LYS A 43 -4.72 5.67 2.41
C LYS A 43 -3.90 6.42 1.38
N ILE A 44 -3.43 5.72 0.34
CA ILE A 44 -2.70 6.36 -0.74
C ILE A 44 -3.62 7.25 -1.58
N HIS A 45 -4.87 6.83 -1.76
CA HIS A 45 -5.84 7.56 -2.55
C HIS A 45 -6.16 8.91 -1.92
N GLU A 46 -5.89 9.06 -0.61
CA GLU A 46 -6.07 10.35 0.04
C GLU A 46 -4.77 11.16 0.02
N ALA A 47 -3.64 10.45 0.03
CA ALA A 47 -2.33 11.07 0.11
C ALA A 47 -1.80 11.45 -1.26
N THR A 48 -2.45 11.00 -2.34
CA THR A 48 -1.97 11.21 -3.69
C THR A 48 -3.10 11.40 -4.69
N GLY A 49 -4.27 10.83 -4.40
CA GLY A 49 -5.43 10.94 -5.26
C GLY A 49 -5.53 9.78 -6.25
N MET A 50 -4.60 8.81 -6.19
CA MET A 50 -4.66 7.64 -7.03
C MET A 50 -5.62 6.61 -6.44
N PRO A 51 -6.57 6.09 -7.21
CA PRO A 51 -7.57 5.17 -6.70
C PRO A 51 -6.96 3.82 -6.36
N ALA A 52 -7.55 3.14 -5.38
CA ALA A 52 -7.08 1.84 -4.92
C ALA A 52 -7.26 0.75 -5.98
N GLY A 53 -8.10 1.01 -6.99
CA GLY A 53 -8.35 0.05 -8.05
C GLY A 53 -7.16 -0.15 -8.97
N LYS A 54 -6.10 0.63 -8.81
CA LYS A 54 -4.91 0.50 -9.66
C LYS A 54 -3.60 0.62 -8.87
N GLN A 55 -3.50 -0.15 -7.77
CA GLN A 55 -2.32 -0.12 -6.90
C GLN A 55 -1.88 -1.54 -6.60
N LYS A 56 -0.57 -1.72 -6.45
CA LYS A 56 0.04 -3.02 -6.15
C LYS A 56 0.59 -3.00 -4.73
N LEU A 57 0.28 -4.03 -3.95
CA LEU A 57 0.71 -4.11 -2.57
C LEU A 57 1.99 -4.92 -2.47
N GLN A 58 2.97 -4.39 -1.73
CA GLN A 58 4.20 -5.08 -1.44
C GLN A 58 4.68 -4.71 -0.04
N TYR A 59 5.36 -5.62 0.66
CA TYR A 59 5.91 -5.39 1.98
C TYR A 59 7.31 -5.96 2.03
N GLU A 60 8.30 -5.10 2.25
CA GLU A 60 9.71 -5.49 2.27
C GLU A 60 10.13 -6.25 1.01
N GLY A 61 9.47 -6.02 -0.11
CA GLY A 61 9.77 -6.69 -1.37
C GLY A 61 8.90 -7.92 -1.61
N ILE A 62 7.98 -8.22 -0.68
CA ILE A 62 7.04 -9.32 -0.82
C ILE A 62 5.71 -8.80 -1.32
N PHE A 63 5.29 -9.22 -2.52
CA PHE A 63 3.99 -8.84 -3.04
C PHE A 63 2.89 -9.42 -2.16
N ILE A 64 2.30 -8.57 -1.31
CA ILE A 64 1.20 -8.92 -0.44
C ILE A 64 -0.13 -8.74 -1.18
N LYS A 65 -1.19 -9.33 -0.62
CA LYS A 65 -2.52 -9.18 -1.18
C LYS A 65 -3.28 -8.12 -0.39
N ASP A 66 -4.40 -7.65 -0.93
CA ASP A 66 -5.23 -6.66 -0.28
C ASP A 66 -6.13 -7.35 0.74
N SER A 67 -6.38 -8.64 0.54
CA SER A 67 -7.23 -9.44 1.41
C SER A 67 -6.48 -9.95 2.64
N ASN A 68 -5.14 -9.99 2.59
CA ASN A 68 -4.35 -10.40 3.73
C ASN A 68 -4.27 -9.26 4.75
N SER A 69 -4.02 -9.58 6.01
CA SER A 69 -3.90 -8.60 7.08
C SER A 69 -2.44 -8.34 7.43
N LEU A 70 -2.20 -7.27 8.19
CA LEU A 70 -0.85 -6.89 8.58
C LEU A 70 -0.28 -7.96 9.53
N ALA A 71 -1.13 -8.56 10.37
CA ALA A 71 -0.72 -9.64 11.26
C ALA A 71 -0.26 -10.87 10.48
N TYR A 72 -0.83 -11.09 9.28
CA TYR A 72 -0.48 -12.24 8.47
C TYR A 72 0.90 -12.07 7.86
N TYR A 73 1.29 -10.83 7.57
CA TYR A 73 2.63 -10.51 7.07
C TYR A 73 3.56 -10.07 8.19
N ASN A 74 3.13 -10.25 9.46
CA ASN A 74 3.96 -9.99 10.62
C ASN A 74 4.40 -8.53 10.70
N MET A 75 3.67 -7.64 10.02
CA MET A 75 3.99 -6.22 10.00
C MET A 75 3.76 -5.63 11.40
N ALA A 76 4.46 -4.53 11.69
CA ALA A 76 4.36 -3.84 12.97
C ALA A 76 4.83 -2.40 12.81
N ASN A 77 4.83 -1.65 13.91
CA ASN A 77 5.21 -0.25 13.90
C ASN A 77 6.51 -0.05 13.12
N GLY A 78 6.43 0.77 12.08
CA GLY A 78 7.59 1.07 11.24
C GLY A 78 7.59 0.27 9.95
N ALA A 79 6.57 -0.56 9.71
CA ALA A 79 6.48 -1.39 8.51
C ALA A 79 6.43 -0.50 7.26
N VAL A 80 6.84 -1.04 6.10
CA VAL A 80 6.90 -0.28 4.87
C VAL A 80 6.26 -1.06 3.72
N ILE A 81 5.20 -0.49 3.15
CA ILE A 81 4.48 -1.14 2.06
C ILE A 81 4.82 -0.45 0.74
N HIS A 82 5.56 -1.12 -0.12
CA HIS A 82 5.94 -0.56 -1.41
C HIS A 82 4.71 -0.60 -2.31
N LEU A 83 4.29 0.58 -2.79
CA LEU A 83 3.17 0.72 -3.69
C LEU A 83 3.71 0.75 -5.12
N ALA A 84 3.01 0.10 -6.04
CA ALA A 84 3.38 0.12 -7.44
C ALA A 84 2.13 0.30 -8.29
N LEU A 85 2.27 0.87 -9.48
CA LEU A 85 1.13 0.99 -10.38
C LEU A 85 0.78 -0.39 -10.92
N LYS A 86 -0.49 -0.77 -10.77
CA LYS A 86 -1.04 -2.00 -11.31
C LYS A 86 -2.47 -1.73 -11.76
N GLU A 87 -2.68 -1.57 -13.07
CA GLU A 87 -3.99 -1.26 -13.63
C GLU A 87 -4.44 -2.33 -14.62
N ARG A 88 -3.68 -3.44 -14.72
CA ARG A 88 -3.99 -4.55 -15.60
C ARG A 88 -3.76 -5.88 -14.89
N GLY A 89 -4.41 -6.93 -15.38
CA GLY A 89 -4.28 -8.27 -14.81
C GLY A 89 -3.01 -8.97 -15.28
N GLY A 90 -2.27 -8.37 -16.21
CA GLY A 90 -1.04 -8.93 -16.74
C GLY A 90 -0.47 -8.08 -17.87
N ARG A 91 0.54 -8.61 -18.57
CA ARG A 91 1.18 -7.92 -19.68
C ARG A 91 1.79 -8.94 -20.64
N LYS A 92 1.88 -8.58 -21.93
CA LYS A 92 2.42 -9.44 -22.96
C LYS A 92 3.93 -9.68 -22.74
N LYS A 93 4.45 -10.74 -23.36
CA LYS A 93 5.86 -11.12 -23.24
C LYS A 93 6.36 -11.67 -24.56
N GLY A 1 -2.84 -8.48 20.68
CA GLY A 1 -2.81 -8.91 19.27
C GLY A 1 -3.85 -8.16 18.45
N GLY A 2 -3.56 -7.93 17.17
CA GLY A 2 -4.46 -7.22 16.28
C GLY A 2 -4.49 -5.71 16.56
N SER A 3 -3.54 -5.22 17.34
CA SER A 3 -3.52 -3.84 17.80
C SER A 3 -3.07 -2.91 16.68
N PRO A 4 -3.39 -1.60 16.78
CA PRO A 4 -2.96 -0.62 15.79
C PRO A 4 -1.44 -0.47 15.81
N VAL A 5 -0.86 -0.34 14.62
CA VAL A 5 0.57 -0.16 14.42
C VAL A 5 0.82 0.84 13.31
N SER A 6 2.05 1.36 13.25
CA SER A 6 2.45 2.29 12.21
C SER A 6 2.77 1.54 10.93
N ILE A 7 2.15 1.97 9.82
CA ILE A 7 2.42 1.38 8.52
C ILE A 7 2.74 2.47 7.52
N LYS A 8 3.87 2.33 6.84
CA LYS A 8 4.30 3.27 5.81
C LYS A 8 3.94 2.72 4.45
N VAL A 9 3.97 3.59 3.44
CA VAL A 9 3.72 3.19 2.07
C VAL A 9 4.75 3.77 1.12
N GLN A 10 5.71 2.96 0.71
CA GLN A 10 6.73 3.32 -0.27
C GLN A 10 6.07 3.52 -1.64
N VAL A 11 5.44 4.68 -1.83
CA VAL A 11 4.82 5.06 -3.09
C VAL A 11 5.78 4.88 -4.27
N PRO A 12 5.25 4.57 -5.47
CA PRO A 12 6.05 4.44 -6.68
C PRO A 12 6.56 5.81 -7.13
N ASN A 13 7.43 5.86 -8.14
CA ASN A 13 7.98 7.12 -8.60
C ASN A 13 7.30 7.58 -9.89
N MET A 14 6.05 8.05 -9.78
CA MET A 14 5.23 8.44 -10.93
C MET A 14 4.52 9.76 -10.64
N GLN A 15 5.25 10.88 -10.65
CA GLN A 15 4.67 12.17 -10.31
C GLN A 15 4.08 12.88 -11.52
N ASP A 16 4.53 12.48 -12.71
CA ASP A 16 4.22 13.17 -13.95
C ASP A 16 3.24 12.37 -14.83
N LYS A 17 2.75 11.23 -14.35
CA LYS A 17 1.88 10.37 -15.13
C LYS A 17 0.55 11.04 -15.48
N THR A 18 -0.23 11.45 -14.46
CA THR A 18 -1.56 12.01 -14.73
C THR A 18 -1.84 13.26 -13.91
N GLU A 19 -2.18 13.13 -12.63
CA GLU A 19 -2.51 14.26 -11.77
C GLU A 19 -2.16 14.00 -10.31
N TRP A 20 -1.89 12.74 -9.96
CA TRP A 20 -1.53 12.33 -8.61
C TRP A 20 -0.12 12.82 -8.26
N LYS A 21 0.37 12.48 -7.05
CA LYS A 21 1.70 12.90 -6.62
C LYS A 21 2.54 11.73 -6.10
N LEU A 22 2.91 10.80 -6.98
CA LEU A 22 3.74 9.67 -6.57
C LEU A 22 5.20 10.05 -6.80
N ASN A 23 6.00 10.16 -5.73
CA ASN A 23 7.38 10.61 -5.86
C ASN A 23 8.34 9.77 -5.02
N GLY A 24 8.06 8.46 -4.93
CA GLY A 24 8.90 7.55 -4.17
C GLY A 24 8.81 7.78 -2.67
N GLN A 25 7.80 8.53 -2.21
CA GLN A 25 7.71 8.94 -0.82
C GLN A 25 7.13 7.83 0.05
N VAL A 26 7.19 7.98 1.37
CA VAL A 26 6.50 7.06 2.27
C VAL A 26 5.34 7.78 2.95
N LEU A 27 4.16 7.13 2.96
CA LEU A 27 3.01 7.68 3.65
C LEU A 27 2.73 6.80 4.86
N VAL A 28 2.83 7.36 6.07
CA VAL A 28 2.63 6.61 7.29
C VAL A 28 1.19 6.76 7.78
N PHE A 29 0.67 5.69 8.40
CA PHE A 29 -0.67 5.67 8.95
C PHE A 29 -0.69 4.80 10.20
N THR A 30 -1.84 4.69 10.85
CA THR A 30 -1.97 3.79 12.00
C THR A 30 -3.21 2.93 11.85
N LEU A 31 -3.03 1.60 11.82
CA LEU A 31 -4.13 0.67 11.60
C LEU A 31 -3.87 -0.63 12.37
N PRO A 32 -4.95 -1.34 12.76
CA PRO A 32 -4.87 -2.59 13.50
C PRO A 32 -4.26 -3.67 12.62
N LEU A 33 -3.60 -4.65 13.24
CA LEU A 33 -2.98 -5.70 12.46
C LEU A 33 -4.04 -6.59 11.79
N THR A 34 -5.31 -6.46 12.19
CA THR A 34 -6.38 -7.27 11.62
C THR A 34 -7.06 -6.59 10.44
N ASP A 35 -6.67 -5.35 10.12
CA ASP A 35 -7.25 -4.63 9.00
C ASP A 35 -6.59 -5.09 7.73
N GLN A 36 -7.29 -5.92 6.94
CA GLN A 36 -6.80 -6.37 5.66
C GLN A 36 -6.09 -5.23 4.93
N VAL A 37 -4.86 -5.47 4.47
CA VAL A 37 -3.98 -4.53 3.78
C VAL A 37 -4.75 -3.65 2.78
N SER A 38 -5.91 -4.11 2.30
CA SER A 38 -6.76 -3.34 1.41
C SER A 38 -7.00 -1.92 1.95
N VAL A 39 -6.95 -1.75 3.28
CA VAL A 39 -7.11 -0.45 3.91
C VAL A 39 -6.01 0.51 3.45
N ILE A 40 -4.77 0.01 3.32
CA ILE A 40 -3.65 0.82 2.90
C ILE A 40 -3.92 1.48 1.56
N LYS A 41 -4.49 0.76 0.59
CA LYS A 41 -4.70 1.27 -0.74
C LYS A 41 -5.55 2.54 -0.71
N VAL A 42 -6.48 2.61 0.25
CA VAL A 42 -7.33 3.77 0.43
C VAL A 42 -6.50 4.94 0.93
N LYS A 43 -5.53 4.64 1.79
CA LYS A 43 -4.71 5.67 2.42
C LYS A 43 -3.88 6.41 1.37
N ILE A 44 -3.42 5.70 0.33
CA ILE A 44 -2.69 6.35 -0.75
C ILE A 44 -3.61 7.24 -1.57
N HIS A 45 -4.88 6.82 -1.74
CA HIS A 45 -5.85 7.56 -2.53
C HIS A 45 -6.16 8.91 -1.89
N GLU A 46 -5.89 9.06 -0.60
CA GLU A 46 -6.07 10.35 0.06
C GLU A 46 -4.78 11.16 0.04
N ALA A 47 -3.65 10.45 0.05
CA ALA A 47 -2.34 11.07 0.12
C ALA A 47 -1.82 11.46 -1.25
N THR A 48 -2.46 10.99 -2.32
CA THR A 48 -1.98 11.21 -3.68
C THR A 48 -3.11 11.39 -4.68
N GLY A 49 -4.28 10.82 -4.38
CA GLY A 49 -5.43 10.94 -5.24
C GLY A 49 -5.54 9.78 -6.24
N MET A 50 -4.61 8.81 -6.17
CA MET A 50 -4.67 7.64 -7.02
C MET A 50 -5.63 6.61 -6.43
N PRO A 51 -6.57 6.09 -7.21
CA PRO A 51 -7.58 5.18 -6.70
C PRO A 51 -6.97 3.83 -6.36
N ALA A 52 -7.56 3.13 -5.38
CA ALA A 52 -7.08 1.85 -4.90
C ALA A 52 -7.26 0.75 -5.96
N GLY A 53 -8.10 1.01 -6.97
CA GLY A 53 -8.37 0.05 -8.02
C GLY A 53 -7.17 -0.17 -8.95
N LYS A 54 -6.10 0.63 -8.80
CA LYS A 54 -4.92 0.50 -9.65
C LYS A 54 -3.62 0.61 -8.87
N GLN A 55 -3.51 -0.14 -7.78
CA GLN A 55 -2.34 -0.12 -6.91
C GLN A 55 -1.88 -1.54 -6.60
N LYS A 56 -0.56 -1.73 -6.46
CA LYS A 56 0.04 -3.01 -6.16
C LYS A 56 0.60 -3.01 -4.75
N LEU A 57 0.27 -4.04 -3.97
CA LEU A 57 0.70 -4.11 -2.59
C LEU A 57 1.99 -4.92 -2.49
N GLN A 58 2.96 -4.39 -1.75
CA GLN A 58 4.20 -5.09 -1.46
C GLN A 58 4.68 -4.69 -0.07
N TYR A 59 5.36 -5.61 0.63
CA TYR A 59 5.91 -5.38 1.96
C TYR A 59 7.31 -5.94 2.01
N GLU A 60 8.30 -5.07 2.23
CA GLU A 60 9.71 -5.46 2.25
C GLU A 60 10.15 -6.22 0.99
N GLY A 61 9.47 -6.00 -0.13
CA GLY A 61 9.76 -6.68 -1.38
C GLY A 61 8.90 -7.91 -1.61
N ILE A 62 7.99 -8.21 -0.70
CA ILE A 62 7.05 -9.32 -0.83
C ILE A 62 5.72 -8.79 -1.33
N PHE A 63 5.29 -9.20 -2.52
CA PHE A 63 3.99 -8.84 -3.04
C PHE A 63 2.89 -9.42 -2.16
N ILE A 64 2.30 -8.57 -1.31
CA ILE A 64 1.19 -8.91 -0.44
C ILE A 64 -0.12 -8.73 -1.18
N LYS A 65 -1.18 -9.31 -0.63
CA LYS A 65 -2.53 -9.17 -1.18
C LYS A 65 -3.27 -8.10 -0.40
N ASP A 66 -4.40 -7.65 -0.94
CA ASP A 66 -5.24 -6.66 -0.30
C ASP A 66 -6.14 -7.34 0.72
N SER A 67 -6.38 -8.64 0.54
CA SER A 67 -7.23 -9.44 1.41
C SER A 67 -6.47 -9.95 2.64
N ASN A 68 -5.14 -9.98 2.58
CA ASN A 68 -4.32 -10.40 3.71
C ASN A 68 -4.25 -9.26 4.72
N SER A 69 -4.00 -9.59 5.98
CA SER A 69 -3.89 -8.59 7.05
C SER A 69 -2.43 -8.34 7.42
N LEU A 70 -2.19 -7.27 8.17
CA LEU A 70 -0.84 -6.90 8.58
C LEU A 70 -0.28 -7.96 9.52
N ALA A 71 -1.13 -8.56 10.36
CA ALA A 71 -0.71 -9.62 11.27
C ALA A 71 -0.26 -10.87 10.49
N TYR A 72 -0.81 -11.09 9.29
CA TYR A 72 -0.46 -12.25 8.48
C TYR A 72 0.93 -12.07 7.87
N TYR A 73 1.31 -10.82 7.59
CA TYR A 73 2.64 -10.50 7.08
C TYR A 73 3.57 -10.05 8.21
N ASN A 74 3.14 -10.24 9.46
CA ASN A 74 3.96 -9.98 10.63
C ASN A 74 4.39 -8.50 10.72
N MET A 75 3.67 -7.62 10.02
CA MET A 75 3.98 -6.21 10.01
C MET A 75 3.75 -5.61 11.40
N ALA A 76 4.43 -4.51 11.68
CA ALA A 76 4.34 -3.82 12.96
C ALA A 76 4.82 -2.39 12.81
N ASN A 77 4.81 -1.63 13.91
CA ASN A 77 5.22 -0.23 13.92
C ASN A 77 6.52 -0.06 13.14
N GLY A 78 6.46 0.76 12.09
CA GLY A 78 7.61 1.05 11.24
C GLY A 78 7.61 0.24 9.95
N ALA A 79 6.56 -0.56 9.71
CA ALA A 79 6.46 -1.39 8.50
C ALA A 79 6.42 -0.50 7.27
N VAL A 80 6.83 -1.04 6.11
CA VAL A 80 6.89 -0.28 4.87
C VAL A 80 6.26 -1.05 3.73
N ILE A 81 5.19 -0.50 3.15
CA ILE A 81 4.47 -1.14 2.06
C ILE A 81 4.82 -0.45 0.75
N HIS A 82 5.57 -1.12 -0.13
CA HIS A 82 5.94 -0.56 -1.41
C HIS A 82 4.71 -0.60 -2.31
N LEU A 83 4.30 0.57 -2.79
CA LEU A 83 3.18 0.71 -3.70
C LEU A 83 3.71 0.74 -5.13
N ALA A 84 3.02 0.10 -6.06
CA ALA A 84 3.38 0.11 -7.46
C ALA A 84 2.13 0.29 -8.30
N LEU A 85 2.27 0.86 -9.50
CA LEU A 85 1.12 0.98 -10.39
C LEU A 85 0.77 -0.41 -10.93
N LYS A 86 -0.51 -0.78 -10.78
CA LYS A 86 -1.06 -2.01 -11.31
C LYS A 86 -2.48 -1.73 -11.76
N GLU A 87 -2.70 -1.57 -13.06
CA GLU A 87 -4.01 -1.25 -13.61
C GLU A 87 -4.45 -2.27 -14.66
N ARG A 88 -3.51 -3.11 -15.12
CA ARG A 88 -3.76 -4.11 -16.15
C ARG A 88 -4.33 -5.38 -15.53
N GLY A 89 -4.97 -6.20 -16.37
CA GLY A 89 -5.53 -7.48 -15.95
C GLY A 89 -4.45 -8.55 -15.79
N GLY A 90 -4.87 -9.79 -15.58
CA GLY A 90 -3.98 -10.92 -15.41
C GLY A 90 -4.72 -12.25 -15.54
N ARG A 91 -3.97 -13.36 -15.48
CA ARG A 91 -4.53 -14.70 -15.59
C ARG A 91 -5.41 -15.01 -14.38
N LYS A 92 -6.45 -15.82 -14.60
CA LYS A 92 -7.38 -16.21 -13.53
C LYS A 92 -6.68 -17.10 -12.51
N LYS A 93 -7.16 -17.09 -11.27
CA LYS A 93 -6.61 -17.90 -10.18
C LYS A 93 -6.75 -19.40 -10.47
#